data_2NXU
#
_entry.id   2NXU
#
_cell.length_a   1.000
_cell.length_b   1.000
_cell.length_c   1.000
_cell.angle_alpha   90.00
_cell.angle_beta   90.00
_cell.angle_gamma   90.00
#
_symmetry.space_group_name_H-M   'P 1'
#
_entity_poly.entity_id   1
_entity_poly.type   'polypeptide(L)'
_entity_poly.pdbx_seq_one_letter_code
;HHHHHHMGSSEKEYVEMLDRLYSKLPEKGRKEGTQSLPNMIILNIGNTTIIRNFAEYCDRIRREDKICMKYLLKELAAPG
NVDDKGELVIQGKFSSQVINTLMERFLKAYVECSTCKSLDTILKKEKKSWYIVCLACGAQTPVKPL
;
_entity_poly.pdbx_strand_id   A
#
# COMPACT_ATOMS: atom_id res chain seq x y z
N GLU A 13 4.55 -15.31 7.38
CA GLU A 13 5.97 -14.88 7.39
C GLU A 13 6.80 -15.16 6.12
N TYR A 14 6.68 -16.38 5.59
CA TYR A 14 7.45 -16.85 4.42
C TYR A 14 7.00 -16.20 3.10
N VAL A 15 7.53 -15.00 2.89
CA VAL A 15 7.30 -14.20 1.67
C VAL A 15 8.01 -14.83 0.46
N GLU A 16 7.22 -15.63 -0.26
CA GLU A 16 7.62 -16.18 -1.57
C GLU A 16 8.03 -15.05 -2.55
N MET A 17 9.32 -15.06 -2.87
CA MET A 17 9.94 -14.04 -3.74
C MET A 17 10.39 -14.57 -5.10
N LEU A 18 9.53 -14.29 -6.08
CA LEU A 18 9.74 -14.65 -7.50
C LEU A 18 10.00 -13.43 -8.41
N ASP A 19 9.55 -12.24 -7.99
CA ASP A 19 9.57 -10.96 -8.73
C ASP A 19 8.62 -10.90 -9.95
N ARG A 20 8.49 -12.05 -10.63
CA ARG A 20 7.56 -12.27 -11.75
C ARG A 20 6.12 -11.84 -11.43
N LEU A 21 5.80 -10.69 -12.00
CA LEU A 21 4.51 -9.98 -11.88
C LEU A 21 4.11 -9.66 -10.42
N TYR A 22 4.99 -8.90 -9.77
CA TYR A 22 4.70 -8.28 -8.46
C TYR A 22 4.26 -6.80 -8.59
N SER A 23 4.91 -6.16 -9.55
CA SER A 23 4.69 -4.79 -10.10
C SER A 23 5.84 -4.54 -11.11
N LYS A 24 6.16 -3.29 -11.39
CA LYS A 24 7.26 -2.83 -12.28
C LYS A 24 7.11 -3.28 -13.75
N LEU A 25 7.39 -4.55 -14.04
CA LEU A 25 7.28 -5.15 -15.39
C LEU A 25 5.81 -5.26 -15.87
N PRO A 26 5.43 -4.49 -16.91
CA PRO A 26 4.05 -4.45 -17.41
C PRO A 26 3.67 -5.68 -18.27
N GLU A 27 3.71 -6.84 -17.62
CA GLU A 27 3.42 -8.15 -18.26
C GLU A 27 2.27 -8.88 -17.54
N LYS A 28 1.18 -8.14 -17.34
CA LYS A 28 0.03 -8.61 -16.55
C LYS A 28 -0.74 -9.80 -17.12
N GLY A 29 -0.97 -10.77 -16.24
CA GLY A 29 -1.65 -12.04 -16.54
C GLY A 29 -1.56 -13.03 -15.36
N ARG A 30 -0.58 -13.91 -15.43
CA ARG A 30 -0.29 -14.91 -14.38
C ARG A 30 0.52 -14.34 -13.20
N LYS A 31 0.06 -14.70 -11.99
CA LYS A 31 0.56 -14.24 -10.68
C LYS A 31 0.27 -12.76 -10.38
N GLU A 32 0.00 -12.49 -9.11
CA GLU A 32 -0.28 -11.14 -8.58
C GLU A 32 0.74 -10.69 -7.50
N GLY A 33 1.94 -11.29 -7.61
CA GLY A 33 3.02 -11.16 -6.61
C GLY A 33 2.60 -11.44 -5.15
N THR A 34 3.14 -10.61 -4.29
CA THR A 34 2.84 -10.54 -2.84
C THR A 34 3.50 -9.32 -2.21
N GLN A 35 2.74 -8.70 -1.31
CA GLN A 35 3.12 -7.47 -0.58
C GLN A 35 2.94 -7.68 0.93
N SER A 36 3.78 -6.99 1.69
CA SER A 36 4.04 -7.05 3.16
C SER A 36 5.41 -7.65 3.44
N LEU A 37 6.07 -7.09 4.46
CA LEU A 37 7.42 -7.40 4.99
C LEU A 37 8.61 -6.56 4.46
N PRO A 38 9.25 -6.87 3.31
CA PRO A 38 10.59 -6.32 2.96
C PRO A 38 10.65 -4.77 2.89
N ASN A 39 11.76 -4.27 3.43
CA ASN A 39 12.14 -2.86 3.63
C ASN A 39 11.13 -1.78 3.18
N MET A 40 10.14 -1.62 4.06
CA MET A 40 9.02 -0.71 3.86
C MET A 40 9.22 0.62 4.63
N ILE A 41 10.26 1.33 4.20
CA ILE A 41 10.63 2.65 4.76
C ILE A 41 11.36 3.58 3.77
N ILE A 42 10.63 4.60 3.36
CA ILE A 42 11.15 5.78 2.65
C ILE A 42 12.23 6.53 3.47
N LEU A 43 13.13 7.14 2.71
CA LEU A 43 14.04 8.16 3.23
C LEU A 43 13.62 9.54 2.70
N ASN A 44 13.48 10.47 3.63
CA ASN A 44 13.11 11.87 3.35
C ASN A 44 14.32 12.78 3.61
N ILE A 45 14.81 13.36 2.51
CA ILE A 45 16.03 14.22 2.55
C ILE A 45 15.69 15.70 2.26
N GLY A 46 14.57 16.13 2.84
CA GLY A 46 14.07 17.52 2.81
C GLY A 46 13.07 17.74 1.66
N ASN A 47 11.81 17.40 1.93
CA ASN A 47 10.67 17.45 0.99
C ASN A 47 10.73 16.41 -0.15
N THR A 48 11.95 16.07 -0.51
CA THR A 48 12.35 14.93 -1.37
C THR A 48 12.20 13.59 -0.64
N THR A 49 11.30 12.78 -1.20
CA THR A 49 10.95 11.44 -0.71
C THR A 49 11.49 10.37 -1.66
N ILE A 50 12.55 9.72 -1.20
CA ILE A 50 13.28 8.70 -2.00
C ILE A 50 12.87 7.27 -1.58
N ILE A 51 12.03 6.74 -2.46
CA ILE A 51 11.39 5.42 -2.34
C ILE A 51 12.38 4.32 -2.77
N ARG A 52 12.98 3.70 -1.77
CA ARG A 52 13.86 2.53 -1.94
C ARG A 52 13.16 1.29 -2.55
N ASN A 53 12.36 0.58 -1.77
CA ASN A 53 11.60 -0.61 -2.20
C ASN A 53 10.30 -0.25 -2.94
N PHE A 54 10.46 0.55 -3.99
CA PHE A 54 9.35 1.13 -4.79
C PHE A 54 8.35 0.11 -5.36
N ALA A 55 8.88 -1.01 -5.85
CA ALA A 55 8.07 -2.14 -6.39
C ALA A 55 7.03 -2.66 -5.39
N GLU A 56 7.43 -2.78 -4.14
CA GLU A 56 6.53 -3.13 -3.02
C GLU A 56 5.64 -1.94 -2.62
N TYR A 57 6.30 -0.81 -2.41
CA TYR A 57 5.72 0.47 -1.93
C TYR A 57 4.46 0.94 -2.68
N CYS A 58 4.51 0.87 -4.02
CA CYS A 58 3.37 1.22 -4.90
C CYS A 58 2.10 0.41 -4.58
N ASP A 59 2.32 -0.89 -4.37
CA ASP A 59 1.26 -1.85 -4.02
C ASP A 59 1.12 -2.08 -2.49
N ARG A 60 1.56 -1.05 -1.74
CA ARG A 60 1.38 -0.94 -0.28
C ARG A 60 0.47 0.25 0.06
N ILE A 61 0.64 1.35 -0.68
CA ILE A 61 -0.34 2.44 -0.72
C ILE A 61 -1.61 1.98 -1.46
N ARG A 62 -1.46 1.53 -2.71
CA ARG A 62 -2.58 0.93 -3.46
C ARG A 62 -2.13 0.17 -4.70
N ARG A 63 -2.66 -1.05 -4.78
CA ARG A 63 -2.53 -1.92 -5.97
C ARG A 63 -3.24 -1.36 -7.21
N GLU A 64 -4.33 -0.63 -6.97
CA GLU A 64 -5.14 0.03 -8.02
C GLU A 64 -4.48 1.32 -8.54
N ASP A 65 -3.51 1.07 -9.43
CA ASP A 65 -2.72 2.05 -10.20
C ASP A 65 -3.20 3.52 -10.20
N LYS A 66 -4.37 3.76 -10.79
CA LYS A 66 -4.96 5.10 -10.93
C LYS A 66 -5.07 5.91 -9.61
N ILE A 67 -5.80 5.37 -8.63
CA ILE A 67 -5.97 6.03 -7.32
C ILE A 67 -4.64 6.16 -6.54
N CYS A 68 -3.77 5.16 -6.68
CA CYS A 68 -2.39 5.17 -6.12
C CYS A 68 -1.59 6.37 -6.65
N MET A 69 -1.55 6.48 -7.99
CA MET A 69 -0.90 7.60 -8.71
C MET A 69 -1.55 8.96 -8.37
N LYS A 70 -2.88 8.99 -8.36
CA LYS A 70 -3.67 10.18 -8.03
C LYS A 70 -3.37 10.70 -6.60
N TYR A 71 -3.23 9.79 -5.64
CA TYR A 71 -2.84 10.13 -4.26
C TYR A 71 -1.45 10.79 -4.21
N LEU A 72 -0.47 10.19 -4.90
CA LEU A 72 0.88 10.78 -5.05
C LEU A 72 0.99 12.02 -5.98
N LEU A 73 -0.17 12.50 -6.42
CA LEU A 73 -0.31 13.82 -7.07
C LEU A 73 -1.05 14.80 -6.13
N LYS A 74 -2.20 14.38 -5.61
CA LYS A 74 -3.04 15.18 -4.69
C LYS A 74 -2.33 15.60 -3.38
N GLU A 75 -1.56 14.67 -2.82
CA GLU A 75 -0.75 14.93 -1.61
C GLU A 75 0.58 15.68 -1.90
N LEU A 76 0.72 16.19 -3.13
CA LEU A 76 1.94 16.88 -3.57
C LEU A 76 1.67 18.34 -3.94
N ALA A 77 1.66 19.18 -2.90
CA ALA A 77 1.67 20.65 -3.03
C ALA A 77 2.99 21.23 -3.55
N ALA A 78 3.87 20.33 -4.00
CA ALA A 78 5.25 20.57 -4.46
C ALA A 78 5.48 19.80 -5.76
N PRO A 79 6.29 20.32 -6.69
CA PRO A 79 6.54 19.68 -8.00
C PRO A 79 7.27 18.33 -7.90
N GLY A 80 6.46 17.28 -7.99
CA GLY A 80 6.90 15.87 -7.92
C GLY A 80 7.93 15.45 -8.97
N ASN A 81 9.19 15.65 -8.62
CA ASN A 81 10.35 15.04 -9.31
C ASN A 81 10.24 13.51 -9.32
N VAL A 82 10.80 12.91 -10.37
CA VAL A 82 10.83 11.44 -10.53
C VAL A 82 12.25 10.91 -10.77
N ASP A 83 12.64 10.00 -9.87
CA ASP A 83 13.88 9.18 -9.92
C ASP A 83 15.17 9.96 -9.60
N ASP A 84 16.06 9.24 -8.91
CA ASP A 84 17.44 9.63 -8.63
C ASP A 84 18.34 8.54 -9.25
N LYS A 85 19.44 8.14 -8.59
CA LYS A 85 20.27 7.00 -8.97
C LYS A 85 19.50 5.66 -8.86
N GLY A 86 18.68 5.39 -9.87
CA GLY A 86 17.83 4.19 -10.01
C GLY A 86 16.57 4.21 -9.11
N GLU A 87 16.80 4.45 -7.83
CA GLU A 87 15.75 4.64 -6.81
C GLU A 87 14.89 5.89 -7.00
N LEU A 88 13.62 5.74 -6.69
CA LEU A 88 12.57 6.70 -7.06
C LEU A 88 12.37 7.86 -6.06
N VAL A 89 13.11 8.94 -6.26
CA VAL A 89 12.83 10.20 -5.57
C VAL A 89 11.64 10.94 -6.20
N ILE A 90 10.68 11.22 -5.33
CA ILE A 90 9.50 12.06 -5.61
C ILE A 90 9.56 13.31 -4.70
N GLN A 91 8.99 14.42 -5.16
CA GLN A 91 9.04 15.69 -4.41
C GLN A 91 7.66 16.19 -3.96
N GLY A 92 7.35 15.88 -2.72
CA GLY A 92 6.09 16.30 -2.03
C GLY A 92 5.84 15.50 -0.75
N LYS A 93 4.59 15.54 -0.29
CA LYS A 93 4.17 14.92 0.99
C LYS A 93 3.86 13.41 0.91
N PHE A 94 4.74 12.70 0.23
CA PHE A 94 4.73 11.22 0.13
C PHE A 94 5.96 10.61 0.81
N SER A 95 6.31 11.22 1.94
CA SER A 95 7.54 10.93 2.71
C SER A 95 7.28 10.35 4.09
N SER A 96 7.29 9.02 4.12
CA SER A 96 7.16 8.16 5.33
C SER A 96 5.83 8.18 6.10
N GLN A 97 5.03 9.21 5.86
CA GLN A 97 3.59 9.25 6.24
C GLN A 97 2.80 8.52 5.13
N VAL A 98 1.50 8.85 4.94
CA VAL A 98 0.60 8.36 3.87
C VAL A 98 0.64 6.85 3.59
N ILE A 99 1.54 6.43 2.70
CA ILE A 99 1.82 5.02 2.33
C ILE A 99 2.12 4.18 3.58
N ASN A 100 3.01 4.69 4.43
CA ASN A 100 3.41 4.02 5.68
C ASN A 100 2.31 3.94 6.74
N THR A 101 1.47 4.99 6.81
CA THR A 101 0.24 4.99 7.61
C THR A 101 -0.75 3.92 7.10
N LEU A 102 -0.86 3.83 5.77
CA LEU A 102 -1.67 2.80 5.08
C LEU A 102 -1.12 1.37 5.32
N MET A 103 0.21 1.19 5.24
CA MET A 103 0.83 -0.10 5.60
C MET A 103 0.73 -0.44 7.10
N GLU A 104 0.62 0.57 7.96
CA GLU A 104 0.33 0.33 9.40
C GLU A 104 -0.99 -0.42 9.61
N ARG A 105 -2.01 -0.12 8.78
CA ARG A 105 -3.27 -0.91 8.75
C ARG A 105 -3.22 -2.16 7.85
N PHE A 106 -2.48 -2.07 6.73
CA PHE A 106 -2.21 -3.20 5.83
C PHE A 106 -1.23 -4.24 6.41
N LEU A 107 0.06 -3.95 6.31
CA LEU A 107 1.19 -4.82 6.73
C LEU A 107 1.11 -5.14 8.24
N LYS A 108 0.83 -4.12 9.05
CA LYS A 108 0.72 -4.28 10.53
C LYS A 108 -0.71 -4.50 11.04
N ALA A 109 -1.54 -5.12 10.20
CA ALA A 109 -2.97 -5.40 10.46
C ALA A 109 -3.27 -6.06 11.83
N TYR A 110 -2.50 -7.12 12.13
CA TYR A 110 -2.63 -7.94 13.35
C TYR A 110 -2.38 -7.20 14.68
N VAL A 111 -1.64 -6.10 14.59
CA VAL A 111 -1.37 -5.21 15.75
C VAL A 111 -2.14 -3.88 15.66
N GLU A 112 -2.38 -3.36 14.46
CA GLU A 112 -3.26 -2.21 14.19
C GLU A 112 -4.67 -2.47 14.76
N CYS A 113 -5.15 -3.69 14.52
CA CYS A 113 -6.24 -4.31 15.27
C CYS A 113 -5.60 -5.50 16.00
N SER A 114 -5.08 -5.17 17.18
CA SER A 114 -4.32 -6.08 18.07
C SER A 114 -5.09 -7.34 18.44
N THR A 115 -4.78 -8.39 17.68
CA THR A 115 -5.38 -9.75 17.70
C THR A 115 -6.68 -9.91 18.52
N CYS A 116 -7.75 -9.44 17.90
CA CYS A 116 -9.13 -9.44 18.41
C CYS A 116 -9.71 -10.88 18.38
N LYS A 117 -9.24 -11.65 19.36
CA LYS A 117 -9.43 -13.11 19.52
C LYS A 117 -8.82 -13.84 18.31
N SER A 118 -9.60 -13.97 17.24
CA SER A 118 -9.13 -14.43 15.91
C SER A 118 -9.37 -13.42 14.77
N LEU A 119 -10.32 -12.50 14.99
CA LEU A 119 -10.98 -11.76 13.89
C LEU A 119 -10.70 -10.25 13.95
N ASP A 120 -9.64 -9.86 13.24
CA ASP A 120 -9.19 -8.45 13.14
C ASP A 120 -9.95 -7.59 12.12
N THR A 121 -11.29 -7.68 12.18
CA THR A 121 -12.20 -7.03 11.18
C THR A 121 -12.39 -5.53 11.43
N ILE A 122 -11.39 -4.77 10.97
CA ILE A 122 -11.44 -3.29 10.86
C ILE A 122 -10.22 -2.77 10.06
N LEU A 123 -10.16 -3.22 8.82
CA LEU A 123 -8.99 -3.00 7.93
C LEU A 123 -9.41 -2.47 6.56
N LYS A 124 -8.55 -1.57 6.05
CA LYS A 124 -8.69 -0.89 4.75
C LYS A 124 -10.02 -0.10 4.60
N LYS A 125 -10.23 0.51 3.43
CA LYS A 125 -11.38 1.43 3.20
C LYS A 125 -12.50 0.76 2.40
N GLU A 126 -13.54 0.39 3.15
CA GLU A 126 -14.77 -0.28 2.65
C GLU A 126 -15.69 0.59 1.75
N LYS A 127 -15.05 1.33 0.83
CA LYS A 127 -15.69 2.25 -0.11
C LYS A 127 -15.07 2.14 -1.52
N LYS A 128 -15.85 2.58 -2.49
CA LYS A 128 -15.46 2.85 -3.90
C LYS A 128 -14.38 1.90 -4.48
N SER A 129 -14.79 0.67 -4.73
CA SER A 129 -13.99 -0.39 -5.37
C SER A 129 -12.60 -0.69 -4.77
N TRP A 130 -12.51 -0.43 -3.47
CA TRP A 130 -11.29 -0.66 -2.66
C TRP A 130 -11.56 -1.84 -1.69
N TYR A 131 -12.20 -1.54 -0.58
CA TYR A 131 -12.68 -2.50 0.46
C TYR A 131 -11.51 -3.31 1.06
N ILE A 132 -11.84 -4.42 1.71
CA ILE A 132 -10.83 -5.40 2.21
C ILE A 132 -11.16 -6.78 1.59
N VAL A 133 -10.09 -7.44 1.16
CA VAL A 133 -10.15 -8.74 0.45
C VAL A 133 -9.78 -9.85 1.43
N CYS A 134 -10.80 -10.62 1.81
CA CYS A 134 -10.71 -11.78 2.75
C CYS A 134 -10.01 -11.40 4.07
N LEU A 135 -9.23 -12.32 4.66
CA LEU A 135 -8.40 -12.12 5.87
C LEU A 135 -9.24 -11.70 7.11
N ALA A 136 -9.46 -10.39 7.27
CA ALA A 136 -10.36 -9.81 8.28
C ALA A 136 -11.84 -10.16 8.06
N CYS A 137 -12.21 -10.30 6.79
CA CYS A 137 -13.59 -10.62 6.38
C CYS A 137 -13.68 -11.99 5.68
N GLY A 138 -14.78 -12.67 5.96
CA GLY A 138 -15.09 -13.99 5.35
C GLY A 138 -15.13 -13.99 3.82
N ALA A 139 -15.65 -12.90 3.25
CA ALA A 139 -15.70 -12.68 1.80
C ALA A 139 -15.13 -11.30 1.44
N GLN A 140 -14.43 -11.26 0.31
CA GLN A 140 -13.88 -10.02 -0.26
C GLN A 140 -15.00 -9.02 -0.62
N THR A 141 -14.70 -7.73 -0.45
CA THR A 141 -15.62 -6.60 -0.69
C THR A 141 -16.85 -6.68 0.25
N PRO A 142 -16.66 -6.42 1.56
CA PRO A 142 -17.76 -6.44 2.53
C PRO A 142 -18.47 -5.07 2.61
N VAL A 143 -18.91 -4.58 1.45
CA VAL A 143 -19.54 -3.25 1.29
C VAL A 143 -20.81 -3.08 2.17
N LYS A 144 -21.84 -3.83 1.84
CA LYS A 144 -23.11 -3.98 2.60
C LYS A 144 -23.96 -2.73 2.85
N PRO A 145 -25.29 -2.90 2.89
CA PRO A 145 -26.21 -1.90 3.45
C PRO A 145 -26.26 -1.99 4.99
N LEU A 146 -26.68 -0.89 5.60
CA LEU A 146 -26.82 -0.80 7.08
C LEU A 146 -27.67 -1.89 7.77
N GLU A 13 2.04 -12.29 7.16
CA GLU A 13 2.95 -13.45 7.33
C GLU A 13 2.67 -14.61 6.36
N TYR A 14 3.70 -15.44 6.14
CA TYR A 14 3.67 -16.53 5.13
C TYR A 14 3.27 -16.09 3.71
N VAL A 15 3.62 -14.84 3.39
CA VAL A 15 3.31 -14.16 2.13
C VAL A 15 4.12 -14.80 1.00
N GLU A 16 3.43 -15.60 0.18
CA GLU A 16 3.99 -16.16 -1.06
C GLU A 16 4.68 -15.09 -1.93
N MET A 17 6.01 -15.16 -1.93
CA MET A 17 6.87 -14.27 -2.73
C MET A 17 7.71 -15.03 -3.75
N LEU A 18 7.40 -14.73 -5.01
CA LEU A 18 7.95 -15.38 -6.22
C LEU A 18 7.93 -14.58 -7.53
N ASP A 19 7.12 -13.50 -7.54
CA ASP A 19 7.13 -12.43 -8.56
C ASP A 19 6.44 -12.72 -9.91
N ARG A 20 6.24 -14.00 -10.23
CA ARG A 20 5.40 -14.44 -11.37
C ARG A 20 3.99 -13.85 -11.25
N LEU A 21 3.79 -12.79 -12.03
CA LEU A 21 2.65 -11.84 -11.97
C LEU A 21 2.49 -11.09 -10.64
N TYR A 22 3.59 -10.41 -10.29
CA TYR A 22 3.63 -9.44 -9.19
C TYR A 22 3.99 -8.05 -9.75
N SER A 23 5.27 -7.84 -10.05
CA SER A 23 5.79 -6.63 -10.73
C SER A 23 7.14 -6.87 -11.40
N LYS A 24 7.44 -6.03 -12.39
CA LYS A 24 8.65 -6.07 -13.25
C LYS A 24 8.75 -7.24 -14.24
N LEU A 25 8.50 -8.46 -13.74
CA LEU A 25 8.55 -9.73 -14.48
C LEU A 25 7.54 -9.74 -15.65
N PRO A 26 8.02 -9.60 -16.91
CA PRO A 26 7.16 -9.49 -18.10
C PRO A 26 6.54 -10.85 -18.49
N GLU A 27 5.33 -11.08 -17.99
CA GLU A 27 4.56 -12.32 -18.26
C GLU A 27 3.06 -12.11 -17.96
N LYS A 28 2.25 -12.83 -18.73
CA LYS A 28 0.80 -12.92 -18.52
C LYS A 28 0.42 -14.34 -18.02
N GLY A 29 -0.60 -14.35 -17.16
CA GLY A 29 -1.12 -15.55 -16.47
C GLY A 29 -2.13 -15.09 -15.40
N ARG A 30 -2.14 -15.80 -14.28
CA ARG A 30 -2.98 -15.43 -13.12
C ARG A 30 -2.21 -15.19 -11.81
N LYS A 31 -1.91 -16.27 -11.07
CA LYS A 31 -1.31 -16.27 -9.72
C LYS A 31 -2.26 -15.54 -8.72
N GLU A 32 -1.75 -14.84 -7.72
CA GLU A 32 -2.58 -14.11 -6.74
C GLU A 32 -2.48 -12.57 -6.74
N GLY A 33 -1.28 -12.05 -7.04
CA GLY A 33 -0.96 -10.62 -6.79
C GLY A 33 -0.93 -10.30 -5.29
N THR A 34 0.28 -10.10 -4.77
CA THR A 34 0.52 -9.87 -3.33
C THR A 34 1.93 -9.29 -3.05
N GLN A 35 1.97 -8.35 -2.12
CA GLN A 35 3.20 -7.74 -1.59
C GLN A 35 2.98 -7.16 -0.18
N SER A 36 3.83 -7.70 0.71
CA SER A 36 3.98 -7.26 2.12
C SER A 36 5.09 -8.08 2.80
N LEU A 37 5.79 -7.36 3.69
CA LEU A 37 6.88 -7.79 4.61
C LEU A 37 8.21 -7.03 4.47
N PRO A 38 8.89 -6.96 3.29
CA PRO A 38 10.18 -6.26 3.16
C PRO A 38 10.10 -4.74 3.30
N ASN A 39 10.27 -4.29 4.54
CA ASN A 39 10.22 -2.89 5.03
C ASN A 39 10.37 -1.74 4.01
N MET A 40 9.20 -1.22 3.61
CA MET A 40 9.13 -0.04 2.74
C MET A 40 9.27 1.28 3.54
N ILE A 41 10.50 1.76 3.58
CA ILE A 41 10.88 2.97 4.35
C ILE A 41 11.60 4.07 3.56
N ILE A 42 10.82 5.07 3.17
CA ILE A 42 11.32 6.36 2.63
C ILE A 42 12.08 7.15 3.69
N LEU A 43 13.12 7.84 3.20
CA LEU A 43 13.82 8.90 3.95
C LEU A 43 13.50 10.24 3.29
N ASN A 44 13.36 11.31 4.08
CA ASN A 44 13.01 12.63 3.52
C ASN A 44 14.19 13.61 3.54
N ILE A 45 14.36 14.26 2.39
CA ILE A 45 15.39 15.28 2.16
C ILE A 45 14.63 16.62 2.06
N GLY A 46 14.16 17.06 3.22
CA GLY A 46 13.42 18.32 3.45
C GLY A 46 12.08 18.37 2.69
N ASN A 47 12.16 18.95 1.50
CA ASN A 47 11.03 19.05 0.53
C ASN A 47 10.73 17.79 -0.28
N THR A 48 11.76 16.98 -0.57
CA THR A 48 11.62 15.80 -1.45
C THR A 48 11.99 14.51 -0.71
N THR A 49 11.18 13.48 -0.94
CA THR A 49 11.32 12.19 -0.25
C THR A 49 11.96 11.13 -1.17
N ILE A 50 12.86 10.33 -0.61
CA ILE A 50 13.60 9.32 -1.36
C ILE A 50 13.07 7.90 -1.13
N ILE A 51 12.32 7.48 -2.13
CA ILE A 51 11.68 6.15 -2.26
C ILE A 51 12.75 5.15 -2.73
N ARG A 52 13.38 4.51 -1.75
CA ARG A 52 14.32 3.39 -1.96
C ARG A 52 13.64 2.13 -2.52
N ASN A 53 12.83 1.47 -1.69
CA ASN A 53 12.19 0.17 -1.98
C ASN A 53 10.88 0.27 -2.79
N PHE A 54 10.98 0.95 -3.93
CA PHE A 54 9.81 1.32 -4.78
C PHE A 54 8.86 0.20 -5.22
N ALA A 55 9.41 -0.95 -5.65
CA ALA A 55 8.59 -2.12 -6.06
C ALA A 55 7.71 -2.66 -4.91
N GLU A 56 8.37 -2.88 -3.77
CA GLU A 56 7.72 -3.30 -2.51
C GLU A 56 7.09 -2.14 -1.69
N TYR A 57 6.92 -1.02 -2.37
CA TYR A 57 6.24 0.20 -1.87
C TYR A 57 4.89 0.37 -2.61
N CYS A 58 4.98 0.49 -3.93
CA CYS A 58 3.81 0.67 -4.82
C CYS A 58 2.79 -0.47 -4.75
N ASP A 59 3.31 -1.70 -4.79
CA ASP A 59 2.51 -2.96 -4.78
C ASP A 59 1.93 -3.35 -3.40
N ARG A 60 1.78 -2.35 -2.54
CA ARG A 60 1.49 -2.48 -1.11
C ARG A 60 0.68 -1.28 -0.58
N ILE A 61 1.01 -0.07 -1.07
CA ILE A 61 0.11 1.09 -0.97
C ILE A 61 -1.11 0.98 -1.91
N ARG A 62 -0.84 0.75 -3.19
CA ARG A 62 -1.85 0.63 -4.27
C ARG A 62 -1.26 0.08 -5.57
N ARG A 63 -1.90 -0.98 -6.08
CA ARG A 63 -1.45 -1.63 -7.33
C ARG A 63 -2.41 -1.31 -8.51
N GLU A 64 -2.91 -0.07 -8.51
CA GLU A 64 -3.88 0.40 -9.52
C GLU A 64 -3.45 1.78 -10.08
N ASP A 65 -3.51 1.86 -11.40
CA ASP A 65 -3.05 3.01 -12.20
C ASP A 65 -3.50 4.41 -11.73
N LYS A 66 -4.80 4.67 -11.72
CA LYS A 66 -5.35 6.02 -11.41
C LYS A 66 -5.06 6.49 -9.97
N ILE A 67 -5.43 5.66 -9.00
CA ILE A 67 -5.13 5.94 -7.57
C ILE A 67 -3.63 6.11 -7.28
N CYS A 68 -2.77 5.38 -8.01
CA CYS A 68 -1.32 5.49 -7.90
C CYS A 68 -0.83 6.93 -8.11
N MET A 69 -1.07 7.44 -9.31
CA MET A 69 -0.72 8.83 -9.67
C MET A 69 -1.42 9.85 -8.78
N LYS A 70 -2.72 9.66 -8.56
CA LYS A 70 -3.53 10.59 -7.73
C LYS A 70 -3.07 10.69 -6.26
N TYR A 71 -2.66 9.57 -5.68
CA TYR A 71 -2.05 9.55 -4.32
C TYR A 71 -0.78 10.41 -4.20
N LEU A 72 0.14 10.19 -5.16
CA LEU A 72 1.38 10.99 -5.27
C LEU A 72 1.21 12.38 -5.95
N LEU A 73 -0.05 12.81 -6.05
CA LEU A 73 -0.43 14.14 -6.55
C LEU A 73 -1.18 14.95 -5.47
N LYS A 74 -2.24 14.34 -4.92
CA LYS A 74 -3.08 14.95 -3.86
C LYS A 74 -2.33 15.29 -2.56
N GLU A 75 -1.32 14.47 -2.23
CA GLU A 75 -0.41 14.74 -1.09
C GLU A 75 0.84 15.58 -1.45
N LEU A 76 0.86 16.18 -2.62
CA LEU A 76 2.02 16.89 -3.15
C LEU A 76 1.80 18.36 -3.50
N ALA A 77 2.32 19.21 -2.61
CA ALA A 77 2.41 20.67 -2.83
C ALA A 77 3.31 21.06 -4.01
N ALA A 78 4.32 20.23 -4.28
CA ALA A 78 5.30 20.43 -5.37
C ALA A 78 5.39 19.17 -6.26
N PRO A 79 5.78 19.32 -7.54
CA PRO A 79 5.93 18.15 -8.45
C PRO A 79 7.04 17.19 -8.03
N GLY A 80 6.62 15.97 -7.74
CA GLY A 80 7.50 14.82 -7.46
C GLY A 80 8.28 14.35 -8.70
N ASN A 81 9.50 13.88 -8.45
CA ASN A 81 10.45 13.47 -9.49
C ASN A 81 10.87 12.00 -9.35
N VAL A 82 11.19 11.41 -10.50
CA VAL A 82 11.56 9.98 -10.61
C VAL A 82 13.00 9.78 -11.10
N ASP A 83 13.61 8.70 -10.58
CA ASP A 83 14.99 8.28 -10.89
C ASP A 83 16.08 9.32 -10.57
N ASP A 84 16.49 9.26 -9.31
CA ASP A 84 17.73 9.88 -8.80
C ASP A 84 18.69 8.71 -8.53
N LYS A 85 19.15 8.15 -9.65
CA LYS A 85 19.91 6.89 -9.73
C LYS A 85 19.18 5.73 -9.02
N GLY A 86 18.26 5.14 -9.78
CA GLY A 86 17.33 4.09 -9.30
C GLY A 86 16.18 4.69 -8.48
N GLU A 87 16.53 5.13 -7.27
CA GLU A 87 15.58 5.66 -6.27
C GLU A 87 14.76 6.86 -6.77
N LEU A 88 13.58 7.03 -6.18
CA LEU A 88 12.64 8.11 -6.59
C LEU A 88 12.64 9.25 -5.56
N VAL A 89 12.44 10.48 -6.04
CA VAL A 89 12.48 11.69 -5.20
C VAL A 89 11.19 12.56 -5.34
N ILE A 90 10.29 12.37 -4.40
CA ILE A 90 8.92 12.95 -4.47
C ILE A 90 8.67 14.11 -3.48
N GLN A 91 8.64 15.31 -4.07
CA GLN A 91 8.38 16.59 -3.38
C GLN A 91 6.95 16.77 -2.81
N GLY A 92 6.76 16.22 -1.60
CA GLY A 92 5.49 16.35 -0.85
C GLY A 92 5.38 15.43 0.36
N LYS A 93 4.13 15.18 0.77
CA LYS A 93 3.78 14.37 1.95
C LYS A 93 3.88 12.84 1.78
N PHE A 94 4.81 12.45 0.91
CA PHE A 94 5.13 11.05 0.64
C PHE A 94 6.41 10.62 1.40
N SER A 95 6.43 11.03 2.67
CA SER A 95 7.51 10.81 3.66
C SER A 95 7.33 9.50 4.43
N SER A 96 7.04 8.45 3.65
CA SER A 96 6.51 7.13 4.10
C SER A 96 5.12 7.24 4.75
N GLN A 97 4.98 8.16 5.71
CA GLN A 97 3.76 8.54 6.45
C GLN A 97 2.42 7.94 5.97
N VAL A 98 1.72 8.63 5.06
CA VAL A 98 0.41 8.20 4.50
C VAL A 98 0.43 6.80 3.83
N ILE A 99 1.54 6.53 3.16
CA ILE A 99 1.81 5.30 2.39
C ILE A 99 1.88 4.08 3.35
N ASN A 100 2.78 4.18 4.32
CA ASN A 100 2.95 3.18 5.38
C ASN A 100 1.71 3.01 6.27
N THR A 101 0.90 4.06 6.39
CA THR A 101 -0.38 4.03 7.14
C THR A 101 -1.37 3.01 6.53
N LEU A 102 -1.41 2.91 5.20
CA LEU A 102 -2.17 1.85 4.50
C LEU A 102 -1.54 0.46 4.74
N MET A 103 -0.20 0.38 4.66
CA MET A 103 0.57 -0.82 5.06
C MET A 103 0.27 -1.29 6.51
N GLU A 104 0.02 -0.34 7.39
CA GLU A 104 -0.46 -0.57 8.77
C GLU A 104 -1.84 -1.25 8.82
N ARG A 105 -2.82 -0.72 8.10
CA ARG A 105 -4.16 -1.34 8.03
C ARG A 105 -4.15 -2.71 7.29
N PHE A 106 -3.33 -2.80 6.24
CA PHE A 106 -3.07 -4.03 5.46
C PHE A 106 -2.23 -5.07 6.25
N LEU A 107 -0.90 -5.09 6.02
CA LEU A 107 0.02 -6.05 6.66
C LEU A 107 -0.01 -6.01 8.20
N LYS A 108 0.14 -4.81 8.74
CA LYS A 108 0.28 -4.63 10.21
C LYS A 108 -0.99 -4.85 11.06
N ALA A 109 -2.13 -5.15 10.42
CA ALA A 109 -3.43 -5.37 11.08
C ALA A 109 -3.39 -6.33 12.29
N TYR A 110 -2.58 -7.39 12.13
CA TYR A 110 -2.22 -8.35 13.19
C TYR A 110 -1.87 -7.67 14.55
N VAL A 111 -0.79 -6.90 14.53
CA VAL A 111 -0.31 -6.13 15.70
C VAL A 111 -1.09 -4.81 15.93
N GLU A 112 -1.57 -4.20 14.86
CA GLU A 112 -2.39 -2.97 14.89
C GLU A 112 -3.69 -3.15 15.73
N CYS A 113 -4.26 -4.35 15.67
CA CYS A 113 -5.38 -4.75 16.55
C CYS A 113 -4.95 -5.84 17.55
N SER A 114 -3.65 -5.87 17.88
CA SER A 114 -2.94 -6.91 18.65
C SER A 114 -3.77 -8.18 18.95
N THR A 115 -4.00 -8.91 17.86
CA THR A 115 -4.90 -10.10 17.78
C THR A 115 -6.22 -9.92 18.55
N CYS A 116 -7.15 -9.20 17.91
CA CYS A 116 -8.52 -8.90 18.39
C CYS A 116 -8.63 -7.92 19.59
N LYS A 117 -7.53 -7.71 20.31
CA LYS A 117 -7.39 -6.96 21.58
C LYS A 117 -8.68 -6.63 22.35
N SER A 118 -9.34 -5.51 22.04
CA SER A 118 -10.63 -5.13 22.64
C SER A 118 -11.82 -5.02 21.65
N LEU A 119 -11.64 -5.52 20.44
CA LEU A 119 -12.64 -5.45 19.37
C LEU A 119 -13.02 -6.84 18.82
N ASP A 120 -13.94 -7.47 19.56
CA ASP A 120 -14.42 -8.84 19.27
C ASP A 120 -15.55 -8.89 18.22
N THR A 121 -15.11 -8.77 16.97
CA THR A 121 -15.94 -8.94 15.76
C THR A 121 -15.03 -9.19 14.54
N ILE A 122 -14.16 -8.22 14.27
CA ILE A 122 -13.16 -8.21 13.16
C ILE A 122 -13.86 -8.17 11.80
N LEU A 123 -13.90 -6.96 11.24
CA LEU A 123 -14.55 -6.68 9.95
C LEU A 123 -13.55 -6.33 8.86
N LYS A 124 -13.75 -6.97 7.71
CA LYS A 124 -12.88 -6.85 6.51
C LYS A 124 -12.84 -5.43 5.95
N LYS A 125 -11.67 -5.06 5.46
CA LYS A 125 -11.43 -3.84 4.68
C LYS A 125 -12.24 -3.84 3.36
N GLU A 126 -12.69 -2.66 3.02
CA GLU A 126 -13.54 -2.39 1.83
C GLU A 126 -12.72 -1.60 0.80
N LYS A 127 -13.00 -1.92 -0.49
CA LYS A 127 -12.30 -1.37 -1.67
C LYS A 127 -10.77 -1.62 -1.62
N LYS A 128 -10.35 -2.70 -2.27
CA LYS A 128 -8.92 -3.12 -2.42
C LYS A 128 -8.00 -2.94 -1.19
N SER A 129 -8.50 -3.36 -0.03
CA SER A 129 -7.83 -3.22 1.30
C SER A 129 -7.34 -1.80 1.65
N TRP A 130 -8.07 -0.80 1.14
CA TRP A 130 -7.78 0.64 1.29
C TRP A 130 -8.62 1.34 2.38
N TYR A 131 -9.87 0.93 2.52
CA TYR A 131 -10.80 1.52 3.51
C TYR A 131 -11.16 0.51 4.61
N ILE A 132 -11.42 1.02 5.82
CA ILE A 132 -11.67 0.17 7.00
C ILE A 132 -13.14 0.19 7.42
N VAL A 133 -13.64 -1.00 7.76
CA VAL A 133 -15.02 -1.22 8.25
C VAL A 133 -14.93 -1.55 9.76
N CYS A 134 -15.77 -0.85 10.52
CA CYS A 134 -15.94 -0.80 11.99
C CYS A 134 -15.16 -1.67 13.01
N LEU A 135 -14.85 -2.91 12.62
CA LEU A 135 -14.12 -3.94 13.41
C LEU A 135 -14.83 -4.49 14.66
N ALA A 136 -15.58 -3.62 15.33
CA ALA A 136 -16.52 -3.88 16.45
C ALA A 136 -17.15 -2.59 17.00
N CYS A 137 -16.30 -1.58 17.21
CA CYS A 137 -16.71 -0.31 17.83
C CYS A 137 -16.39 0.90 16.92
N GLY A 138 -17.34 1.83 16.91
CA GLY A 138 -17.20 3.12 16.22
C GLY A 138 -17.82 3.13 14.81
N ALA A 139 -17.20 3.91 13.95
CA ALA A 139 -17.66 4.14 12.57
C ALA A 139 -16.57 3.80 11.55
N GLN A 140 -17.02 3.26 10.43
CA GLN A 140 -16.16 2.89 9.29
C GLN A 140 -15.85 4.09 8.37
N THR A 141 -14.89 3.88 7.47
CA THR A 141 -14.56 4.84 6.38
C THR A 141 -15.85 5.07 5.56
N PRO A 142 -16.25 6.33 5.29
CA PRO A 142 -17.45 6.67 4.51
C PRO A 142 -17.32 6.32 3.02
N VAL A 143 -17.38 5.02 2.79
CA VAL A 143 -17.15 4.35 1.48
C VAL A 143 -18.01 4.81 0.30
N LYS A 144 -19.34 4.81 0.47
CA LYS A 144 -20.29 5.17 -0.60
C LYS A 144 -20.16 6.59 -1.18
N PRO A 145 -19.85 7.63 -0.38
CA PRO A 145 -19.38 8.91 -0.94
C PRO A 145 -17.88 8.93 -1.27
N LEU A 146 -17.04 8.44 -0.35
CA LEU A 146 -15.57 8.33 -0.50
C LEU A 146 -14.95 7.51 0.66
N GLU A 13 4.44 -15.72 7.05
CA GLU A 13 3.62 -14.52 6.78
C GLU A 13 2.93 -14.58 5.41
N TYR A 14 1.85 -13.80 5.30
CA TYR A 14 0.98 -13.68 4.12
C TYR A 14 1.56 -13.05 2.83
N VAL A 15 2.86 -13.24 2.62
CA VAL A 15 3.58 -12.72 1.44
C VAL A 15 4.11 -13.90 0.62
N GLU A 16 5.43 -14.17 0.69
CA GLU A 16 6.17 -15.24 -0.01
C GLU A 16 6.14 -15.20 -1.56
N MET A 17 5.00 -14.78 -2.10
CA MET A 17 4.73 -14.61 -3.56
C MET A 17 4.74 -15.94 -4.33
N LEU A 18 3.73 -16.73 -3.97
CA LEU A 18 3.64 -18.16 -4.34
C LEU A 18 2.89 -18.46 -5.66
N ASP A 19 3.01 -17.52 -6.61
CA ASP A 19 2.47 -17.58 -7.99
C ASP A 19 1.04 -18.15 -8.18
N ARG A 20 0.17 -17.94 -7.20
CA ARG A 20 -1.23 -18.38 -7.24
C ARG A 20 -2.04 -17.42 -8.12
N LEU A 21 -2.09 -17.77 -9.41
CA LEU A 21 -2.68 -16.98 -10.54
C LEU A 21 -1.74 -15.92 -11.13
N TYR A 22 -0.97 -15.28 -10.25
CA TYR A 22 0.07 -14.25 -10.52
C TYR A 22 0.62 -14.19 -11.97
N SER A 23 1.13 -15.33 -12.43
CA SER A 23 1.60 -15.51 -13.81
C SER A 23 0.91 -16.72 -14.47
N LYS A 24 1.03 -16.78 -15.79
CA LYS A 24 0.38 -17.74 -16.72
C LYS A 24 -1.14 -17.69 -16.75
N LEU A 25 -1.78 -17.91 -15.62
CA LEU A 25 -3.26 -17.90 -15.49
C LEU A 25 -3.79 -16.92 -14.43
N PRO A 26 -3.94 -15.63 -14.77
CA PRO A 26 -4.46 -14.61 -13.83
C PRO A 26 -6.00 -14.63 -13.65
N GLU A 27 -6.57 -15.83 -13.68
CA GLU A 27 -8.02 -16.10 -13.69
C GLU A 27 -8.32 -17.55 -13.23
N LYS A 28 -9.62 -17.91 -13.23
CA LYS A 28 -10.19 -19.22 -12.89
C LYS A 28 -10.18 -19.58 -11.39
N GLY A 29 -9.10 -19.24 -10.70
CA GLY A 29 -8.97 -19.40 -9.24
C GLY A 29 -8.88 -18.03 -8.51
N ARG A 30 -8.07 -17.99 -7.47
CA ARG A 30 -7.87 -16.76 -6.67
C ARG A 30 -6.42 -16.29 -6.53
N LYS A 31 -6.29 -15.06 -6.00
CA LYS A 31 -5.03 -14.36 -5.70
C LYS A 31 -4.35 -13.76 -6.95
N GLU A 32 -3.74 -12.60 -6.75
CA GLU A 32 -3.08 -11.85 -7.83
C GLU A 32 -1.61 -11.48 -7.52
N GLY A 33 -1.39 -10.95 -6.32
CA GLY A 33 -0.06 -10.60 -5.80
C GLY A 33 -0.16 -10.16 -4.33
N THR A 34 0.94 -10.32 -3.62
CA THR A 34 1.08 -9.93 -2.20
C THR A 34 2.47 -9.34 -1.91
N GLN A 35 2.45 -8.30 -1.09
CA GLN A 35 3.63 -7.50 -0.68
C GLN A 35 3.26 -6.47 0.40
N SER A 36 3.55 -6.87 1.63
CA SER A 36 3.44 -6.05 2.85
C SER A 36 4.18 -6.76 3.99
N LEU A 37 5.34 -6.20 4.32
CA LEU A 37 6.35 -6.83 5.22
C LEU A 37 7.62 -6.00 5.47
N PRO A 38 8.47 -5.72 4.46
CA PRO A 38 9.87 -5.27 4.67
C PRO A 38 10.11 -3.94 5.41
N ASN A 39 9.10 -3.05 5.36
CA ASN A 39 9.16 -1.65 5.82
C ASN A 39 10.13 -0.77 5.02
N MET A 40 9.64 -0.38 3.86
CA MET A 40 10.37 0.46 2.89
C MET A 40 9.97 1.93 3.04
N ILE A 41 10.32 2.46 4.21
CA ILE A 41 10.00 3.84 4.63
C ILE A 41 10.72 4.90 3.78
N ILE A 42 9.97 5.96 3.46
CA ILE A 42 10.51 7.18 2.82
C ILE A 42 11.72 7.77 3.60
N LEU A 43 12.72 8.17 2.83
CA LEU A 43 13.81 9.01 3.36
C LEU A 43 13.54 10.47 2.96
N ASN A 44 12.96 11.17 3.92
CA ASN A 44 12.50 12.57 3.82
C ASN A 44 13.64 13.60 3.90
N ILE A 45 14.38 13.67 2.80
CA ILE A 45 15.55 14.56 2.66
C ILE A 45 15.17 15.93 2.05
N GLY A 46 14.48 16.69 2.91
CA GLY A 46 13.99 18.07 2.63
C GLY A 46 13.11 18.14 1.39
N ASN A 47 11.80 17.96 1.60
CA ASN A 47 10.74 17.78 0.56
C ASN A 47 10.90 16.54 -0.34
N THR A 48 12.14 16.27 -0.71
CA THR A 48 12.60 15.09 -1.46
C THR A 48 12.36 13.81 -0.64
N THR A 49 11.68 12.87 -1.29
CA THR A 49 11.45 11.52 -0.73
C THR A 49 12.16 10.50 -1.63
N ILE A 50 13.37 10.15 -1.20
CA ILE A 50 14.19 9.16 -1.91
C ILE A 50 13.80 7.73 -1.48
N ILE A 51 13.09 7.09 -2.41
CA ILE A 51 12.48 5.77 -2.20
C ILE A 51 13.17 4.73 -3.10
N ARG A 52 14.10 3.99 -2.50
CA ARG A 52 14.85 2.90 -3.16
C ARG A 52 13.98 1.76 -3.72
N ASN A 53 13.53 0.85 -2.85
CA ASN A 53 12.63 -0.26 -3.22
C ASN A 53 11.16 0.19 -3.33
N PHE A 54 10.96 1.24 -4.13
CA PHE A 54 9.69 1.98 -4.26
C PHE A 54 8.43 1.14 -4.53
N ALA A 55 8.52 0.19 -5.47
CA ALA A 55 7.41 -0.73 -5.81
C ALA A 55 6.86 -1.53 -4.60
N GLU A 56 7.79 -1.98 -3.75
CA GLU A 56 7.43 -2.71 -2.51
C GLU A 56 6.57 -1.87 -1.54
N TYR A 57 6.96 -0.61 -1.38
CA TYR A 57 6.24 0.38 -0.54
C TYR A 57 4.92 0.85 -1.18
N CYS A 58 4.97 1.11 -2.49
CA CYS A 58 3.80 1.49 -3.31
C CYS A 58 2.72 0.41 -3.34
N ASP A 59 3.13 -0.86 -3.36
CA ASP A 59 2.23 -2.01 -3.16
C ASP A 59 1.52 -2.00 -1.78
N ARG A 60 2.20 -1.46 -0.78
CA ARG A 60 1.72 -1.38 0.62
C ARG A 60 0.73 -0.24 0.93
N ILE A 61 0.73 0.85 0.16
CA ILE A 61 -0.35 1.86 0.25
C ILE A 61 -1.72 1.26 -0.14
N ARG A 62 -1.81 0.74 -1.36
CA ARG A 62 -2.96 -0.04 -1.88
C ARG A 62 -2.65 -0.59 -3.28
N ARG A 63 -1.77 -1.58 -3.33
CA ARG A 63 -1.32 -2.30 -4.56
C ARG A 63 -0.88 -1.40 -5.74
N GLU A 64 -0.33 -0.22 -5.38
CA GLU A 64 0.08 0.89 -6.24
C GLU A 64 -0.89 1.43 -7.32
N ASP A 65 -1.21 0.54 -8.26
CA ASP A 65 -2.06 0.75 -9.46
C ASP A 65 -3.09 1.89 -9.35
N LYS A 66 -2.77 2.98 -10.05
CA LYS A 66 -3.56 4.24 -10.16
C LYS A 66 -3.70 5.08 -8.88
N ILE A 67 -4.11 4.44 -7.79
CA ILE A 67 -4.35 5.09 -6.48
C ILE A 67 -3.14 5.86 -5.94
N CYS A 68 -1.99 5.20 -5.92
CA CYS A 68 -0.70 5.80 -5.49
C CYS A 68 -0.26 6.96 -6.42
N MET A 69 -0.51 6.80 -7.71
CA MET A 69 -0.23 7.80 -8.75
C MET A 69 -1.07 9.08 -8.55
N LYS A 70 -2.38 8.88 -8.37
CA LYS A 70 -3.31 9.98 -8.04
C LYS A 70 -2.87 10.71 -6.74
N TYR A 71 -2.47 9.93 -5.74
CA TYR A 71 -1.95 10.45 -4.47
C TYR A 71 -0.66 11.28 -4.62
N LEU A 72 0.33 10.75 -5.34
CA LEU A 72 1.58 11.50 -5.63
C LEU A 72 1.37 12.79 -6.46
N LEU A 73 0.32 12.80 -7.28
CA LEU A 73 -0.15 14.03 -7.94
C LEU A 73 -0.79 15.00 -6.90
N LYS A 74 -1.90 14.56 -6.31
CA LYS A 74 -2.77 15.36 -5.42
C LYS A 74 -2.09 15.94 -4.17
N GLU A 75 -1.23 15.13 -3.54
CA GLU A 75 -0.43 15.55 -2.35
C GLU A 75 0.66 16.60 -2.65
N LEU A 76 1.12 16.64 -3.90
CA LEU A 76 2.36 17.37 -4.25
C LEU A 76 2.18 18.82 -4.66
N ALA A 77 2.22 19.65 -3.62
CA ALA A 77 2.40 21.12 -3.73
C ALA A 77 3.72 21.54 -4.43
N ALA A 78 4.65 20.59 -4.53
CA ALA A 78 6.00 20.77 -5.12
C ALA A 78 6.21 19.76 -6.27
N PRO A 79 6.98 20.12 -7.32
CA PRO A 79 7.26 19.22 -8.46
C PRO A 79 8.11 17.98 -8.14
N GLY A 80 7.37 16.89 -7.89
CA GLY A 80 7.93 15.53 -7.70
C GLY A 80 8.63 14.98 -8.94
N ASN A 81 9.72 14.25 -8.69
CA ASN A 81 10.60 13.69 -9.73
C ASN A 81 10.81 12.17 -9.67
N VAL A 82 11.13 11.63 -10.84
CA VAL A 82 11.39 10.18 -11.01
C VAL A 82 12.78 9.92 -11.61
N ASP A 83 13.70 9.52 -10.72
CA ASP A 83 15.03 9.05 -11.16
C ASP A 83 14.88 7.60 -11.69
N ASP A 84 14.47 7.53 -12.95
CA ASP A 84 14.25 6.26 -13.67
C ASP A 84 15.46 5.31 -13.71
N LYS A 85 16.65 5.89 -13.62
CA LYS A 85 17.94 5.16 -13.52
C LYS A 85 18.06 4.36 -12.20
N GLY A 86 17.50 4.93 -11.14
CA GLY A 86 17.41 4.33 -9.79
C GLY A 86 16.73 5.31 -8.80
N GLU A 87 15.85 4.74 -7.98
CA GLU A 87 15.07 5.41 -6.91
C GLU A 87 14.01 6.42 -7.39
N LEU A 88 12.89 6.40 -6.67
CA LEU A 88 11.83 7.43 -6.82
C LEU A 88 12.17 8.65 -5.95
N VAL A 89 12.04 9.83 -6.53
CA VAL A 89 12.53 11.10 -5.95
C VAL A 89 11.37 12.12 -5.90
N ILE A 90 10.39 11.81 -5.05
CA ILE A 90 9.13 12.58 -4.99
C ILE A 90 9.31 13.83 -4.10
N GLN A 91 8.82 14.96 -4.56
CA GLN A 91 9.02 16.26 -3.88
C GLN A 91 7.68 16.85 -3.43
N GLY A 92 7.47 16.79 -2.10
CA GLY A 92 6.24 17.33 -1.46
C GLY A 92 5.65 16.41 -0.39
N LYS A 93 4.33 16.50 -0.23
CA LYS A 93 3.55 15.86 0.85
C LYS A 93 3.33 14.34 0.71
N PHE A 94 4.46 13.66 0.56
CA PHE A 94 4.55 12.18 0.54
C PHE A 94 5.33 11.59 1.72
N SER A 95 6.20 12.40 2.34
CA SER A 95 7.14 12.04 3.43
C SER A 95 6.44 11.33 4.60
N SER A 96 6.45 9.99 4.50
CA SER A 96 5.62 9.05 5.28
C SER A 96 4.10 9.23 5.13
N GLN A 97 3.67 10.49 5.26
CA GLN A 97 2.32 11.09 5.12
C GLN A 97 1.15 10.18 4.73
N VAL A 98 1.20 9.62 3.51
CA VAL A 98 0.15 8.72 2.99
C VAL A 98 0.54 7.24 2.89
N ILE A 99 1.60 6.93 2.14
CA ILE A 99 2.05 5.54 1.90
C ILE A 99 2.33 4.79 3.20
N ASN A 100 3.25 5.33 4.00
CA ASN A 100 3.69 4.71 5.26
C ASN A 100 2.57 4.54 6.29
N THR A 101 1.66 5.53 6.30
CA THR A 101 0.43 5.54 7.11
C THR A 101 -0.42 4.30 6.81
N LEU A 102 -0.78 4.10 5.53
CA LEU A 102 -1.51 2.90 5.08
C LEU A 102 -0.72 1.58 5.16
N MET A 103 0.57 1.64 4.85
CA MET A 103 1.55 0.53 5.01
C MET A 103 1.59 -0.01 6.46
N GLU A 104 1.62 0.90 7.42
CA GLU A 104 1.39 0.59 8.83
C GLU A 104 -0.09 0.25 9.07
N ARG A 105 -0.33 -0.59 10.08
CA ARG A 105 -1.66 -1.19 10.38
C ARG A 105 -2.17 -2.17 9.32
N PHE A 106 -1.79 -2.01 8.06
CA PHE A 106 -1.97 -3.02 6.99
C PHE A 106 -1.29 -4.35 7.34
N LEU A 107 0.04 -4.42 7.26
CA LEU A 107 0.81 -5.61 7.72
C LEU A 107 0.48 -5.95 9.19
N LYS A 108 0.43 -4.90 10.00
CA LYS A 108 0.20 -5.00 11.46
C LYS A 108 -1.20 -5.41 11.90
N ALA A 109 -2.13 -5.58 10.96
CA ALA A 109 -3.53 -5.96 11.24
C ALA A 109 -3.67 -7.25 12.07
N TYR A 110 -2.76 -8.20 11.82
CA TYR A 110 -2.68 -9.48 12.54
C TYR A 110 -2.53 -9.33 14.07
N VAL A 111 -1.81 -8.28 14.48
CA VAL A 111 -1.65 -7.91 15.91
C VAL A 111 -2.54 -6.73 16.32
N GLU A 112 -2.82 -5.80 15.40
CA GLU A 112 -3.75 -4.67 15.58
C GLU A 112 -5.15 -5.14 16.00
N CYS A 113 -5.55 -6.28 15.46
CA CYS A 113 -6.82 -6.99 15.78
C CYS A 113 -6.57 -8.36 16.44
N SER A 114 -5.40 -8.54 17.07
CA SER A 114 -4.86 -9.83 17.58
C SER A 114 -5.59 -11.11 17.13
N THR A 115 -5.21 -11.54 15.94
CA THR A 115 -5.76 -12.71 15.19
C THR A 115 -7.30 -12.82 15.14
N CYS A 116 -7.95 -11.65 15.21
CA CYS A 116 -9.41 -11.47 15.32
C CYS A 116 -10.02 -12.21 16.52
N LYS A 117 -9.75 -11.65 17.71
CA LYS A 117 -10.31 -12.15 18.99
C LYS A 117 -11.84 -12.29 18.99
N SER A 118 -12.50 -11.25 18.49
CA SER A 118 -13.93 -11.24 18.08
C SER A 118 -14.28 -9.91 17.41
N LEU A 119 -13.89 -9.84 16.13
CA LEU A 119 -14.12 -8.64 15.29
C LEU A 119 -14.77 -8.99 13.95
N ASP A 120 -16.10 -8.97 13.94
CA ASP A 120 -16.90 -9.16 12.70
C ASP A 120 -16.91 -7.87 11.86
N THR A 121 -15.75 -7.66 11.27
CA THR A 121 -15.35 -6.43 10.53
C THR A 121 -14.15 -6.75 9.62
N ILE A 122 -13.01 -7.08 10.24
CA ILE A 122 -11.71 -7.39 9.58
C ILE A 122 -11.02 -6.16 8.98
N LEU A 123 -11.78 -5.36 8.21
CA LEU A 123 -11.34 -4.18 7.44
C LEU A 123 -10.46 -4.54 6.22
N LYS A 124 -10.64 -3.77 5.17
CA LYS A 124 -9.97 -3.91 3.86
C LYS A 124 -10.23 -2.66 3.01
N LYS A 125 -10.25 -2.79 1.68
CA LYS A 125 -10.37 -1.69 0.71
C LYS A 125 -11.50 -1.89 -0.32
N GLU A 126 -11.84 -0.79 -0.99
CA GLU A 126 -12.78 -0.79 -2.13
C GLU A 126 -12.05 -0.26 -3.38
N LYS A 127 -12.34 -0.94 -4.49
CA LYS A 127 -11.72 -0.72 -5.82
C LYS A 127 -11.66 0.75 -6.28
N LYS A 128 -12.72 1.50 -5.96
CA LYS A 128 -12.77 2.95 -6.12
C LYS A 128 -12.87 3.61 -4.74
N SER A 129 -12.19 4.74 -4.62
CA SER A 129 -12.13 5.63 -3.43
C SER A 129 -11.48 5.09 -2.13
N TRP A 130 -11.48 3.76 -1.97
CA TRP A 130 -10.92 3.04 -0.79
C TRP A 130 -11.67 3.29 0.54
N TYR A 131 -12.69 2.45 0.69
CA TYR A 131 -13.54 2.32 1.88
C TYR A 131 -13.75 0.83 2.22
N ILE A 132 -14.67 0.49 3.13
CA ILE A 132 -15.04 -0.90 3.45
C ILE A 132 -16.32 -0.98 4.33
N VAL A 133 -16.53 -2.11 5.00
CA VAL A 133 -17.68 -2.38 5.89
C VAL A 133 -17.11 -2.62 7.30
N CYS A 134 -17.86 -2.17 8.32
CA CYS A 134 -17.50 -2.39 9.73
C CYS A 134 -18.47 -3.25 10.56
N LEU A 135 -19.53 -2.63 11.07
CA LEU A 135 -20.58 -3.25 11.93
C LEU A 135 -20.07 -3.45 13.36
N ALA A 136 -19.30 -4.52 13.61
CA ALA A 136 -18.71 -4.80 14.94
C ALA A 136 -17.73 -3.69 15.39
N CYS A 137 -16.76 -3.36 14.56
CA CYS A 137 -15.84 -2.25 14.83
C CYS A 137 -16.34 -0.94 14.18
N GLY A 138 -17.46 -0.46 14.71
CA GLY A 138 -18.10 0.81 14.35
C GLY A 138 -18.77 0.83 12.96
N ALA A 139 -18.60 1.95 12.28
CA ALA A 139 -19.30 2.24 11.00
C ALA A 139 -18.36 2.44 9.81
N GLN A 140 -18.84 1.95 8.66
CA GLN A 140 -18.17 2.05 7.35
C GLN A 140 -19.14 1.68 6.21
N THR A 141 -18.93 2.36 5.09
CA THR A 141 -19.75 2.20 3.87
C THR A 141 -18.82 1.71 2.74
N PRO A 142 -19.12 0.59 2.09
CA PRO A 142 -18.33 0.07 0.95
C PRO A 142 -18.63 0.88 -0.33
N VAL A 143 -18.19 2.13 -0.30
CA VAL A 143 -18.44 3.20 -1.30
C VAL A 143 -19.93 3.46 -1.62
N LYS A 144 -20.54 2.54 -2.38
CA LYS A 144 -21.96 2.62 -2.75
C LYS A 144 -22.69 1.37 -2.22
N PRO A 145 -23.81 1.55 -1.48
CA PRO A 145 -24.70 0.44 -1.12
C PRO A 145 -25.46 -0.07 -2.36
N LEU A 146 -24.78 -0.97 -3.07
CA LEU A 146 -25.26 -1.59 -4.32
C LEU A 146 -26.59 -2.38 -4.19
N GLU A 13 3.68 -15.93 1.84
CA GLU A 13 5.05 -16.31 1.46
C GLU A 13 6.01 -15.13 1.58
N TYR A 14 7.23 -15.47 2.01
CA TYR A 14 8.33 -14.53 2.27
C TYR A 14 8.96 -13.99 0.96
N VAL A 15 8.20 -13.10 0.35
CA VAL A 15 8.49 -12.42 -0.95
C VAL A 15 8.59 -13.46 -2.10
N GLU A 16 9.78 -14.05 -2.24
CA GLU A 16 10.22 -15.03 -3.26
C GLU A 16 10.12 -14.62 -4.74
N MET A 17 9.06 -13.90 -5.07
CA MET A 17 8.67 -13.46 -6.44
C MET A 17 8.50 -14.68 -7.38
N LEU A 18 7.50 -15.47 -7.00
CA LEU A 18 7.21 -16.77 -7.67
C LEU A 18 6.46 -16.69 -9.02
N ASP A 19 6.73 -15.60 -9.75
CA ASP A 19 6.16 -15.23 -11.06
C ASP A 19 4.63 -15.10 -11.20
N ARG A 20 3.89 -16.02 -10.58
CA ARG A 20 2.40 -16.11 -10.61
C ARG A 20 1.68 -14.76 -10.36
N LEU A 21 1.29 -14.18 -11.50
CA LEU A 21 0.61 -12.87 -11.61
C LEU A 21 1.33 -11.70 -10.89
N TYR A 22 2.66 -11.71 -11.00
CA TYR A 22 3.53 -10.59 -10.55
C TYR A 22 3.65 -9.47 -11.59
N SER A 23 3.78 -9.84 -12.87
CA SER A 23 3.92 -8.94 -14.03
C SER A 23 3.91 -9.72 -15.35
N LYS A 24 3.54 -9.01 -16.43
CA LYS A 24 3.56 -9.46 -17.84
C LYS A 24 2.56 -10.56 -18.23
N LEU A 25 2.69 -11.73 -17.62
CA LEU A 25 1.96 -12.96 -17.98
C LEU A 25 0.43 -12.85 -18.06
N PRO A 26 -0.14 -12.87 -19.29
CA PRO A 26 -1.59 -12.76 -19.52
C PRO A 26 -2.34 -14.03 -19.08
N GLU A 27 -2.67 -14.05 -17.80
CA GLU A 27 -3.43 -15.16 -17.19
C GLU A 27 -4.85 -14.83 -16.68
N LYS A 28 -5.07 -13.58 -16.25
CA LYS A 28 -6.37 -12.99 -15.86
C LYS A 28 -7.02 -13.53 -14.56
N GLY A 29 -6.90 -14.84 -14.34
CA GLY A 29 -7.45 -15.57 -13.16
C GLY A 29 -6.89 -15.16 -11.80
N ARG A 30 -7.07 -16.10 -10.87
CA ARG A 30 -6.76 -15.90 -9.44
C ARG A 30 -5.26 -15.70 -9.13
N LYS A 31 -5.06 -15.05 -7.98
CA LYS A 31 -3.78 -14.69 -7.33
C LYS A 31 -3.07 -13.49 -8.02
N GLU A 32 -2.48 -12.68 -7.16
CA GLU A 32 -1.56 -11.59 -7.53
C GLU A 32 -0.26 -11.71 -6.72
N GLY A 33 0.82 -11.21 -7.31
CA GLY A 33 2.18 -11.22 -6.72
C GLY A 33 2.26 -10.61 -5.31
N THR A 34 2.58 -11.48 -4.35
CA THR A 34 2.72 -11.09 -2.92
C THR A 34 3.75 -9.95 -2.72
N GLN A 35 3.43 -9.10 -1.74
CA GLN A 35 4.16 -7.86 -1.48
C GLN A 35 4.53 -7.71 0.01
N SER A 36 5.40 -6.73 0.29
CA SER A 36 6.03 -6.43 1.60
C SER A 36 6.97 -7.53 2.11
N LEU A 37 7.74 -7.16 3.15
CA LEU A 37 8.77 -7.95 3.87
C LEU A 37 10.26 -7.58 3.70
N PRO A 38 10.84 -7.44 2.49
CA PRO A 38 12.30 -7.35 2.31
C PRO A 38 12.97 -6.11 2.94
N ASN A 39 12.22 -5.03 2.91
CA ASN A 39 12.48 -3.69 3.51
C ASN A 39 11.23 -2.85 3.26
N MET A 40 10.90 -2.02 4.23
CA MET A 40 9.67 -1.19 4.18
C MET A 40 9.73 0.12 5.00
N ILE A 41 10.66 0.97 4.61
CA ILE A 41 10.83 2.32 5.20
C ILE A 41 11.19 3.39 4.16
N ILE A 42 10.20 4.22 3.85
CA ILE A 42 10.39 5.45 3.04
C ILE A 42 11.39 6.38 3.77
N LEU A 43 12.48 6.72 3.07
CA LEU A 43 13.49 7.67 3.59
C LEU A 43 12.96 9.11 3.41
N ASN A 44 12.77 9.72 4.56
CA ASN A 44 12.11 11.02 4.72
C ASN A 44 13.03 12.20 5.02
N ILE A 45 13.39 12.92 3.96
CA ILE A 45 14.19 14.17 4.08
C ILE A 45 13.34 15.36 3.61
N GLY A 46 12.48 15.82 4.52
CA GLY A 46 11.52 16.92 4.29
C GLY A 46 10.50 16.57 3.19
N ASN A 47 10.35 17.50 2.25
CA ASN A 47 9.53 17.28 1.03
C ASN A 47 10.07 16.13 0.14
N THR A 48 11.40 16.10 -0.01
CA THR A 48 12.13 15.03 -0.72
C THR A 48 12.05 13.69 -0.01
N THR A 49 11.20 12.88 -0.62
CA THR A 49 10.85 11.51 -0.19
C THR A 49 11.35 10.48 -1.20
N ILE A 50 12.34 9.73 -0.71
CA ILE A 50 12.98 8.66 -1.50
C ILE A 50 12.53 7.29 -0.99
N ILE A 51 11.47 6.87 -1.68
CA ILE A 51 10.80 5.56 -1.48
C ILE A 51 11.70 4.48 -2.10
N ARG A 52 12.58 3.94 -1.27
CA ARG A 52 13.61 2.94 -1.63
C ARG A 52 13.13 1.81 -2.57
N ASN A 53 12.53 0.74 -2.03
CA ASN A 53 11.89 -0.30 -2.86
C ASN A 53 10.48 0.11 -3.30
N PHE A 54 10.48 1.17 -4.11
CA PHE A 54 9.27 1.88 -4.60
C PHE A 54 8.20 0.98 -5.28
N ALA A 55 8.64 0.05 -6.11
CA ALA A 55 7.74 -0.90 -6.81
C ALA A 55 6.83 -1.69 -5.85
N GLU A 56 7.44 -2.20 -4.78
CA GLU A 56 6.73 -2.92 -3.71
C GLU A 56 5.75 -2.01 -2.96
N TYR A 57 6.26 -0.86 -2.52
CA TYR A 57 5.46 0.19 -1.87
C TYR A 57 4.28 0.71 -2.70
N CYS A 58 4.43 0.80 -4.03
CA CYS A 58 3.36 1.15 -4.97
C CYS A 58 2.13 0.20 -4.87
N ASP A 59 2.40 -1.09 -4.68
CA ASP A 59 1.34 -2.06 -4.33
C ASP A 59 0.88 -1.95 -2.86
N ARG A 60 1.86 -1.82 -1.97
CA ARG A 60 1.69 -1.67 -0.50
C ARG A 60 0.82 -0.49 -0.01
N ILE A 61 0.72 0.55 -0.85
CA ILE A 61 -0.37 1.55 -0.72
C ILE A 61 -1.69 0.89 -1.16
N ARG A 62 -2.20 1.15 -2.37
CA ARG A 62 -3.39 0.43 -2.87
C ARG A 62 -3.23 -0.07 -4.33
N ARG A 63 -2.34 -1.04 -4.48
CA ARG A 63 -2.07 -1.76 -5.75
C ARG A 63 -1.79 -0.90 -7.01
N GLU A 64 -1.23 0.29 -6.80
CA GLU A 64 -0.75 1.27 -7.78
C GLU A 64 -1.78 1.88 -8.77
N ASP A 65 -2.61 1.03 -9.38
CA ASP A 65 -3.56 1.39 -10.45
C ASP A 65 -4.54 2.50 -10.00
N LYS A 66 -4.24 3.70 -10.51
CA LYS A 66 -4.87 5.00 -10.15
C LYS A 66 -4.63 5.41 -8.69
N ILE A 67 -5.07 4.57 -7.76
CA ILE A 67 -5.01 4.80 -6.29
C ILE A 67 -3.61 4.50 -5.69
N CYS A 68 -2.75 5.42 -6.09
CA CYS A 68 -1.32 5.59 -5.72
C CYS A 68 -0.85 6.92 -6.34
N MET A 69 -0.85 6.92 -7.67
CA MET A 69 -0.51 8.11 -8.50
C MET A 69 -1.39 9.34 -8.17
N LYS A 70 -2.71 9.11 -8.14
CA LYS A 70 -3.69 10.14 -7.77
C LYS A 70 -3.45 10.69 -6.36
N TYR A 71 -3.26 9.78 -5.40
CA TYR A 71 -3.04 10.10 -3.98
C TYR A 71 -1.73 10.88 -3.74
N LEU A 72 -0.66 10.48 -4.42
CA LEU A 72 0.62 11.22 -4.36
C LEU A 72 0.53 12.65 -4.89
N LEU A 73 -0.13 12.81 -6.05
CA LEU A 73 -0.41 14.12 -6.66
C LEU A 73 -1.25 15.00 -5.72
N LYS A 74 -2.29 14.40 -5.14
CA LYS A 74 -3.19 15.07 -4.16
C LYS A 74 -2.49 15.56 -2.88
N GLU A 75 -1.37 14.95 -2.51
CA GLU A 75 -0.53 15.39 -1.37
C GLU A 75 0.85 15.91 -1.83
N LEU A 76 0.92 16.41 -3.06
CA LEU A 76 2.18 16.92 -3.64
C LEU A 76 2.11 18.43 -3.98
N ALA A 77 2.43 19.21 -2.95
CA ALA A 77 2.63 20.66 -3.05
C ALA A 77 3.77 21.07 -3.99
N ALA A 78 4.69 20.13 -4.20
CA ALA A 78 5.90 20.29 -5.04
C ALA A 78 5.96 19.19 -6.13
N PRO A 79 6.66 19.42 -7.25
CA PRO A 79 6.82 18.42 -8.32
C PRO A 79 7.66 17.20 -7.89
N GLY A 80 6.92 16.16 -7.52
CA GLY A 80 7.46 14.83 -7.21
C GLY A 80 7.98 14.09 -8.47
N ASN A 81 9.15 13.51 -8.33
CA ASN A 81 9.87 12.86 -9.46
C ASN A 81 9.96 11.35 -9.28
N VAL A 82 9.72 10.69 -10.40
CA VAL A 82 9.75 9.21 -10.53
C VAL A 82 11.14 8.61 -10.24
N ASP A 83 11.20 7.28 -10.18
CA ASP A 83 12.46 6.52 -10.11
C ASP A 83 13.29 6.73 -11.39
N ASP A 84 14.17 7.72 -11.25
CA ASP A 84 15.01 8.26 -12.32
C ASP A 84 16.52 8.07 -12.02
N LYS A 85 17.38 8.90 -12.63
CA LYS A 85 18.85 8.88 -12.38
C LYS A 85 19.23 8.98 -10.89
N GLY A 86 18.49 9.80 -10.14
CA GLY A 86 18.65 9.97 -8.69
C GLY A 86 17.59 9.17 -7.90
N GLU A 87 17.30 7.96 -8.41
CA GLU A 87 16.27 7.03 -7.89
C GLU A 87 14.88 7.67 -7.79
N LEU A 88 14.00 7.10 -6.97
CA LEU A 88 12.64 7.61 -6.70
C LEU A 88 12.76 8.85 -5.80
N VAL A 89 12.64 10.03 -6.41
CA VAL A 89 12.75 11.31 -5.67
C VAL A 89 11.49 12.18 -5.79
N ILE A 90 10.48 11.77 -5.01
CA ILE A 90 9.19 12.51 -4.92
C ILE A 90 9.33 13.68 -3.94
N GLN A 91 8.69 14.78 -4.27
CA GLN A 91 8.79 16.05 -3.51
C GLN A 91 7.38 16.51 -3.07
N GLY A 92 7.04 16.13 -1.84
CA GLY A 92 5.75 16.47 -1.20
C GLY A 92 5.51 15.70 0.11
N LYS A 93 4.24 15.59 0.46
CA LYS A 93 3.77 15.03 1.76
C LYS A 93 3.66 13.49 1.79
N PHE A 94 4.68 12.87 1.20
CA PHE A 94 4.82 11.42 1.04
C PHE A 94 6.10 10.82 1.67
N SER A 95 6.61 11.52 2.69
CA SER A 95 7.90 11.18 3.34
C SER A 95 7.75 10.44 4.67
N SER A 96 7.98 9.13 4.58
CA SER A 96 7.70 8.11 5.62
C SER A 96 6.25 8.08 6.13
N GLN A 97 5.37 8.55 5.25
CA GLN A 97 3.94 8.77 5.50
C GLN A 97 3.12 8.04 4.43
N VAL A 98 1.82 7.95 4.66
CA VAL A 98 0.75 7.46 3.75
C VAL A 98 0.95 6.04 3.21
N ILE A 99 1.81 5.86 2.21
CA ILE A 99 2.20 4.51 1.70
C ILE A 99 2.78 3.68 2.87
N ASN A 100 3.66 4.29 3.64
CA ASN A 100 4.28 3.65 4.81
C ASN A 100 3.23 3.24 5.86
N THR A 101 2.35 4.18 6.18
CA THR A 101 1.20 4.00 7.10
C THR A 101 0.28 2.85 6.64
N LEU A 102 -0.09 2.85 5.36
CA LEU A 102 -0.91 1.79 4.75
C LEU A 102 -0.22 0.43 4.78
N MET A 103 1.04 0.38 4.33
CA MET A 103 1.91 -0.81 4.41
C MET A 103 1.95 -1.39 5.84
N GLU A 104 2.12 -0.50 6.82
CA GLU A 104 2.09 -0.85 8.25
C GLU A 104 0.79 -1.56 8.66
N ARG A 105 -0.35 -0.91 8.41
CA ARG A 105 -1.67 -1.50 8.72
C ARG A 105 -2.03 -2.75 7.89
N PHE A 106 -1.54 -2.80 6.65
CA PHE A 106 -1.58 -3.99 5.78
C PHE A 106 -0.79 -5.17 6.36
N LEU A 107 0.55 -5.06 6.33
CA LEU A 107 1.47 -6.12 6.78
C LEU A 107 1.28 -6.54 8.25
N LYS A 108 1.00 -5.56 9.10
CA LYS A 108 0.80 -5.78 10.54
C LYS A 108 -0.66 -5.56 10.99
N ALA A 109 -1.59 -5.98 10.13
CA ALA A 109 -3.05 -5.89 10.34
C ALA A 109 -3.54 -6.41 11.71
N TYR A 110 -2.96 -7.53 12.13
CA TYR A 110 -3.26 -8.18 13.45
C TYR A 110 -3.14 -7.20 14.62
N VAL A 111 -1.92 -6.67 14.81
CA VAL A 111 -1.61 -5.70 15.87
C VAL A 111 -2.18 -4.28 15.60
N GLU A 112 -2.21 -3.87 14.33
CA GLU A 112 -2.81 -2.58 13.91
C GLU A 112 -4.33 -2.46 14.17
N CYS A 113 -5.02 -3.60 14.10
CA CYS A 113 -6.43 -3.72 14.51
C CYS A 113 -6.62 -4.11 15.99
N SER A 114 -5.50 -4.29 16.70
CA SER A 114 -5.47 -4.84 18.09
C SER A 114 -6.30 -6.11 18.28
N THR A 115 -6.26 -6.95 17.24
CA THR A 115 -7.08 -8.18 17.07
C THR A 115 -8.57 -7.88 17.37
N CYS A 116 -9.08 -6.91 16.62
CA CYS A 116 -10.44 -6.31 16.65
C CYS A 116 -10.77 -5.47 17.89
N LYS A 117 -10.31 -5.93 19.05
CA LYS A 117 -10.38 -5.29 20.37
C LYS A 117 -11.80 -5.00 20.89
N SER A 118 -12.45 -3.98 20.32
CA SER A 118 -13.73 -3.42 20.79
C SER A 118 -14.33 -2.49 19.71
N LEU A 119 -15.55 -2.02 19.98
CA LEU A 119 -16.35 -1.15 19.11
C LEU A 119 -15.81 0.30 19.07
N ASP A 120 -14.59 0.42 18.51
CA ASP A 120 -13.84 1.69 18.50
C ASP A 120 -13.01 1.97 17.23
N THR A 121 -13.45 1.50 16.06
CA THR A 121 -12.68 1.66 14.81
C THR A 121 -13.42 1.36 13.49
N ILE A 122 -13.08 2.16 12.50
CA ILE A 122 -13.58 2.08 11.11
C ILE A 122 -12.45 1.74 10.11
N LEU A 123 -11.52 0.88 10.56
CA LEU A 123 -10.35 0.48 9.75
C LEU A 123 -10.66 -0.39 8.52
N LYS A 124 -10.38 0.21 7.37
CA LYS A 124 -10.65 -0.35 6.03
C LYS A 124 -9.31 -0.54 5.27
N LYS A 125 -9.43 -0.96 4.00
CA LYS A 125 -8.34 -1.07 2.98
C LYS A 125 -7.53 -2.37 3.06
N GLU A 126 -7.33 -2.96 1.89
CA GLU A 126 -6.68 -4.27 1.68
C GLU A 126 -6.37 -4.51 0.19
N LYS A 127 -5.28 -5.22 -0.08
CA LYS A 127 -4.97 -5.69 -1.46
C LYS A 127 -6.07 -6.60 -2.02
N LYS A 128 -6.33 -6.45 -3.33
CA LYS A 128 -7.35 -7.17 -4.13
C LYS A 128 -8.67 -7.49 -3.37
N SER A 129 -9.21 -6.46 -2.71
CA SER A 129 -10.41 -6.56 -1.83
C SER A 129 -10.86 -5.22 -1.21
N TRP A 130 -9.90 -4.46 -0.69
CA TRP A 130 -10.09 -3.16 -0.01
C TRP A 130 -10.94 -3.12 1.27
N TYR A 131 -11.52 -4.26 1.62
CA TYR A 131 -12.34 -4.44 2.84
C TYR A 131 -11.54 -4.34 4.17
N ILE A 132 -10.96 -5.45 4.62
CA ILE A 132 -10.35 -5.60 5.97
C ILE A 132 -11.40 -5.59 7.11
N VAL A 133 -10.95 -5.93 8.31
CA VAL A 133 -11.80 -6.16 9.51
C VAL A 133 -12.36 -4.83 10.08
N CYS A 134 -13.28 -4.25 9.31
CA CYS A 134 -13.99 -3.01 9.69
C CYS A 134 -15.27 -3.29 10.50
N LEU A 135 -15.13 -4.24 11.44
CA LEU A 135 -16.24 -4.78 12.26
C LEU A 135 -16.88 -3.73 13.19
N ALA A 136 -16.05 -2.97 13.89
CA ALA A 136 -16.47 -2.04 14.96
C ALA A 136 -17.38 -0.88 14.48
N CYS A 137 -16.94 -0.19 13.44
CA CYS A 137 -17.76 0.84 12.77
C CYS A 137 -17.82 0.53 11.26
N GLY A 138 -18.83 -0.26 10.93
CA GLY A 138 -19.10 -0.71 9.55
C GLY A 138 -19.23 -2.24 9.52
N ALA A 139 -18.67 -2.82 8.48
CA ALA A 139 -18.69 -4.29 8.26
C ALA A 139 -17.33 -4.82 7.82
N GLN A 140 -16.96 -5.97 8.43
CA GLN A 140 -15.77 -6.73 8.01
C GLN A 140 -16.09 -7.69 6.84
N THR A 141 -16.21 -7.09 5.66
CA THR A 141 -16.52 -7.81 4.39
C THR A 141 -15.42 -8.87 4.14
N PRO A 142 -15.79 -10.17 4.15
CA PRO A 142 -14.86 -11.32 4.24
C PRO A 142 -13.92 -11.62 3.05
N VAL A 143 -13.35 -10.56 2.48
CA VAL A 143 -12.36 -10.53 1.39
C VAL A 143 -12.62 -11.45 0.17
N LYS A 144 -12.24 -12.71 0.29
CA LYS A 144 -12.37 -13.74 -0.76
C LYS A 144 -13.24 -14.89 -0.20
N PRO A 145 -14.30 -15.30 -0.91
CA PRO A 145 -15.14 -16.44 -0.50
C PRO A 145 -14.41 -17.79 -0.66
N LEU A 146 -13.68 -18.13 0.40
CA LEU A 146 -12.87 -19.38 0.53
C LEU A 146 -11.70 -19.54 -0.45
N GLU A 13 7.43 -14.24 3.39
CA GLU A 13 7.99 -14.69 4.68
C GLU A 13 7.06 -14.32 5.84
N TYR A 14 7.10 -15.15 6.90
CA TYR A 14 6.29 -15.02 8.14
C TYR A 14 4.78 -15.32 8.02
N VAL A 15 4.19 -15.03 6.87
CA VAL A 15 2.74 -15.15 6.65
C VAL A 15 2.45 -16.22 5.58
N GLU A 16 1.24 -16.77 5.64
CA GLU A 16 0.71 -17.80 4.70
C GLU A 16 0.63 -17.35 3.22
N MET A 17 1.79 -17.32 2.57
CA MET A 17 1.92 -16.97 1.15
C MET A 17 1.25 -17.95 0.17
N LEU A 18 0.46 -17.38 -0.75
CA LEU A 18 -0.14 -18.14 -1.86
C LEU A 18 0.85 -18.37 -3.03
N ASP A 19 1.87 -17.52 -3.10
CA ASP A 19 3.00 -17.57 -4.07
C ASP A 19 2.68 -17.23 -5.53
N ARG A 20 1.42 -17.40 -5.94
CA ARG A 20 0.92 -17.09 -7.30
C ARG A 20 1.31 -15.66 -7.74
N LEU A 21 2.32 -15.64 -8.62
CA LEU A 21 3.00 -14.46 -9.20
C LEU A 21 3.87 -13.60 -8.26
N TYR A 22 4.29 -14.21 -7.15
CA TYR A 22 5.19 -13.59 -6.16
C TYR A 22 6.67 -13.66 -6.58
N SER A 23 7.08 -14.85 -7.06
CA SER A 23 8.45 -15.14 -7.53
C SER A 23 8.82 -14.42 -8.85
N LYS A 24 9.30 -13.20 -8.71
CA LYS A 24 9.90 -12.33 -9.74
C LYS A 24 9.05 -11.89 -10.96
N LEU A 25 8.41 -12.86 -11.63
CA LEU A 25 7.58 -12.66 -12.83
C LEU A 25 6.25 -11.94 -12.55
N PRO A 26 6.17 -10.64 -12.92
CA PRO A 26 5.00 -9.78 -12.60
C PRO A 26 3.68 -10.26 -13.22
N GLU A 27 3.76 -10.86 -14.41
CA GLU A 27 2.62 -11.44 -15.13
C GLU A 27 3.02 -12.77 -15.81
N LYS A 28 2.07 -13.70 -15.79
CA LYS A 28 2.15 -15.05 -16.42
C LYS A 28 0.84 -15.85 -16.25
N GLY A 29 0.41 -16.00 -15.01
CA GLY A 29 -0.83 -16.72 -14.66
C GLY A 29 -1.86 -15.81 -13.97
N ARG A 30 -2.12 -16.11 -12.71
CA ARG A 30 -3.14 -15.42 -11.88
C ARG A 30 -2.48 -14.71 -10.68
N LYS A 31 -3.26 -13.79 -10.07
CA LYS A 31 -2.84 -12.95 -8.93
C LYS A 31 -1.67 -12.02 -9.28
N GLU A 32 -1.19 -11.34 -8.23
CA GLU A 32 0.01 -10.48 -8.28
C GLU A 32 0.86 -10.81 -7.03
N GLY A 33 0.51 -10.18 -5.90
CA GLY A 33 1.09 -10.44 -4.59
C GLY A 33 0.59 -9.43 -3.55
N THR A 34 0.85 -9.74 -2.29
CA THR A 34 0.64 -8.82 -1.16
C THR A 34 1.99 -8.57 -0.46
N GLN A 35 2.59 -7.49 -0.95
CA GLN A 35 4.02 -7.19 -0.78
C GLN A 35 4.38 -6.02 0.15
N SER A 36 5.48 -6.29 0.84
CA SER A 36 6.26 -5.46 1.79
C SER A 36 6.72 -6.33 2.97
N LEU A 37 8.01 -6.21 3.28
CA LEU A 37 8.75 -6.92 4.36
C LEU A 37 10.24 -6.58 4.48
N PRO A 38 11.08 -6.62 3.41
CA PRO A 38 12.52 -6.29 3.54
C PRO A 38 12.80 -4.84 3.95
N ASN A 39 12.09 -3.89 3.33
CA ASN A 39 12.05 -2.49 3.76
C ASN A 39 10.79 -1.81 3.22
N MET A 40 10.09 -1.16 4.15
CA MET A 40 8.80 -0.49 3.90
C MET A 40 8.63 0.85 4.67
N ILE A 41 9.73 1.60 4.80
CA ILE A 41 9.72 2.89 5.52
C ILE A 41 10.26 4.06 4.66
N ILE A 42 9.47 5.12 4.64
CA ILE A 42 9.86 6.39 3.99
C ILE A 42 11.00 7.09 4.75
N LEU A 43 12.07 7.29 3.99
CA LEU A 43 13.16 8.23 4.33
C LEU A 43 12.95 9.51 3.51
N ASN A 44 13.11 10.65 4.18
CA ASN A 44 12.80 11.96 3.58
C ASN A 44 14.01 12.90 3.54
N ILE A 45 14.11 13.58 2.40
CA ILE A 45 15.04 14.70 2.18
C ILE A 45 14.23 15.96 1.76
N GLY A 46 13.82 16.66 2.80
CA GLY A 46 12.97 17.89 2.73
C GLY A 46 11.51 17.52 2.41
N ASN A 47 11.19 17.61 1.12
CA ASN A 47 9.90 17.15 0.56
C ASN A 47 10.00 15.85 -0.24
N THR A 48 11.19 15.62 -0.79
CA THR A 48 11.57 14.44 -1.60
C THR A 48 11.70 13.17 -0.76
N THR A 49 10.80 12.23 -1.02
CA THR A 49 10.96 10.84 -0.54
C THR A 49 12.20 10.20 -1.19
N ILE A 50 12.90 9.36 -0.45
CA ILE A 50 13.96 8.50 -1.02
C ILE A 50 13.66 7.03 -0.69
N ILE A 51 13.02 6.41 -1.66
CA ILE A 51 12.48 5.03 -1.55
C ILE A 51 13.25 4.04 -2.43
N ARG A 52 13.90 3.12 -1.73
CA ARG A 52 14.59 1.95 -2.30
C ARG A 52 13.65 0.97 -3.06
N ASN A 53 13.05 0.02 -2.34
CA ASN A 53 12.16 -1.01 -2.91
C ASN A 53 10.70 -0.53 -3.10
N PHE A 54 10.58 0.49 -3.95
CA PHE A 54 9.33 1.23 -4.20
C PHE A 54 8.09 0.39 -4.56
N ALA A 55 8.27 -0.66 -5.35
CA ALA A 55 7.19 -1.59 -5.76
C ALA A 55 6.36 -2.14 -4.58
N GLU A 56 7.04 -2.56 -3.51
CA GLU A 56 6.35 -3.13 -2.33
C GLU A 56 5.43 -2.11 -1.62
N TYR A 57 5.93 -0.88 -1.51
CA TYR A 57 5.21 0.28 -0.97
C TYR A 57 4.05 0.76 -1.86
N CYS A 58 4.33 0.88 -3.16
CA CYS A 58 3.37 1.30 -4.20
C CYS A 58 2.18 0.33 -4.32
N ASP A 59 2.47 -0.96 -4.22
CA ASP A 59 1.44 -2.02 -4.17
C ASP A 59 0.92 -2.32 -2.74
N ARG A 60 0.97 -1.27 -1.90
CA ARG A 60 0.33 -1.23 -0.57
C ARG A 60 -0.67 -0.06 -0.50
N ILE A 61 -0.16 1.14 -0.20
CA ILE A 61 -0.89 2.43 -0.06
C ILE A 61 -2.39 2.38 -0.45
N ARG A 62 -2.66 2.53 -1.74
CA ARG A 62 -3.96 2.19 -2.35
C ARG A 62 -3.83 1.28 -3.56
N ARG A 63 -3.06 0.21 -3.32
CA ARG A 63 -2.64 -0.87 -4.26
C ARG A 63 -1.82 -0.52 -5.50
N GLU A 64 -2.09 0.68 -6.06
CA GLU A 64 -1.44 1.46 -7.14
C GLU A 64 -2.39 1.88 -8.27
N ASP A 65 -2.12 1.49 -9.52
CA ASP A 65 -2.96 1.67 -10.72
C ASP A 65 -3.93 2.87 -10.72
N LYS A 66 -3.49 3.95 -11.36
CA LYS A 66 -4.19 5.24 -11.48
C LYS A 66 -4.40 5.99 -10.15
N ILE A 67 -5.21 5.39 -9.26
CA ILE A 67 -5.62 6.01 -7.98
C ILE A 67 -4.44 6.44 -7.07
N CYS A 68 -3.42 5.59 -6.97
CA CYS A 68 -2.17 5.92 -6.23
C CYS A 68 -1.43 7.12 -6.82
N MET A 69 -1.37 7.21 -8.15
CA MET A 69 -0.71 8.33 -8.87
C MET A 69 -1.50 9.65 -8.73
N LYS A 70 -2.83 9.53 -8.78
CA LYS A 70 -3.75 10.66 -8.48
C LYS A 70 -3.54 11.17 -7.04
N TYR A 71 -3.52 10.22 -6.09
CA TYR A 71 -3.22 10.50 -4.67
C TYR A 71 -1.82 11.11 -4.45
N LEU A 72 -0.84 10.60 -5.21
CA LEU A 72 0.54 11.12 -5.29
C LEU A 72 0.53 12.65 -5.54
N LEU A 73 -0.04 13.04 -6.68
CA LEU A 73 -0.20 14.44 -7.08
C LEU A 73 -1.06 15.24 -6.09
N LYS A 74 -2.13 14.61 -5.60
CA LYS A 74 -3.06 15.18 -4.60
C LYS A 74 -2.37 15.66 -3.31
N GLU A 75 -1.29 14.96 -2.93
CA GLU A 75 -0.45 15.33 -1.78
C GLU A 75 0.97 15.73 -2.21
N LEU A 76 1.07 16.34 -3.39
CA LEU A 76 2.35 16.78 -3.97
C LEU A 76 2.39 18.27 -4.36
N ALA A 77 3.00 19.05 -3.47
CA ALA A 77 3.31 20.47 -3.71
C ALA A 77 4.16 20.73 -4.97
N ALA A 78 5.02 19.76 -5.30
CA ALA A 78 5.83 19.74 -6.52
C ALA A 78 5.56 18.42 -7.29
N PRO A 79 5.67 18.39 -8.62
CA PRO A 79 5.55 17.12 -9.38
C PRO A 79 6.82 16.25 -9.29
N GLY A 80 7.05 15.74 -8.07
CA GLY A 80 8.18 14.88 -7.72
C GLY A 80 8.11 13.49 -8.38
N ASN A 81 9.15 13.17 -9.13
CA ASN A 81 9.26 11.94 -9.93
C ASN A 81 10.53 11.12 -9.69
N VAL A 82 10.41 9.82 -9.91
CA VAL A 82 11.48 8.81 -9.74
C VAL A 82 12.69 9.02 -10.67
N ASP A 83 13.62 9.84 -10.16
CA ASP A 83 14.88 10.11 -10.90
C ASP A 83 16.20 9.91 -10.13
N ASP A 84 16.18 9.13 -9.06
CA ASP A 84 17.39 8.90 -8.24
C ASP A 84 18.09 7.59 -8.62
N LYS A 85 18.59 7.56 -9.85
CA LYS A 85 19.33 6.41 -10.45
C LYS A 85 18.65 5.04 -10.25
N GLY A 86 17.32 5.06 -10.33
CA GLY A 86 16.45 3.91 -10.02
C GLY A 86 15.48 4.18 -8.86
N GLU A 87 16.01 4.75 -7.77
CA GLU A 87 15.25 5.03 -6.53
C GLU A 87 14.14 6.06 -6.72
N LEU A 88 13.06 5.82 -5.98
CA LEU A 88 11.82 6.62 -5.97
C LEU A 88 11.99 7.90 -5.14
N VAL A 89 12.11 9.02 -5.86
CA VAL A 89 12.19 10.37 -5.26
C VAL A 89 10.95 11.23 -5.56
N ILE A 90 10.05 11.24 -4.59
CA ILE A 90 8.74 11.90 -4.70
C ILE A 90 8.70 13.15 -3.82
N GLN A 91 8.89 14.27 -4.48
CA GLN A 91 8.95 15.62 -3.86
C GLN A 91 7.54 16.22 -3.69
N GLY A 92 7.10 16.22 -2.44
CA GLY A 92 5.79 16.80 -2.02
C GLY A 92 5.57 16.64 -0.51
N LYS A 93 4.35 16.21 -0.17
CA LYS A 93 3.96 15.93 1.23
C LYS A 93 3.63 14.43 1.45
N PHE A 94 4.19 13.61 0.55
CA PHE A 94 4.10 12.14 0.59
C PHE A 94 4.92 11.47 1.72
N SER A 95 6.04 12.10 2.04
CA SER A 95 7.08 11.60 2.97
C SER A 95 6.66 11.44 4.42
N SER A 96 6.36 10.19 4.73
CA SER A 96 5.86 9.68 6.04
C SER A 96 4.58 10.31 6.60
N GLN A 97 3.87 11.05 5.73
CA GLN A 97 2.48 11.49 6.00
C GLN A 97 1.40 10.55 5.43
N VAL A 98 1.66 9.97 4.26
CA VAL A 98 0.66 9.09 3.60
C VAL A 98 1.03 7.60 3.41
N ILE A 99 2.02 7.31 2.57
CA ILE A 99 2.37 5.92 2.16
C ILE A 99 2.61 5.02 3.40
N ASN A 100 3.61 5.36 4.19
CA ASN A 100 3.97 4.65 5.45
C ASN A 100 2.75 4.45 6.37
N THR A 101 2.01 5.53 6.56
CA THR A 101 0.81 5.60 7.43
C THR A 101 -0.22 4.51 7.09
N LEU A 102 -0.66 4.49 5.83
CA LEU A 102 -1.64 3.49 5.35
C LEU A 102 -1.04 2.07 5.25
N MET A 103 0.19 1.97 4.74
CA MET A 103 0.92 0.69 4.59
C MET A 103 1.13 -0.06 5.92
N GLU A 104 1.61 0.67 6.93
CA GLU A 104 1.89 0.13 8.27
C GLU A 104 0.60 -0.34 8.95
N ARG A 105 0.73 -1.40 9.74
CA ARG A 105 -0.38 -2.14 10.40
C ARG A 105 -1.22 -2.96 9.41
N PHE A 106 -1.59 -2.33 8.30
CA PHE A 106 -2.31 -2.92 7.15
C PHE A 106 -1.65 -4.17 6.58
N LEU A 107 -0.38 -4.05 6.16
CA LEU A 107 0.45 -5.19 5.67
C LEU A 107 0.39 -6.44 6.58
N LYS A 108 0.38 -6.17 7.87
CA LYS A 108 0.35 -7.18 8.94
C LYS A 108 -1.06 -7.80 9.02
N ALA A 109 -2.06 -6.97 9.33
CA ALA A 109 -3.49 -7.29 9.57
C ALA A 109 -3.79 -8.33 10.67
N TYR A 110 -2.95 -9.34 10.77
CA TYR A 110 -2.90 -10.31 11.88
C TYR A 110 -2.41 -9.68 13.20
N VAL A 111 -1.10 -9.54 13.32
CA VAL A 111 -0.41 -9.11 14.57
C VAL A 111 -0.79 -7.73 15.12
N GLU A 112 -0.63 -6.66 14.32
CA GLU A 112 -0.95 -5.29 14.77
C GLU A 112 -2.42 -5.00 15.10
N CYS A 113 -3.33 -5.78 14.49
CA CYS A 113 -4.76 -5.77 14.83
C CYS A 113 -5.10 -6.54 16.12
N SER A 114 -4.16 -7.36 16.56
CA SER A 114 -4.30 -8.40 17.61
C SER A 114 -5.44 -9.38 17.31
N THR A 115 -5.52 -9.77 16.03
CA THR A 115 -6.60 -10.59 15.44
C THR A 115 -8.01 -10.22 15.97
N CYS A 116 -8.23 -8.90 15.93
CA CYS A 116 -9.28 -8.15 16.65
C CYS A 116 -9.11 -8.16 18.19
N LYS A 117 -8.36 -7.14 18.62
CA LYS A 117 -8.16 -6.80 20.05
C LYS A 117 -9.49 -6.64 20.82
N SER A 118 -10.16 -5.50 20.61
CA SER A 118 -11.50 -5.20 21.12
C SER A 118 -12.03 -3.90 20.49
N LEU A 119 -12.90 -4.08 19.50
CA LEU A 119 -13.55 -3.01 18.70
C LEU A 119 -12.59 -2.11 17.89
N ASP A 120 -13.08 -1.66 16.75
CA ASP A 120 -12.46 -0.66 15.83
C ASP A 120 -11.08 -0.91 15.21
N THR A 121 -10.30 -1.80 15.82
CA THR A 121 -8.95 -2.24 15.39
C THR A 121 -8.78 -2.48 13.87
N ILE A 122 -7.51 -2.52 13.50
CA ILE A 122 -6.93 -2.38 12.15
C ILE A 122 -7.80 -2.89 10.99
N LEU A 123 -8.45 -1.92 10.37
CA LEU A 123 -9.20 -2.09 9.11
C LEU A 123 -8.25 -2.46 7.95
N LYS A 124 -8.77 -3.30 7.09
CA LYS A 124 -7.99 -4.00 6.04
C LYS A 124 -8.49 -3.56 4.64
N LYS A 125 -7.73 -3.90 3.61
CA LYS A 125 -8.05 -3.49 2.22
C LYS A 125 -8.37 -4.67 1.31
N GLU A 126 -9.41 -4.45 0.49
CA GLU A 126 -9.83 -5.32 -0.61
C GLU A 126 -9.31 -4.82 -1.97
N LYS A 127 -9.08 -5.79 -2.85
CA LYS A 127 -8.59 -5.58 -4.23
C LYS A 127 -9.54 -4.69 -5.05
N LYS A 128 -9.09 -3.45 -5.25
CA LYS A 128 -9.79 -2.36 -5.98
C LYS A 128 -11.12 -1.89 -5.35
N SER A 129 -11.39 -2.37 -4.14
CA SER A 129 -12.65 -2.15 -3.39
C SER A 129 -12.46 -1.45 -2.02
N TRP A 130 -11.29 -1.67 -1.40
CA TRP A 130 -10.89 -1.16 -0.06
C TRP A 130 -11.70 -1.81 1.08
N TYR A 131 -12.99 -1.51 1.14
CA TYR A 131 -14.00 -1.90 2.13
C TYR A 131 -13.64 -2.92 3.24
N ILE A 132 -13.62 -4.20 2.86
CA ILE A 132 -13.32 -5.38 3.72
C ILE A 132 -14.42 -5.75 4.71
N VAL A 133 -14.42 -7.04 5.06
CA VAL A 133 -15.19 -7.58 6.19
C VAL A 133 -14.51 -7.09 7.48
N CYS A 134 -14.94 -5.89 7.89
CA CYS A 134 -14.43 -5.18 9.07
C CYS A 134 -14.66 -5.94 10.38
N LEU A 135 -13.66 -6.76 10.69
CA LEU A 135 -13.57 -7.68 11.86
C LEU A 135 -13.59 -7.04 13.27
N ALA A 136 -14.25 -5.90 13.38
CA ALA A 136 -14.27 -5.04 14.58
C ALA A 136 -15.31 -3.92 14.54
N CYS A 137 -15.40 -3.21 13.41
CA CYS A 137 -16.37 -2.11 13.24
C CYS A 137 -17.02 -2.11 11.83
N GLY A 138 -18.13 -2.85 11.75
CA GLY A 138 -18.99 -2.91 10.55
C GLY A 138 -19.07 -4.28 9.87
N ALA A 139 -20.28 -4.61 9.43
CA ALA A 139 -20.62 -5.90 8.77
C ALA A 139 -20.30 -5.94 7.26
N GLN A 140 -19.13 -5.37 6.95
CA GLN A 140 -18.59 -5.01 5.62
C GLN A 140 -19.47 -4.02 4.83
N THR A 141 -18.78 -3.13 4.13
CA THR A 141 -19.35 -2.37 3.00
C THR A 141 -19.28 -3.32 1.79
N PRO A 142 -20.42 -3.62 1.14
CA PRO A 142 -20.48 -4.61 0.05
C PRO A 142 -19.46 -4.31 -1.07
N VAL A 143 -18.47 -5.20 -1.11
CA VAL A 143 -17.28 -5.08 -1.97
C VAL A 143 -17.47 -4.65 -3.44
N LYS A 144 -18.47 -5.24 -4.09
CA LYS A 144 -18.85 -4.99 -5.50
C LYS A 144 -20.18 -5.70 -5.83
N PRO A 145 -20.90 -5.28 -6.89
CA PRO A 145 -22.00 -6.08 -7.47
C PRO A 145 -21.44 -7.36 -8.10
N LEU A 146 -22.04 -8.48 -7.72
CA LEU A 146 -21.66 -9.85 -8.16
C LEU A 146 -20.17 -10.18 -7.89
N GLU A 13 14.14 -11.04 -1.58
CA GLU A 13 13.10 -11.68 -0.75
C GLU A 13 11.71 -11.34 -1.31
N TYR A 14 10.87 -12.38 -1.43
CA TYR A 14 9.47 -12.23 -1.85
C TYR A 14 8.46 -12.83 -0.83
N VAL A 15 8.78 -12.57 0.44
CA VAL A 15 8.15 -13.11 1.65
C VAL A 15 7.85 -14.63 1.54
N GLU A 16 6.74 -15.10 2.11
CA GLU A 16 6.22 -16.48 1.93
C GLU A 16 5.77 -16.72 0.47
N MET A 17 6.75 -16.77 -0.42
CA MET A 17 6.57 -16.75 -1.88
C MET A 17 5.70 -17.89 -2.45
N LEU A 18 4.41 -17.59 -2.53
CA LEU A 18 3.40 -18.47 -3.16
C LEU A 18 3.54 -18.66 -4.68
N ASP A 19 4.31 -17.76 -5.31
CA ASP A 19 4.60 -17.67 -6.76
C ASP A 19 3.40 -17.34 -7.67
N ARG A 20 2.18 -17.52 -7.15
CA ARG A 20 0.89 -17.16 -7.78
C ARG A 20 0.90 -15.74 -8.35
N LEU A 21 1.12 -15.68 -9.67
CA LEU A 21 1.32 -14.48 -10.50
C LEU A 21 2.53 -13.58 -10.18
N TYR A 22 3.39 -14.05 -9.26
CA TYR A 22 4.67 -13.42 -8.89
C TYR A 22 5.64 -13.30 -10.07
N SER A 23 5.75 -14.38 -10.85
CA SER A 23 6.49 -14.39 -12.12
C SER A 23 5.55 -14.74 -13.27
N LYS A 24 4.80 -13.70 -13.67
CA LYS A 24 3.80 -13.71 -14.76
C LYS A 24 2.58 -14.64 -14.58
N LEU A 25 2.81 -15.94 -14.79
CA LEU A 25 1.78 -17.00 -14.91
C LEU A 25 0.84 -16.78 -16.12
N PRO A 26 0.49 -17.84 -16.87
CA PRO A 26 -0.32 -17.73 -18.10
C PRO A 26 -1.72 -17.14 -17.96
N GLU A 27 -2.27 -17.21 -16.74
CA GLU A 27 -3.65 -16.76 -16.40
C GLU A 27 -3.80 -16.58 -14.88
N LYS A 28 -4.95 -16.04 -14.49
CA LYS A 28 -5.33 -15.82 -13.09
C LYS A 28 -5.29 -17.10 -12.23
N GLY A 29 -4.93 -16.87 -10.96
CA GLY A 29 -4.89 -17.90 -9.91
C GLY A 29 -5.52 -17.38 -8.61
N ARG A 30 -5.05 -17.93 -7.51
CA ARG A 30 -5.49 -17.58 -6.13
C ARG A 30 -5.33 -16.07 -5.81
N LYS A 31 -4.23 -15.50 -6.28
CA LYS A 31 -3.85 -14.09 -6.08
C LYS A 31 -2.63 -13.71 -6.96
N GLU A 32 -2.51 -12.41 -7.19
CA GLU A 32 -1.38 -11.81 -7.94
C GLU A 32 0.00 -11.93 -7.27
N GLY A 33 0.00 -12.03 -5.94
CA GLY A 33 1.21 -12.27 -5.12
C GLY A 33 0.90 -12.10 -3.62
N THR A 34 1.94 -12.25 -2.81
CA THR A 34 1.86 -11.96 -1.37
C THR A 34 2.77 -10.76 -1.08
N GLN A 35 2.17 -9.59 -1.24
CA GLN A 35 2.82 -8.29 -1.04
C GLN A 35 3.06 -7.96 0.45
N SER A 36 4.28 -8.22 0.89
CA SER A 36 4.81 -7.82 2.22
C SER A 36 6.32 -8.04 2.33
N LEU A 37 7.00 -7.01 2.85
CA LEU A 37 8.46 -7.01 3.09
C LEU A 37 8.81 -6.20 4.36
N PRO A 38 9.84 -6.59 5.12
CA PRO A 38 10.28 -5.87 6.33
C PRO A 38 10.74 -4.42 6.10
N ASN A 39 11.19 -4.11 4.88
CA ASN A 39 11.59 -2.75 4.42
C ASN A 39 10.40 -1.78 4.45
N MET A 40 10.14 -1.25 5.65
CA MET A 40 8.99 -0.37 5.94
C MET A 40 9.46 0.97 6.55
N ILE A 41 9.71 1.92 5.63
CA ILE A 41 10.09 3.32 5.91
C ILE A 41 10.33 4.12 4.61
N ILE A 42 9.76 5.32 4.56
CA ILE A 42 10.06 6.28 3.47
C ILE A 42 10.93 7.41 4.02
N LEU A 43 12.22 7.30 3.73
CA LEU A 43 13.22 8.33 4.08
C LEU A 43 13.01 9.61 3.25
N ASN A 44 13.44 10.74 3.81
CA ASN A 44 13.37 12.04 3.14
C ASN A 44 14.68 12.81 3.15
N ILE A 45 14.77 13.77 2.23
CA ILE A 45 15.68 14.92 2.34
C ILE A 45 14.84 16.21 2.32
N GLY A 46 14.24 16.46 3.48
CA GLY A 46 13.28 17.56 3.68
C GLY A 46 11.87 17.17 3.23
N ASN A 47 11.22 18.09 2.52
CA ASN A 47 9.85 17.94 1.97
C ASN A 47 9.71 16.93 0.81
N THR A 48 10.52 15.87 0.85
CA THR A 48 10.69 14.90 -0.25
C THR A 48 10.52 13.46 0.22
N THR A 49 10.37 12.55 -0.75
CA THR A 49 10.62 11.12 -0.56
C THR A 49 11.97 10.77 -1.20
N ILE A 50 12.70 9.89 -0.53
CA ILE A 50 13.85 9.19 -1.14
C ILE A 50 13.78 7.70 -0.77
N ILE A 51 13.14 6.97 -1.67
CA ILE A 51 12.90 5.53 -1.50
C ILE A 51 13.35 4.64 -2.68
N ARG A 52 13.86 3.49 -2.29
CA ARG A 52 14.29 2.40 -3.20
C ARG A 52 13.22 1.31 -3.44
N ASN A 53 12.51 0.91 -2.38
CA ASN A 53 11.45 -0.11 -2.45
C ASN A 53 10.11 0.35 -3.08
N PHE A 54 10.19 1.34 -3.98
CA PHE A 54 8.98 2.01 -4.54
C PHE A 54 8.01 1.10 -5.30
N ALA A 55 8.53 0.17 -6.11
CA ALA A 55 7.72 -0.85 -6.80
C ALA A 55 6.88 -1.70 -5.83
N GLU A 56 7.53 -2.25 -4.81
CA GLU A 56 6.85 -2.97 -3.71
C GLU A 56 5.95 -2.07 -2.86
N TYR A 57 6.36 -0.83 -2.62
CA TYR A 57 5.52 0.19 -1.95
C TYR A 57 4.17 0.43 -2.66
N CYS A 58 4.23 0.59 -3.98
CA CYS A 58 3.05 0.73 -4.87
C CYS A 58 2.10 -0.49 -4.87
N ASP A 59 2.66 -1.67 -4.61
CA ASP A 59 1.88 -2.91 -4.41
C ASP A 59 1.42 -3.18 -2.96
N ARG A 60 2.18 -2.69 -1.98
CA ARG A 60 1.85 -2.81 -0.55
C ARG A 60 0.92 -1.71 0.01
N ILE A 61 0.81 -0.58 -0.69
CA ILE A 61 -0.23 0.44 -0.43
C ILE A 61 -1.65 -0.14 -0.54
N ARG A 62 -1.95 -0.71 -1.72
CA ARG A 62 -3.19 -1.45 -2.02
C ARG A 62 -3.13 -2.12 -3.42
N ARG A 63 -1.99 -2.79 -3.67
CA ARG A 63 -1.57 -3.43 -4.95
C ARG A 63 -1.44 -2.48 -6.16
N GLU A 64 -2.49 -1.70 -6.39
CA GLU A 64 -2.63 -0.72 -7.48
C GLU A 64 -1.71 0.49 -7.30
N ASP A 65 -0.61 0.47 -8.06
CA ASP A 65 0.30 1.63 -8.24
C ASP A 65 -0.44 2.99 -8.41
N LYS A 66 -1.57 2.96 -9.12
CA LYS A 66 -2.43 4.14 -9.35
C LYS A 66 -2.94 4.84 -8.08
N ILE A 67 -3.25 4.08 -7.02
CA ILE A 67 -3.71 4.69 -5.75
C ILE A 67 -2.56 5.46 -5.03
N CYS A 68 -1.37 4.89 -5.07
CA CYS A 68 -0.12 5.55 -4.62
C CYS A 68 0.15 6.82 -5.45
N MET A 69 -0.05 6.71 -6.78
CA MET A 69 0.04 7.82 -7.73
C MET A 69 -0.95 8.97 -7.42
N LYS A 70 -2.21 8.60 -7.14
CA LYS A 70 -3.23 9.56 -6.68
C LYS A 70 -2.81 10.32 -5.41
N TYR A 71 -2.27 9.56 -4.44
CA TYR A 71 -1.71 10.12 -3.19
C TYR A 71 -0.49 11.04 -3.41
N LEU A 72 0.43 10.66 -4.30
CA LEU A 72 1.56 11.50 -4.71
C LEU A 72 1.21 12.67 -5.67
N LEU A 73 -0.09 12.90 -5.84
CA LEU A 73 -0.61 14.14 -6.42
C LEU A 73 -1.38 14.93 -5.33
N LYS A 74 -2.37 14.27 -4.73
CA LYS A 74 -3.22 14.85 -3.66
C LYS A 74 -2.51 15.33 -2.39
N GLU A 75 -1.38 14.73 -2.06
CA GLU A 75 -0.54 15.16 -0.94
C GLU A 75 0.81 15.75 -1.38
N LEU A 76 0.81 16.39 -2.55
CA LEU A 76 2.02 17.00 -3.13
C LEU A 76 1.88 18.52 -3.35
N ALA A 77 2.41 19.25 -2.39
CA ALA A 77 2.51 20.73 -2.42
C ALA A 77 3.32 21.28 -3.62
N ALA A 78 4.30 20.50 -4.09
CA ALA A 78 5.14 20.83 -5.24
C ALA A 78 5.06 19.69 -6.29
N PRO A 79 5.18 19.98 -7.59
CA PRO A 79 5.27 18.93 -8.62
C PRO A 79 6.63 18.22 -8.64
N GLY A 80 6.74 17.24 -7.72
CA GLY A 80 7.90 16.33 -7.62
C GLY A 80 7.92 15.28 -8.75
N ASN A 81 9.03 14.54 -8.83
CA ASN A 81 9.20 13.54 -9.91
C ASN A 81 8.87 12.11 -9.47
N VAL A 82 8.27 11.39 -10.40
CA VAL A 82 7.86 9.98 -10.20
C VAL A 82 8.83 9.01 -10.90
N ASP A 83 9.84 8.66 -10.11
CA ASP A 83 10.94 7.73 -10.44
C ASP A 83 12.00 8.34 -11.38
N ASP A 84 13.23 8.04 -10.99
CA ASP A 84 14.48 8.35 -11.72
C ASP A 84 15.08 7.01 -12.18
N LYS A 85 16.41 6.89 -12.28
CA LYS A 85 17.09 5.60 -12.48
C LYS A 85 16.92 4.70 -11.23
N GLY A 86 15.80 3.97 -11.24
CA GLY A 86 15.43 2.97 -10.21
C GLY A 86 15.38 3.51 -8.78
N GLU A 87 14.73 4.67 -8.61
CA GLU A 87 14.63 5.43 -7.34
C GLU A 87 13.48 6.45 -7.39
N LEU A 88 12.84 6.66 -6.25
CA LEU A 88 11.72 7.62 -6.13
C LEU A 88 12.06 8.81 -5.21
N VAL A 89 12.16 9.99 -5.83
CA VAL A 89 12.32 11.29 -5.12
C VAL A 89 11.22 12.31 -5.48
N ILE A 90 10.12 12.26 -4.71
CA ILE A 90 8.95 13.12 -4.98
C ILE A 90 8.68 14.10 -3.81
N GLN A 91 8.33 15.35 -4.16
CA GLN A 91 8.31 16.47 -3.20
C GLN A 91 6.88 16.99 -2.94
N GLY A 92 6.57 17.13 -1.65
CA GLY A 92 5.26 17.58 -1.14
C GLY A 92 5.15 17.35 0.37
N LYS A 93 4.03 16.75 0.76
CA LYS A 93 3.76 16.31 2.14
C LYS A 93 4.02 14.79 2.27
N PHE A 94 5.07 14.36 1.57
CA PHE A 94 5.41 12.94 1.37
C PHE A 94 6.74 12.56 2.03
N SER A 95 6.70 11.35 2.59
CA SER A 95 7.73 10.58 3.34
C SER A 95 7.23 10.21 4.74
N SER A 96 7.75 9.09 5.25
CA SER A 96 7.40 8.42 6.53
C SER A 96 5.94 7.97 6.71
N GLN A 97 5.00 8.80 6.25
CA GLN A 97 3.53 8.57 6.30
C GLN A 97 2.93 8.27 4.91
N VAL A 98 1.60 8.38 4.83
CA VAL A 98 0.73 8.24 3.63
C VAL A 98 0.82 6.81 3.08
N ILE A 99 1.71 6.59 2.12
CA ILE A 99 1.97 5.25 1.53
C ILE A 99 2.38 4.28 2.63
N ASN A 100 3.32 4.73 3.46
CA ASN A 100 3.85 3.97 4.60
C ASN A 100 2.83 3.76 5.73
N THR A 101 1.93 4.72 5.94
CA THR A 101 0.83 4.61 6.93
C THR A 101 -0.04 3.38 6.63
N LEU A 102 -0.62 3.36 5.43
CA LEU A 102 -1.46 2.23 4.99
C LEU A 102 -0.62 0.93 4.89
N MET A 103 0.59 1.04 4.33
CA MET A 103 1.51 -0.09 4.22
C MET A 103 1.85 -0.75 5.58
N GLU A 104 2.13 0.06 6.60
CA GLU A 104 2.43 -0.40 7.97
C GLU A 104 1.28 -1.25 8.57
N ARG A 105 0.08 -0.65 8.60
CA ARG A 105 -1.14 -1.34 9.09
C ARG A 105 -1.56 -2.56 8.24
N PHE A 106 -1.30 -2.51 6.94
CA PHE A 106 -1.41 -3.64 6.00
C PHE A 106 -0.42 -4.79 6.32
N LEU A 107 0.86 -4.47 6.17
CA LEU A 107 2.01 -5.40 6.28
C LEU A 107 2.09 -6.11 7.63
N LYS A 108 1.78 -5.37 8.71
CA LYS A 108 1.77 -5.89 10.08
C LYS A 108 0.38 -5.87 10.73
N ALA A 109 -0.65 -6.15 9.92
CA ALA A 109 -2.08 -6.11 10.32
C ALA A 109 -2.43 -6.82 11.64
N TYR A 110 -1.92 -8.05 11.80
CA TYR A 110 -2.17 -8.87 13.00
C TYR A 110 -1.77 -8.23 14.34
N VAL A 111 -0.73 -7.39 14.31
CA VAL A 111 -0.30 -6.60 15.49
C VAL A 111 -0.77 -5.14 15.46
N GLU A 112 -0.52 -4.45 14.34
CA GLU A 112 -0.84 -3.01 14.16
C GLU A 112 -2.34 -2.65 14.20
N CYS A 113 -3.15 -3.60 13.73
CA CYS A 113 -4.62 -3.49 13.65
C CYS A 113 -5.37 -4.44 14.61
N SER A 114 -4.71 -5.53 15.01
CA SER A 114 -5.32 -6.65 15.77
C SER A 114 -6.66 -7.12 15.17
N THR A 115 -6.60 -7.38 13.86
CA THR A 115 -7.71 -7.83 12.98
C THR A 115 -8.72 -6.72 12.65
N CYS A 116 -9.31 -6.12 13.69
CA CYS A 116 -10.39 -5.13 13.56
C CYS A 116 -9.86 -3.73 13.21
N LYS A 117 -10.07 -3.35 11.93
CA LYS A 117 -9.61 -2.05 11.39
C LYS A 117 -10.13 -0.84 12.20
N SER A 118 -11.36 -0.95 12.71
CA SER A 118 -12.00 0.00 13.62
C SER A 118 -13.33 -0.60 14.11
N LEU A 119 -13.71 -0.21 15.33
CA LEU A 119 -14.89 -0.72 16.07
C LEU A 119 -14.86 -2.24 16.35
N ASP A 120 -15.62 -2.64 17.36
CA ASP A 120 -15.73 -4.06 17.78
C ASP A 120 -16.54 -4.91 16.78
N THR A 121 -15.92 -5.14 15.63
CA THR A 121 -16.45 -5.98 14.51
C THR A 121 -15.25 -6.36 13.63
N ILE A 122 -15.25 -7.60 13.18
CA ILE A 122 -14.23 -8.15 12.27
C ILE A 122 -14.37 -7.56 10.85
N LEU A 123 -13.87 -6.33 10.73
CA LEU A 123 -13.88 -5.57 9.48
C LEU A 123 -12.49 -5.15 9.01
N LYS A 124 -12.39 -5.05 7.69
CA LYS A 124 -11.13 -4.84 6.95
C LYS A 124 -11.51 -4.25 5.57
N LYS A 125 -10.56 -4.27 4.63
CA LYS A 125 -10.78 -3.73 3.26
C LYS A 125 -10.68 -4.84 2.21
N GLU A 126 -11.50 -4.73 1.17
CA GLU A 126 -11.44 -5.66 0.03
C GLU A 126 -10.32 -5.29 -0.95
N LYS A 127 -9.58 -6.31 -1.34
CA LYS A 127 -8.54 -6.21 -2.41
C LYS A 127 -9.15 -5.74 -3.75
N LYS A 128 -8.61 -4.62 -4.23
CA LYS A 128 -8.96 -3.97 -5.51
C LYS A 128 -10.48 -3.79 -5.74
N SER A 129 -11.11 -3.28 -4.68
CA SER A 129 -12.60 -3.17 -4.55
C SER A 129 -13.06 -2.35 -3.33
N TRP A 130 -12.36 -2.51 -2.22
CA TRP A 130 -12.57 -1.76 -0.95
C TRP A 130 -13.98 -1.80 -0.31
N TYR A 131 -14.61 -2.97 -0.43
CA TYR A 131 -15.88 -3.21 0.28
C TYR A 131 -15.72 -4.08 1.55
N ILE A 132 -15.87 -5.41 1.45
CA ILE A 132 -15.89 -6.36 2.58
C ILE A 132 -17.12 -6.16 3.49
N VAL A 133 -17.52 -7.26 4.14
CA VAL A 133 -18.62 -7.27 5.12
C VAL A 133 -18.14 -6.58 6.41
N CYS A 134 -18.15 -5.26 6.33
CA CYS A 134 -17.71 -4.38 7.44
C CYS A 134 -18.78 -4.08 8.50
N LEU A 135 -20.03 -3.89 8.04
CA LEU A 135 -21.24 -3.60 8.85
C LEU A 135 -21.15 -2.29 9.66
N ALA A 136 -20.40 -2.33 10.77
CA ALA A 136 -20.22 -1.19 11.70
C ALA A 136 -19.43 -0.02 11.09
N CYS A 137 -18.21 -0.30 10.64
CA CYS A 137 -17.34 0.73 10.01
C CYS A 137 -17.11 0.37 8.54
N GLY A 138 -18.13 0.73 7.76
CA GLY A 138 -18.17 0.51 6.29
C GLY A 138 -19.34 -0.39 5.89
N ALA A 139 -19.70 -0.32 4.61
CA ALA A 139 -20.87 -1.04 4.07
C ALA A 139 -20.47 -2.16 3.13
N GLN A 140 -21.13 -3.30 3.35
CA GLN A 140 -20.92 -4.55 2.57
C GLN A 140 -21.63 -4.53 1.20
N THR A 141 -20.96 -3.89 0.27
CA THR A 141 -21.29 -3.92 -1.17
C THR A 141 -20.92 -5.32 -1.71
N PRO A 142 -21.80 -5.97 -2.49
CA PRO A 142 -21.52 -7.30 -3.10
C PRO A 142 -20.31 -7.28 -4.04
N VAL A 143 -19.22 -7.80 -3.50
CA VAL A 143 -17.85 -7.80 -4.08
C VAL A 143 -17.59 -8.61 -5.37
N LYS A 144 -18.62 -8.75 -6.21
CA LYS A 144 -18.66 -9.65 -7.38
C LYS A 144 -17.33 -10.01 -8.08
N PRO A 145 -16.69 -11.11 -7.67
CA PRO A 145 -15.41 -11.56 -8.23
C PRO A 145 -15.57 -12.21 -9.62
N LEU A 146 -14.52 -12.11 -10.42
CA LEU A 146 -14.46 -12.73 -11.76
C LEU A 146 -14.64 -14.27 -11.79
N GLU A 13 9.46 -15.80 3.36
CA GLU A 13 8.85 -16.63 4.42
C GLU A 13 7.93 -15.79 5.32
N TYR A 14 6.94 -16.48 5.91
CA TYR A 14 5.89 -15.89 6.79
C TYR A 14 5.01 -14.82 6.09
N VAL A 15 4.81 -15.02 4.79
CA VAL A 15 4.04 -14.09 3.93
C VAL A 15 2.71 -14.71 3.47
N GLU A 16 1.73 -13.83 3.26
CA GLU A 16 0.36 -14.13 2.78
C GLU A 16 0.24 -14.75 1.37
N MET A 17 1.08 -15.74 1.10
CA MET A 17 1.28 -16.38 -0.22
C MET A 17 0.23 -17.46 -0.52
N LEU A 18 -0.90 -16.99 -1.06
CA LEU A 18 -2.03 -17.86 -1.47
C LEU A 18 -1.81 -18.70 -2.75
N ASP A 19 -0.79 -18.35 -3.53
CA ASP A 19 -0.29 -19.06 -4.74
C ASP A 19 -1.19 -19.04 -5.99
N ARG A 20 -2.51 -18.87 -5.80
CA ARG A 20 -3.51 -18.70 -6.88
C ARG A 20 -2.99 -17.81 -8.01
N LEU A 21 -2.71 -18.45 -9.15
CA LEU A 21 -2.10 -17.86 -10.37
C LEU A 21 -0.58 -17.64 -10.40
N TYR A 22 0.05 -17.59 -9.21
CA TYR A 22 1.50 -17.27 -9.05
C TYR A 22 2.46 -18.20 -9.84
N SER A 23 2.12 -19.49 -9.85
CA SER A 23 2.95 -20.55 -10.45
C SER A 23 2.07 -21.75 -10.87
N LYS A 24 2.57 -22.46 -11.88
CA LYS A 24 1.97 -23.67 -12.51
C LYS A 24 0.67 -23.42 -13.29
N LEU A 25 -0.28 -22.76 -12.64
CA LEU A 25 -1.57 -22.35 -13.25
C LEU A 25 -1.80 -20.82 -13.13
N PRO A 26 -1.35 -20.06 -14.12
CA PRO A 26 -1.70 -18.63 -14.24
C PRO A 26 -2.95 -18.45 -15.12
N GLU A 27 -3.14 -17.24 -15.66
CA GLU A 27 -4.23 -16.87 -16.59
C GLU A 27 -5.64 -17.01 -15.97
N LYS A 28 -6.67 -16.82 -16.81
CA LYS A 28 -8.12 -16.78 -16.45
C LYS A 28 -8.53 -15.56 -15.63
N GLY A 29 -7.68 -15.21 -14.66
CA GLY A 29 -7.72 -13.92 -13.92
C GLY A 29 -6.42 -13.15 -14.14
N ARG A 30 -6.10 -12.31 -13.16
CA ARG A 30 -4.87 -11.47 -13.19
C ARG A 30 -3.82 -11.83 -12.13
N LYS A 31 -4.05 -11.42 -10.88
CA LYS A 31 -3.14 -11.57 -9.72
C LYS A 31 -1.85 -10.75 -9.85
N GLU A 32 -1.30 -10.39 -8.68
CA GLU A 32 -0.04 -9.61 -8.58
C GLU A 32 1.10 -10.30 -7.81
N GLY A 33 0.74 -11.00 -6.74
CA GLY A 33 1.68 -11.72 -5.86
C GLY A 33 1.72 -11.12 -4.45
N THR A 34 2.79 -11.46 -3.72
CA THR A 34 2.96 -11.07 -2.31
C THR A 34 4.12 -10.11 -2.04
N GLN A 35 3.75 -9.06 -1.33
CA GLN A 35 4.63 -7.91 -1.01
C GLN A 35 4.86 -7.75 0.51
N SER A 36 3.83 -7.34 1.24
CA SER A 36 3.80 -7.02 2.68
C SER A 36 4.65 -7.90 3.62
N LEU A 37 5.84 -7.36 3.90
CA LEU A 37 6.91 -7.88 4.78
C LEU A 37 8.25 -7.13 4.79
N PRO A 38 8.87 -6.75 3.66
CA PRO A 38 10.12 -5.97 3.64
C PRO A 38 9.93 -4.48 4.02
N ASN A 39 9.30 -4.27 5.16
CA ASN A 39 8.87 -2.97 5.75
C ASN A 39 9.03 -1.72 4.87
N MET A 40 8.02 -1.50 4.05
CA MET A 40 8.00 -0.39 3.07
C MET A 40 7.70 0.98 3.67
N ILE A 41 8.78 1.58 4.14
CA ILE A 41 8.83 2.97 4.68
C ILE A 41 9.78 3.83 3.83
N ILE A 42 9.51 5.14 3.79
CA ILE A 42 10.25 6.05 2.90
C ILE A 42 11.10 7.09 3.66
N LEU A 43 12.29 7.34 3.13
CA LEU A 43 13.31 8.19 3.78
C LEU A 43 13.13 9.68 3.49
N ASN A 44 12.82 10.41 4.55
CA ASN A 44 12.54 11.86 4.55
C ASN A 44 13.79 12.78 4.42
N ILE A 45 14.05 13.14 3.18
CA ILE A 45 15.20 13.98 2.80
C ILE A 45 14.79 15.44 2.49
N GLY A 46 14.15 16.04 3.49
CA GLY A 46 13.69 17.44 3.50
C GLY A 46 12.61 17.78 2.45
N ASN A 47 11.36 17.67 2.86
CA ASN A 47 10.14 17.89 2.03
C ASN A 47 10.09 17.11 0.70
N THR A 48 10.77 15.97 0.73
CA THR A 48 10.91 14.99 -0.36
C THR A 48 11.44 13.68 0.23
N THR A 49 10.96 12.58 -0.32
CA THR A 49 11.28 11.22 0.17
C THR A 49 11.85 10.26 -0.88
N ILE A 50 12.79 9.45 -0.44
CA ILE A 50 13.48 8.46 -1.30
C ILE A 50 13.28 7.01 -0.81
N ILE A 51 13.08 6.12 -1.79
CA ILE A 51 12.96 4.66 -1.59
C ILE A 51 13.46 3.87 -2.82
N ARG A 52 14.08 2.73 -2.54
CA ARG A 52 14.57 1.77 -3.55
C ARG A 52 13.56 0.71 -4.01
N ASN A 53 13.10 -0.17 -3.11
CA ASN A 53 12.12 -1.24 -3.37
C ASN A 53 10.66 -0.78 -3.60
N PHE A 54 10.52 0.28 -4.39
CA PHE A 54 9.25 1.03 -4.60
C PHE A 54 8.05 0.23 -5.12
N ALA A 55 8.26 -0.74 -6.02
CA ALA A 55 7.16 -1.58 -6.56
C ALA A 55 6.35 -2.29 -5.45
N GLU A 56 7.07 -2.83 -4.47
CA GLU A 56 6.49 -3.46 -3.28
C GLU A 56 5.67 -2.46 -2.45
N TYR A 57 6.23 -1.27 -2.28
CA TYR A 57 5.59 -0.13 -1.57
C TYR A 57 4.31 0.33 -2.27
N CYS A 58 4.37 0.47 -3.59
CA CYS A 58 3.23 0.83 -4.45
C CYS A 58 2.06 -0.17 -4.30
N ASP A 59 2.37 -1.46 -4.38
CA ASP A 59 1.39 -2.52 -4.09
C ASP A 59 0.86 -2.54 -2.64
N ARG A 60 1.74 -2.24 -1.68
CA ARG A 60 1.40 -2.12 -0.24
C ARG A 60 0.50 -0.94 0.16
N ILE A 61 0.62 0.18 -0.55
CA ILE A 61 -0.41 1.24 -0.51
C ILE A 61 -1.66 0.82 -1.32
N ARG A 62 -1.46 0.30 -2.54
CA ARG A 62 -2.52 -0.30 -3.37
C ARG A 62 -1.96 -0.98 -4.63
N ARG A 63 -2.47 -2.18 -4.89
CA ARG A 63 -2.31 -2.85 -6.21
C ARG A 63 -2.71 -1.93 -7.38
N GLU A 64 -3.73 -1.12 -7.15
CA GLU A 64 -4.17 -0.05 -8.07
C GLU A 64 -3.18 1.12 -8.04
N ASP A 65 -2.07 0.93 -8.75
CA ASP A 65 -1.02 1.96 -8.94
C ASP A 65 -1.53 3.32 -9.44
N LYS A 66 -2.64 3.30 -10.20
CA LYS A 66 -3.35 4.50 -10.66
C LYS A 66 -3.77 5.43 -9.51
N ILE A 67 -4.45 4.87 -8.51
CA ILE A 67 -4.89 5.64 -7.32
C ILE A 67 -3.71 6.08 -6.41
N CYS A 68 -2.67 5.24 -6.36
CA CYS A 68 -1.38 5.59 -5.73
C CYS A 68 -0.74 6.85 -6.36
N MET A 69 -0.66 6.84 -7.70
CA MET A 69 -0.20 8.00 -8.51
C MET A 69 -1.09 9.25 -8.29
N LYS A 70 -2.40 9.02 -8.26
CA LYS A 70 -3.40 10.07 -7.92
C LYS A 70 -3.15 10.74 -6.56
N TYR A 71 -3.01 9.92 -5.52
CA TYR A 71 -2.68 10.38 -4.14
C TYR A 71 -1.35 11.13 -4.07
N LEU A 72 -0.35 10.58 -4.78
CA LEU A 72 0.99 11.17 -4.97
C LEU A 72 0.87 12.60 -5.51
N LEU A 73 0.25 12.73 -6.68
CA LEU A 73 0.02 14.02 -7.35
C LEU A 73 -0.81 15.00 -6.49
N LYS A 74 -1.94 14.51 -5.98
CA LYS A 74 -2.91 15.30 -5.19
C LYS A 74 -2.32 15.92 -3.92
N GLU A 75 -1.43 15.18 -3.24
CA GLU A 75 -0.74 15.66 -2.04
C GLU A 75 0.50 16.57 -2.31
N LEU A 76 0.99 16.55 -3.54
CA LEU A 76 2.27 17.20 -3.88
C LEU A 76 2.22 18.71 -4.17
N ALA A 77 2.31 19.43 -3.05
CA ALA A 77 2.56 20.91 -3.00
C ALA A 77 3.87 21.36 -3.65
N ALA A 78 4.74 20.39 -3.92
CA ALA A 78 6.03 20.55 -4.63
C ALA A 78 6.02 19.60 -5.83
N PRO A 79 6.73 19.91 -6.94
CA PRO A 79 6.74 19.07 -8.15
C PRO A 79 7.29 17.66 -7.90
N GLY A 80 6.70 16.71 -8.62
CA GLY A 80 7.02 15.27 -8.55
C GLY A 80 8.41 14.89 -9.09
N ASN A 81 9.42 15.30 -8.33
CA ASN A 81 10.84 14.97 -8.56
C ASN A 81 11.10 13.49 -8.17
N VAL A 82 11.83 12.81 -9.05
CA VAL A 82 12.11 11.37 -8.94
C VAL A 82 13.56 11.03 -9.36
N ASP A 83 14.14 10.06 -8.66
CA ASP A 83 15.49 9.54 -8.96
C ASP A 83 15.42 8.52 -10.13
N ASP A 84 15.13 9.06 -11.31
CA ASP A 84 14.97 8.28 -12.56
C ASP A 84 16.19 7.41 -12.94
N LYS A 85 17.36 7.79 -12.43
CA LYS A 85 18.62 7.03 -12.54
C LYS A 85 18.49 5.57 -12.05
N GLY A 86 17.73 5.35 -10.98
CA GLY A 86 17.44 4.00 -10.45
C GLY A 86 16.76 3.87 -9.07
N GLU A 87 15.91 4.82 -8.71
CA GLU A 87 15.18 4.87 -7.42
C GLU A 87 13.95 5.80 -7.49
N LEU A 88 13.07 5.67 -6.49
CA LEU A 88 11.87 6.51 -6.40
C LEU A 88 12.01 7.61 -5.35
N VAL A 89 11.68 8.81 -5.80
CA VAL A 89 11.67 10.05 -5.01
C VAL A 89 10.31 10.73 -5.21
N ILE A 90 9.76 11.18 -4.09
CA ILE A 90 8.47 11.91 -4.06
C ILE A 90 8.68 13.26 -3.36
N GLN A 91 8.81 14.32 -4.15
CA GLN A 91 8.97 15.70 -3.63
C GLN A 91 7.63 16.41 -3.39
N GLY A 92 7.28 16.50 -2.11
CA GLY A 92 6.05 17.12 -1.62
C GLY A 92 5.67 16.66 -0.21
N LYS A 93 4.37 16.63 0.03
CA LYS A 93 3.77 16.22 1.33
C LYS A 93 4.05 14.76 1.72
N PHE A 94 4.38 13.93 0.73
CA PHE A 94 4.76 12.52 0.93
C PHE A 94 6.08 12.35 1.71
N SER A 95 5.90 12.39 3.04
CA SER A 95 6.94 11.96 3.99
C SER A 95 6.37 10.92 4.97
N SER A 96 6.28 9.70 4.46
CA SER A 96 5.66 8.50 5.09
C SER A 96 4.15 8.56 5.44
N GLN A 97 3.67 9.76 5.75
CA GLN A 97 2.28 10.11 6.14
C GLN A 97 1.10 9.57 5.29
N VAL A 98 1.37 9.17 4.06
CA VAL A 98 0.35 8.63 3.14
C VAL A 98 0.68 7.16 2.82
N ILE A 99 1.73 6.96 2.02
CA ILE A 99 2.26 5.64 1.58
C ILE A 99 2.41 4.63 2.72
N ASN A 100 3.44 4.81 3.56
CA ASN A 100 3.65 4.04 4.80
C ASN A 100 2.39 3.86 5.67
N THR A 101 1.56 4.88 5.78
CA THR A 101 0.28 4.81 6.52
C THR A 101 -0.63 3.68 6.00
N LEU A 102 -0.88 3.65 4.69
CA LEU A 102 -1.67 2.55 4.09
C LEU A 102 -0.93 1.20 4.16
N MET A 103 0.39 1.22 3.94
CA MET A 103 1.28 0.06 4.14
C MET A 103 1.19 -0.56 5.55
N GLU A 104 1.12 0.29 6.57
CA GLU A 104 0.94 -0.15 7.97
C GLU A 104 -0.48 -0.61 8.34
N ARG A 105 -1.51 0.11 7.90
CA ARG A 105 -2.90 -0.33 8.07
C ARG A 105 -3.21 -1.66 7.32
N PHE A 106 -2.41 -1.94 6.30
CA PHE A 106 -2.25 -3.27 5.68
C PHE A 106 -1.46 -4.25 6.56
N LEU A 107 -0.12 -4.19 6.54
CA LEU A 107 0.74 -5.16 7.25
C LEU A 107 0.67 -5.10 8.79
N LYS A 108 1.05 -3.96 9.35
CA LYS A 108 1.08 -3.70 10.81
C LYS A 108 -0.28 -3.96 11.50
N ALA A 109 -1.38 -3.79 10.75
CA ALA A 109 -2.76 -4.07 11.18
C ALA A 109 -2.94 -5.33 12.05
N TYR A 110 -2.17 -6.37 11.74
CA TYR A 110 -2.06 -7.60 12.56
C TYR A 110 -1.84 -7.30 14.05
N VAL A 111 -0.68 -6.72 14.39
CA VAL A 111 -0.36 -6.27 15.75
C VAL A 111 -1.16 -5.02 16.21
N GLU A 112 -1.46 -4.15 15.25
CA GLU A 112 -2.24 -2.90 15.44
C GLU A 112 -3.67 -3.15 15.99
N CYS A 113 -4.27 -4.29 15.63
CA CYS A 113 -5.54 -4.76 16.22
C CYS A 113 -5.37 -5.99 17.14
N SER A 114 -4.17 -6.16 17.69
CA SER A 114 -3.75 -7.29 18.55
C SER A 114 -4.25 -8.67 18.08
N THR A 115 -4.01 -8.93 16.78
CA THR A 115 -4.44 -10.12 16.04
C THR A 115 -5.95 -10.37 16.20
N CYS A 116 -6.70 -9.37 15.73
CA CYS A 116 -8.18 -9.26 15.80
C CYS A 116 -8.78 -9.47 17.21
N LYS A 117 -8.06 -8.93 18.20
CA LYS A 117 -8.30 -8.95 19.66
C LYS A 117 -9.69 -9.43 20.13
N SER A 118 -10.71 -8.63 19.81
CA SER A 118 -12.12 -9.08 19.96
C SER A 118 -12.96 -8.69 18.74
N LEU A 119 -12.74 -9.51 17.70
CA LEU A 119 -13.53 -9.59 16.45
C LEU A 119 -13.85 -8.21 15.84
N ASP A 120 -12.87 -7.66 15.13
CA ASP A 120 -12.97 -6.27 14.65
C ASP A 120 -13.57 -6.13 13.25
N THR A 121 -14.88 -5.90 13.25
CA THR A 121 -15.75 -5.71 12.07
C THR A 121 -15.49 -4.42 11.27
N ILE A 122 -14.26 -4.32 10.78
CA ILE A 122 -13.78 -3.23 9.90
C ILE A 122 -14.29 -3.41 8.46
N LEU A 123 -15.36 -2.67 8.17
CA LEU A 123 -15.90 -2.55 6.81
C LEU A 123 -15.85 -1.11 6.27
N LYS A 124 -15.36 -1.01 5.03
CA LYS A 124 -15.19 0.23 4.25
C LYS A 124 -14.64 -0.14 2.85
N LYS A 125 -14.10 0.84 2.14
CA LYS A 125 -13.46 0.75 0.78
C LYS A 125 -14.48 0.53 -0.34
N GLU A 126 -14.19 1.18 -1.49
CA GLU A 126 -15.09 1.24 -2.67
C GLU A 126 -14.36 1.83 -3.88
N LYS A 127 -14.79 1.44 -5.08
CA LYS A 127 -14.24 1.83 -6.38
C LYS A 127 -12.81 1.32 -6.67
N LYS A 128 -12.48 1.24 -7.97
CA LYS A 128 -11.20 0.70 -8.46
C LYS A 128 -10.82 -0.69 -7.92
N SER A 129 -11.80 -1.59 -7.95
CA SER A 129 -11.71 -2.98 -7.46
C SER A 129 -11.32 -3.15 -5.97
N TRP A 130 -11.59 -2.11 -5.17
CA TRP A 130 -11.40 -2.14 -3.71
C TRP A 130 -12.33 -3.12 -2.97
N TYR A 131 -12.16 -3.11 -1.65
CA TYR A 131 -12.72 -3.96 -0.56
C TYR A 131 -11.64 -4.90 0.00
N ILE A 132 -11.96 -5.52 1.14
CA ILE A 132 -11.04 -6.43 1.85
C ILE A 132 -11.81 -7.48 2.69
N VAL A 133 -11.17 -8.62 2.91
CA VAL A 133 -11.57 -9.61 3.91
C VAL A 133 -11.40 -8.95 5.30
N CYS A 134 -12.52 -8.79 5.98
CA CYS A 134 -12.58 -8.10 7.30
C CYS A 134 -11.88 -8.90 8.41
N LEU A 135 -11.22 -8.16 9.30
CA LEU A 135 -10.52 -8.68 10.48
C LEU A 135 -11.47 -9.12 11.63
N ALA A 136 -12.39 -9.99 11.21
CA ALA A 136 -13.53 -10.55 11.98
C ALA A 136 -14.34 -11.56 11.15
N CYS A 137 -14.65 -11.19 9.91
CA CYS A 137 -15.52 -11.97 8.99
C CYS A 137 -14.96 -11.90 7.56
N GLY A 138 -15.19 -12.97 6.80
CA GLY A 138 -14.74 -13.09 5.40
C GLY A 138 -15.18 -11.94 4.49
N ALA A 139 -16.38 -12.09 3.96
CA ALA A 139 -17.05 -11.12 3.06
C ALA A 139 -16.28 -10.81 1.75
N GLN A 140 -15.61 -9.65 1.69
CA GLN A 140 -15.07 -9.02 0.46
C GLN A 140 -16.01 -9.05 -0.77
N THR A 141 -15.73 -8.13 -1.70
CA THR A 141 -16.46 -8.00 -2.99
C THR A 141 -15.55 -7.17 -3.91
N PRO A 142 -15.30 -7.58 -5.16
CA PRO A 142 -14.55 -6.76 -6.13
C PRO A 142 -15.43 -5.61 -6.68
N VAL A 143 -15.81 -4.74 -5.76
CA VAL A 143 -16.82 -3.63 -5.86
C VAL A 143 -18.24 -4.02 -6.36
N LYS A 144 -18.28 -4.92 -7.32
CA LYS A 144 -19.51 -5.53 -7.87
C LYS A 144 -19.65 -6.99 -7.43
N PRO A 145 -20.87 -7.48 -7.14
CA PRO A 145 -21.10 -8.87 -6.72
C PRO A 145 -20.71 -9.90 -7.79
N LEU A 146 -20.29 -11.07 -7.32
CA LEU A 146 -19.78 -12.16 -8.18
C LEU A 146 -20.72 -13.37 -8.32
N GLU A 13 7.16 -13.27 8.57
CA GLU A 13 6.58 -14.53 8.06
C GLU A 13 6.83 -14.74 6.55
N TYR A 14 6.58 -15.97 6.07
CA TYR A 14 6.75 -16.36 4.66
C TYR A 14 5.84 -15.59 3.69
N VAL A 15 6.38 -14.48 3.19
CA VAL A 15 5.71 -13.60 2.20
C VAL A 15 6.65 -13.38 0.99
N GLU A 16 6.15 -12.72 -0.05
CA GLU A 16 6.77 -12.54 -1.39
C GLU A 16 7.23 -13.85 -2.08
N MET A 17 6.40 -14.85 -1.86
CA MET A 17 6.61 -16.23 -2.37
C MET A 17 5.64 -16.70 -3.48
N LEU A 18 4.64 -15.86 -3.81
CA LEU A 18 3.60 -16.22 -4.80
C LEU A 18 4.04 -15.98 -6.26
N ASP A 19 5.15 -16.64 -6.59
CA ASP A 19 5.85 -16.54 -7.90
C ASP A 19 4.98 -16.82 -9.15
N ARG A 20 4.01 -17.73 -8.98
CA ARG A 20 2.98 -18.05 -9.99
C ARG A 20 2.20 -16.77 -10.31
N LEU A 21 2.28 -16.34 -11.58
CA LEU A 21 1.69 -15.07 -12.09
C LEU A 21 2.34 -13.76 -11.62
N TYR A 22 3.06 -13.78 -10.50
CA TYR A 22 3.73 -12.63 -9.85
C TYR A 22 4.39 -11.60 -10.78
N SER A 23 5.15 -12.09 -11.77
CA SER A 23 5.89 -11.26 -12.76
C SER A 23 6.52 -12.16 -13.84
N LYS A 24 7.36 -11.55 -14.68
CA LYS A 24 8.10 -12.18 -15.80
C LYS A 24 7.22 -12.83 -16.90
N LEU A 25 6.73 -14.03 -16.64
CA LEU A 25 5.97 -14.81 -17.64
C LEU A 25 4.57 -14.22 -17.91
N PRO A 26 4.18 -14.06 -19.19
CA PRO A 26 2.84 -13.59 -19.57
C PRO A 26 1.75 -14.67 -19.35
N GLU A 27 1.59 -15.03 -18.08
CA GLU A 27 0.61 -16.02 -17.60
C GLU A 27 -0.86 -15.51 -17.69
N LYS A 28 -1.00 -14.17 -17.69
CA LYS A 28 -2.22 -13.40 -18.03
C LYS A 28 -3.45 -13.46 -17.11
N GLY A 29 -3.62 -14.56 -16.38
CA GLY A 29 -4.68 -14.74 -15.37
C GLY A 29 -4.62 -13.73 -14.21
N ARG A 30 -5.35 -14.07 -13.15
CA ARG A 30 -5.54 -13.18 -11.98
C ARG A 30 -4.48 -13.40 -10.89
N LYS A 31 -3.74 -12.32 -10.63
CA LYS A 31 -2.75 -12.26 -9.55
C LYS A 31 -3.15 -11.21 -8.50
N GLU A 32 -2.96 -11.60 -7.24
CA GLU A 32 -3.16 -10.71 -6.08
C GLU A 32 -1.95 -9.87 -5.68
N GLY A 33 -0.74 -10.46 -5.82
CA GLY A 33 0.53 -9.88 -5.34
C GLY A 33 0.57 -9.71 -3.80
N THR A 34 1.79 -9.73 -3.26
CA THR A 34 2.06 -9.49 -1.82
C THR A 34 3.55 -9.58 -1.46
N GLN A 35 3.94 -8.57 -0.69
CA GLN A 35 5.25 -8.49 -0.01
C GLN A 35 5.14 -7.84 1.39
N SER A 36 4.18 -8.36 2.16
CA SER A 36 3.92 -8.03 3.57
C SER A 36 5.10 -8.40 4.50
N LEU A 37 6.19 -7.66 4.35
CA LEU A 37 7.43 -7.84 5.10
C LEU A 37 7.95 -6.54 5.72
N PRO A 38 8.62 -6.61 6.89
CA PRO A 38 9.27 -5.44 7.52
C PRO A 38 10.44 -4.90 6.67
N ASN A 39 10.08 -3.92 5.84
CA ASN A 39 10.93 -3.27 4.84
C ASN A 39 10.21 -2.00 4.35
N MET A 40 10.70 -1.42 3.24
CA MET A 40 10.07 -0.29 2.53
C MET A 40 9.66 0.90 3.39
N ILE A 41 10.64 1.78 3.60
CA ILE A 41 10.41 3.07 4.28
C ILE A 41 10.91 4.25 3.43
N ILE A 42 10.05 5.26 3.34
CA ILE A 42 10.40 6.56 2.71
C ILE A 42 11.53 7.24 3.51
N LEU A 43 12.56 7.64 2.78
CA LEU A 43 13.70 8.39 3.32
C LEU A 43 13.53 9.86 2.86
N ASN A 44 13.83 10.80 3.76
CA ASN A 44 13.49 12.21 3.54
C ASN A 44 14.70 13.12 3.42
N ILE A 45 14.65 13.96 2.37
CA ILE A 45 15.63 15.02 2.11
C ILE A 45 14.84 16.34 2.17
N GLY A 46 14.57 16.74 3.41
CA GLY A 46 13.75 17.91 3.77
C GLY A 46 12.33 17.81 3.17
N ASN A 47 12.11 18.62 2.13
CA ASN A 47 10.86 18.68 1.36
C ASN A 47 10.62 17.53 0.36
N THR A 48 11.69 16.89 -0.08
CA THR A 48 11.63 15.83 -1.10
C THR A 48 11.95 14.44 -0.52
N THR A 49 11.27 13.43 -1.05
CA THR A 49 11.25 12.06 -0.47
C THR A 49 11.84 11.07 -1.46
N ILE A 50 12.66 10.15 -0.97
CA ILE A 50 13.31 9.11 -1.78
C ILE A 50 13.04 7.69 -1.26
N ILE A 51 12.73 6.81 -2.22
CA ILE A 51 12.52 5.38 -2.00
C ILE A 51 13.29 4.58 -3.06
N ARG A 52 13.97 3.52 -2.60
CA ARG A 52 14.56 2.50 -3.48
C ARG A 52 13.56 1.46 -4.05
N ASN A 53 12.76 0.86 -3.17
CA ASN A 53 11.86 -0.25 -3.51
C ASN A 53 10.42 0.21 -3.90
N PHE A 54 10.40 1.31 -4.66
CA PHE A 54 9.17 2.07 -4.96
C PHE A 54 8.02 1.31 -5.62
N ALA A 55 8.31 0.48 -6.62
CA ALA A 55 7.27 -0.34 -7.32
C ALA A 55 6.50 -1.28 -6.37
N GLU A 56 7.27 -1.99 -5.54
CA GLU A 56 6.74 -2.90 -4.50
C GLU A 56 5.95 -2.12 -3.43
N TYR A 57 6.53 -0.97 -3.04
CA TYR A 57 5.96 -0.03 -2.06
C TYR A 57 4.65 0.63 -2.50
N CYS A 58 4.54 0.95 -3.78
CA CYS A 58 3.29 1.42 -4.42
C CYS A 58 2.15 0.40 -4.27
N ASP A 59 2.46 -0.86 -4.58
CA ASP A 59 1.56 -2.01 -4.36
C ASP A 59 1.20 -2.19 -2.86
N ARG A 60 2.16 -1.91 -1.98
CA ARG A 60 1.99 -1.92 -0.52
C ARG A 60 1.06 -0.85 0.07
N ILE A 61 1.17 0.39 -0.41
CA ILE A 61 0.21 1.47 -0.08
C ILE A 61 -1.16 1.22 -0.73
N ARG A 62 -1.15 0.84 -2.01
CA ARG A 62 -2.36 0.46 -2.77
C ARG A 62 -2.00 -0.29 -4.06
N ARG A 63 -2.32 -1.56 -4.06
CA ARG A 63 -2.24 -2.44 -5.25
C ARG A 63 -2.84 -1.80 -6.52
N GLU A 64 -3.93 -1.07 -6.33
CA GLU A 64 -4.56 -0.23 -7.38
C GLU A 64 -3.71 1.03 -7.61
N ASP A 65 -2.71 0.85 -8.47
CA ASP A 65 -1.71 1.89 -8.79
C ASP A 65 -2.25 3.26 -9.25
N LYS A 66 -3.38 3.30 -9.96
CA LYS A 66 -4.05 4.56 -10.36
C LYS A 66 -4.37 5.43 -9.13
N ILE A 67 -4.94 4.81 -8.09
CA ILE A 67 -5.26 5.45 -6.80
C ILE A 67 -3.97 5.96 -6.11
N CYS A 68 -2.95 5.09 -6.06
CA CYS A 68 -1.61 5.43 -5.56
C CYS A 68 -0.99 6.64 -6.27
N MET A 69 -1.07 6.64 -7.62
CA MET A 69 -0.60 7.74 -8.50
C MET A 69 -1.33 9.05 -8.21
N LYS A 70 -2.67 8.98 -8.14
CA LYS A 70 -3.52 10.14 -7.76
C LYS A 70 -3.15 10.71 -6.38
N TYR A 71 -2.91 9.82 -5.43
CA TYR A 71 -2.45 10.17 -4.06
C TYR A 71 -1.09 10.87 -4.03
N LEU A 72 -0.09 10.27 -4.69
CA LEU A 72 1.27 10.85 -4.80
C LEU A 72 1.36 12.17 -5.57
N LEU A 73 0.38 12.41 -6.45
CA LEU A 73 0.16 13.73 -7.07
C LEU A 73 -0.48 14.69 -6.05
N LYS A 74 -1.72 14.38 -5.65
CA LYS A 74 -2.60 15.23 -4.84
C LYS A 74 -2.01 15.70 -3.49
N GLU A 75 -1.27 14.81 -2.83
CA GLU A 75 -0.65 15.09 -1.52
C GLU A 75 0.73 15.77 -1.59
N LEU A 76 1.27 15.97 -2.78
CA LEU A 76 2.67 16.47 -2.93
C LEU A 76 2.81 17.79 -3.67
N ALA A 77 3.71 18.59 -3.11
CA ALA A 77 3.98 19.99 -3.51
C ALA A 77 4.49 20.18 -4.96
N ALA A 78 5.26 19.19 -5.43
CA ALA A 78 5.75 19.16 -6.81
C ALA A 78 5.16 17.96 -7.57
N PRO A 79 4.54 18.22 -8.74
CA PRO A 79 3.80 17.20 -9.51
C PRO A 79 4.67 16.05 -10.05
N GLY A 80 4.60 14.94 -9.33
CA GLY A 80 5.12 13.62 -9.77
C GLY A 80 6.61 13.55 -10.14
N ASN A 81 7.46 14.04 -9.25
CA ASN A 81 8.94 13.98 -9.41
C ASN A 81 9.40 12.51 -9.50
N VAL A 82 10.34 12.28 -10.41
CA VAL A 82 10.74 10.91 -10.80
C VAL A 82 12.26 10.78 -11.09
N ASP A 83 12.74 9.55 -10.88
CA ASP A 83 14.07 9.04 -11.31
C ASP A 83 15.33 9.77 -10.79
N ASP A 84 15.79 9.22 -9.66
CA ASP A 84 17.11 9.49 -9.09
C ASP A 84 17.96 8.24 -9.40
N LYS A 85 18.44 8.23 -10.64
CA LYS A 85 19.10 7.10 -11.33
C LYS A 85 18.68 5.71 -10.81
N GLY A 86 17.44 5.39 -11.17
CA GLY A 86 16.74 4.18 -10.68
C GLY A 86 15.64 4.55 -9.68
N GLU A 87 16.09 5.02 -8.51
CA GLU A 87 15.22 5.36 -7.36
C GLU A 87 14.14 6.42 -7.65
N LEU A 88 13.11 6.43 -6.81
CA LEU A 88 12.05 7.45 -6.89
C LEU A 88 12.29 8.54 -5.85
N VAL A 89 12.40 9.76 -6.34
CA VAL A 89 12.50 10.99 -5.52
C VAL A 89 11.39 11.97 -5.92
N ILE A 90 10.43 12.13 -4.99
CA ILE A 90 9.22 12.95 -5.17
C ILE A 90 9.03 13.96 -4.02
N GLN A 91 8.60 15.18 -4.36
CA GLN A 91 8.59 16.30 -3.40
C GLN A 91 7.20 16.71 -2.90
N GLY A 92 7.09 16.76 -1.57
CA GLY A 92 5.85 17.11 -0.85
C GLY A 92 5.59 16.21 0.37
N LYS A 93 4.32 16.13 0.75
CA LYS A 93 3.90 15.57 2.06
C LYS A 93 4.24 14.11 2.40
N PHE A 94 4.47 13.27 1.40
CA PHE A 94 4.84 11.85 1.60
C PHE A 94 6.22 11.58 2.22
N SER A 95 6.69 12.50 3.04
CA SER A 95 7.98 12.44 3.78
C SER A 95 7.88 11.49 4.97
N SER A 96 8.18 10.22 4.68
CA SER A 96 7.96 9.05 5.57
C SER A 96 6.52 8.98 6.13
N GLN A 97 5.59 9.47 5.32
CA GLN A 97 4.18 9.70 5.69
C GLN A 97 3.25 8.62 5.09
N VAL A 98 2.23 9.01 4.33
CA VAL A 98 1.09 8.15 3.92
C VAL A 98 1.46 6.75 3.38
N ILE A 99 2.43 6.65 2.47
CA ILE A 99 2.90 5.34 1.94
C ILE A 99 3.34 4.42 3.09
N ASN A 100 4.27 4.93 3.90
CA ASN A 100 4.79 4.27 5.12
C ASN A 100 3.68 4.02 6.15
N THR A 101 2.81 5.01 6.35
CA THR A 101 1.64 4.92 7.27
C THR A 101 0.73 3.72 6.91
N LEU A 102 0.29 3.67 5.65
CA LEU A 102 -0.58 2.57 5.17
C LEU A 102 0.15 1.22 5.15
N MET A 103 1.43 1.23 4.72
CA MET A 103 2.35 0.07 4.80
C MET A 103 2.40 -0.52 6.22
N GLU A 104 2.58 0.37 7.21
CA GLU A 104 2.55 0.06 8.64
C GLU A 104 1.20 -0.56 9.05
N ARG A 105 0.09 0.12 8.80
CA ARG A 105 -1.27 -0.35 9.12
C ARG A 105 -1.61 -1.73 8.51
N PHE A 106 -1.26 -1.88 7.23
CA PHE A 106 -1.38 -3.14 6.47
C PHE A 106 -0.56 -4.29 7.09
N LEU A 107 0.74 -4.05 7.28
CA LEU A 107 1.66 -5.01 7.94
C LEU A 107 1.22 -5.37 9.37
N LYS A 108 0.85 -4.35 10.12
CA LYS A 108 0.36 -4.45 11.51
C LYS A 108 -1.09 -4.93 11.66
N ALA A 109 -1.72 -5.42 10.57
CA ALA A 109 -3.11 -5.96 10.58
C ALA A 109 -3.41 -6.94 11.71
N TYR A 110 -2.40 -7.79 11.95
CA TYR A 110 -2.33 -8.82 13.01
C TYR A 110 -2.64 -8.28 14.42
N VAL A 111 -2.18 -7.04 14.68
CA VAL A 111 -2.39 -6.33 15.96
C VAL A 111 -3.38 -5.16 15.88
N GLU A 112 -3.46 -4.51 14.71
CA GLU A 112 -4.39 -3.41 14.37
C GLU A 112 -5.84 -3.77 14.73
N CYS A 113 -6.25 -4.96 14.30
CA CYS A 113 -7.55 -5.54 14.67
C CYS A 113 -7.39 -6.79 15.56
N SER A 114 -6.23 -6.89 16.23
CA SER A 114 -5.71 -8.10 16.92
C SER A 114 -6.45 -9.41 16.60
N THR A 115 -6.04 -9.96 15.46
CA THR A 115 -6.74 -11.03 14.68
C THR A 115 -8.25 -11.15 14.97
N CYS A 116 -8.93 -10.03 14.70
CA CYS A 116 -10.38 -9.80 14.82
C CYS A 116 -11.04 -9.84 16.21
N LYS A 117 -10.27 -10.23 17.23
CA LYS A 117 -10.63 -10.21 18.67
C LYS A 117 -11.95 -10.96 18.97
N SER A 118 -12.48 -10.78 20.17
CA SER A 118 -13.85 -11.20 20.54
C SER A 118 -14.88 -10.17 19.98
N LEU A 119 -14.68 -9.85 18.71
CA LEU A 119 -15.35 -8.76 17.98
C LEU A 119 -15.88 -9.21 16.61
N ASP A 120 -14.97 -9.64 15.74
CA ASP A 120 -15.27 -10.06 14.34
C ASP A 120 -15.90 -8.97 13.46
N THR A 121 -15.05 -8.43 12.59
CA THR A 121 -15.37 -7.32 11.66
C THR A 121 -16.40 -7.70 10.57
N ILE A 122 -17.66 -7.49 10.95
CA ILE A 122 -18.81 -7.64 10.02
C ILE A 122 -19.52 -6.32 9.65
N LEU A 123 -18.93 -5.20 10.06
CA LEU A 123 -19.49 -3.86 9.80
C LEU A 123 -19.08 -3.31 8.43
N LYS A 124 -19.96 -2.45 7.91
CA LYS A 124 -19.86 -1.82 6.58
C LYS A 124 -18.52 -1.10 6.29
N LYS A 125 -18.19 -1.13 5.00
CA LYS A 125 -17.03 -0.53 4.30
C LYS A 125 -15.95 -1.60 3.99
N GLU A 126 -14.80 -1.54 4.67
CA GLU A 126 -13.63 -2.43 4.46
C GLU A 126 -13.22 -2.61 2.99
N LYS A 127 -11.96 -2.27 2.72
CA LYS A 127 -11.35 -2.20 1.36
C LYS A 127 -12.02 -1.07 0.56
N LYS A 128 -13.32 -1.27 0.32
CA LYS A 128 -14.26 -0.26 -0.23
C LYS A 128 -14.37 0.91 0.75
N SER A 129 -14.40 2.11 0.17
CA SER A 129 -14.33 3.41 0.87
C SER A 129 -13.09 3.58 1.78
N TRP A 130 -12.00 2.89 1.41
CA TRP A 130 -10.64 2.99 1.97
C TRP A 130 -10.49 2.91 3.51
N TYR A 131 -11.35 2.10 4.11
CA TYR A 131 -11.37 1.77 5.57
C TYR A 131 -11.74 2.97 6.46
N ILE A 132 -12.26 2.67 7.65
CA ILE A 132 -12.77 3.69 8.58
C ILE A 132 -11.93 3.75 9.87
N VAL A 133 -11.65 4.99 10.28
CA VAL A 133 -11.03 5.30 11.59
C VAL A 133 -12.10 5.12 12.68
N CYS A 134 -11.95 4.01 13.40
CA CYS A 134 -12.90 3.40 14.36
C CYS A 134 -14.24 3.00 13.73
N LEU A 135 -14.70 1.81 14.11
CA LEU A 135 -15.84 1.12 13.46
C LEU A 135 -16.22 -0.16 14.21
N ALA A 136 -15.21 -0.99 14.46
CA ALA A 136 -15.31 -2.33 15.09
C ALA A 136 -13.91 -2.84 15.46
N CYS A 137 -13.01 -2.75 14.49
CA CYS A 137 -11.54 -2.91 14.67
C CYS A 137 -10.98 -2.00 15.76
N GLY A 138 -10.02 -2.54 16.51
CA GLY A 138 -9.33 -1.87 17.63
C GLY A 138 -8.62 -0.57 17.23
N ALA A 139 -7.40 -0.72 16.73
CA ALA A 139 -6.54 0.41 16.30
C ALA A 139 -6.91 0.86 14.87
N GLN A 140 -8.16 1.27 14.75
CA GLN A 140 -8.85 1.71 13.50
C GLN A 140 -8.56 0.80 12.28
N THR A 141 -8.94 1.29 11.09
CA THR A 141 -8.56 0.72 9.77
C THR A 141 -8.90 -0.79 9.68
N PRO A 142 -10.17 -1.14 9.38
CA PRO A 142 -10.62 -2.55 9.28
C PRO A 142 -10.13 -3.24 8.01
N VAL A 143 -8.83 -3.54 8.02
CA VAL A 143 -8.16 -4.29 6.94
C VAL A 143 -8.53 -5.78 6.85
N LYS A 144 -8.86 -6.37 8.00
CA LYS A 144 -9.13 -7.80 8.16
C LYS A 144 -10.65 -8.04 8.30
N PRO A 145 -11.20 -9.03 7.59
CA PRO A 145 -12.65 -9.38 7.65
C PRO A 145 -12.99 -10.42 8.72
N LEU A 146 -14.28 -10.45 9.09
CA LEU A 146 -14.89 -11.53 9.91
C LEU A 146 -14.19 -11.86 11.24
N GLU A 13 14.48 -11.05 1.89
CA GLU A 13 13.86 -9.84 1.30
C GLU A 13 12.98 -10.20 0.10
N TYR A 14 11.93 -9.39 -0.11
CA TYR A 14 10.89 -9.58 -1.14
C TYR A 14 9.91 -10.76 -0.87
N VAL A 15 10.30 -11.68 0.02
CA VAL A 15 9.55 -12.88 0.42
C VAL A 15 9.18 -13.76 -0.80
N GLU A 16 8.06 -14.49 -0.73
CA GLU A 16 7.54 -15.37 -1.80
C GLU A 16 7.06 -14.70 -3.10
N MET A 17 7.66 -13.56 -3.44
CA MET A 17 7.36 -12.77 -4.65
C MET A 17 7.90 -13.46 -5.91
N LEU A 18 7.08 -14.36 -6.44
CA LEU A 18 7.38 -15.12 -7.67
C LEU A 18 7.34 -14.30 -8.99
N ASP A 19 6.75 -13.10 -8.91
CA ASP A 19 6.65 -12.07 -9.96
C ASP A 19 5.78 -12.41 -11.19
N ARG A 20 5.72 -13.69 -11.57
CA ARG A 20 4.81 -14.20 -12.63
C ARG A 20 3.36 -13.76 -12.36
N LEU A 21 2.91 -12.87 -13.24
CA LEU A 21 1.60 -12.17 -13.14
C LEU A 21 1.43 -11.31 -11.88
N TYR A 22 2.50 -10.57 -11.58
CA TYR A 22 2.50 -9.45 -10.61
C TYR A 22 2.58 -8.09 -11.33
N SER A 23 3.55 -7.98 -12.23
CA SER A 23 3.81 -6.76 -13.04
C SER A 23 4.82 -7.07 -14.16
N LYS A 24 4.94 -6.15 -15.11
CA LYS A 24 5.80 -6.19 -16.30
C LYS A 24 5.53 -7.29 -17.35
N LEU A 25 5.35 -8.53 -16.90
CA LEU A 25 5.12 -9.70 -17.76
C LEU A 25 3.72 -10.29 -17.53
N PRO A 26 2.75 -9.92 -18.39
CA PRO A 26 1.40 -10.50 -18.34
C PRO A 26 1.25 -11.75 -19.23
N GLU A 27 0.57 -12.75 -18.66
CA GLU A 27 0.14 -13.97 -19.37
C GLU A 27 -1.34 -14.21 -19.05
N LYS A 28 -2.19 -13.52 -19.80
CA LYS A 28 -3.65 -13.42 -19.55
C LYS A 28 -3.98 -12.79 -18.18
N GLY A 29 -4.07 -13.64 -17.16
CA GLY A 29 -4.40 -13.27 -15.77
C GLY A 29 -4.40 -14.49 -14.86
N ARG A 30 -4.00 -14.26 -13.60
CA ARG A 30 -3.95 -15.27 -12.53
C ARG A 30 -4.02 -14.65 -11.12
N LYS A 31 -2.92 -13.98 -10.72
CA LYS A 31 -2.79 -13.36 -9.39
C LYS A 31 -2.53 -11.84 -9.47
N GLU A 32 -2.91 -11.19 -8.37
CA GLU A 32 -2.64 -9.77 -8.14
C GLU A 32 -1.16 -9.51 -7.79
N GLY A 33 -0.74 -9.99 -6.61
CA GLY A 33 0.67 -10.00 -6.18
C GLY A 33 0.79 -10.40 -4.70
N THR A 34 1.94 -10.96 -4.36
CA THR A 34 2.29 -11.32 -2.96
C THR A 34 3.42 -10.37 -2.51
N GLN A 35 2.99 -9.24 -1.95
CA GLN A 35 3.87 -8.11 -1.60
C GLN A 35 3.93 -7.79 -0.09
N SER A 36 4.99 -8.26 0.56
CA SER A 36 5.25 -7.98 1.99
C SER A 36 6.73 -8.10 2.38
N LEU A 37 7.12 -7.25 3.31
CA LEU A 37 8.45 -7.28 3.98
C LEU A 37 8.45 -6.41 5.25
N PRO A 38 8.99 -6.90 6.39
CA PRO A 38 9.11 -6.11 7.64
C PRO A 38 10.14 -4.96 7.60
N ASN A 39 10.29 -4.35 6.43
CA ASN A 39 11.24 -3.27 6.12
C ASN A 39 10.70 -2.54 4.88
N MET A 40 9.97 -1.46 5.15
CA MET A 40 9.32 -0.62 4.12
C MET A 40 8.87 0.73 4.71
N ILE A 41 9.50 1.78 4.20
CA ILE A 41 9.27 3.20 4.59
C ILE A 41 10.11 4.12 3.69
N ILE A 42 9.66 5.35 3.49
CA ILE A 42 10.38 6.35 2.67
C ILE A 42 11.28 7.28 3.53
N LEU A 43 12.48 7.52 3.02
CA LEU A 43 13.46 8.43 3.64
C LEU A 43 13.14 9.87 3.22
N ASN A 44 13.17 10.75 4.21
CA ASN A 44 12.63 12.12 4.08
C ASN A 44 13.77 13.16 4.18
N ILE A 45 14.19 13.64 3.02
CA ILE A 45 15.33 14.55 2.87
C ILE A 45 14.80 15.93 2.42
N GLY A 46 14.50 16.75 3.42
CA GLY A 46 14.04 18.14 3.26
C GLY A 46 12.96 18.33 2.19
N ASN A 47 11.71 18.07 2.59
CA ASN A 47 10.50 18.12 1.72
C ASN A 47 10.39 17.08 0.59
N THR A 48 11.53 16.58 0.10
CA THR A 48 11.52 15.47 -0.88
C THR A 48 11.80 14.11 -0.22
N THR A 49 11.19 13.10 -0.80
CA THR A 49 11.13 11.72 -0.25
C THR A 49 11.73 10.70 -1.22
N ILE A 50 12.72 9.98 -0.69
CA ILE A 50 13.55 9.02 -1.46
C ILE A 50 13.48 7.58 -0.91
N ILE A 51 13.41 6.62 -1.84
CA ILE A 51 13.44 5.18 -1.55
C ILE A 51 13.79 4.33 -2.81
N ARG A 52 14.73 3.43 -2.62
CA ARG A 52 15.17 2.47 -3.65
C ARG A 52 14.19 1.32 -3.96
N ASN A 53 13.70 0.63 -2.93
CA ASN A 53 12.73 -0.49 -3.06
C ASN A 53 11.27 -0.02 -3.28
N PHE A 54 11.14 1.04 -4.08
CA PHE A 54 9.86 1.76 -4.33
C PHE A 54 8.71 0.90 -4.85
N ALA A 55 9.05 -0.09 -5.68
CA ALA A 55 8.10 -1.05 -6.26
C ALA A 55 7.20 -1.73 -5.21
N GLU A 56 7.84 -2.30 -4.17
CA GLU A 56 7.13 -2.99 -3.07
C GLU A 56 6.26 -2.03 -2.24
N TYR A 57 6.82 -0.87 -1.95
CA TYR A 57 6.16 0.23 -1.23
C TYR A 57 4.87 0.71 -1.94
N CYS A 58 4.99 0.90 -3.27
CA CYS A 58 3.86 1.23 -4.17
C CYS A 58 2.82 0.09 -4.27
N ASP A 59 3.32 -1.14 -4.43
CA ASP A 59 2.49 -2.37 -4.48
C ASP A 59 1.64 -2.58 -3.21
N ARG A 60 2.20 -2.17 -2.07
CA ARG A 60 1.58 -2.26 -0.73
C ARG A 60 0.59 -1.13 -0.38
N ILE A 61 0.84 0.09 -0.87
CA ILE A 61 -0.20 1.15 -0.83
C ILE A 61 -1.36 0.83 -1.81
N ARG A 62 -1.02 0.21 -2.95
CA ARG A 62 -1.99 -0.28 -3.95
C ARG A 62 -1.43 -1.37 -4.89
N ARG A 63 -2.26 -2.36 -5.13
CA ARG A 63 -2.07 -3.35 -6.22
C ARG A 63 -2.28 -2.78 -7.63
N GLU A 64 -2.98 -1.65 -7.69
CA GLU A 64 -3.31 -0.91 -8.92
C GLU A 64 -2.17 0.08 -9.26
N ASP A 65 -2.50 1.21 -9.89
CA ASP A 65 -1.56 2.33 -10.09
C ASP A 65 -2.13 3.74 -9.76
N LYS A 66 -3.23 4.08 -10.44
CA LYS A 66 -3.92 5.39 -10.30
C LYS A 66 -4.25 5.82 -8.85
N ILE A 67 -4.56 4.88 -7.97
CA ILE A 67 -4.85 5.15 -6.53
C ILE A 67 -3.72 5.98 -5.89
N CYS A 68 -2.53 5.40 -5.78
CA CYS A 68 -1.34 6.12 -5.29
C CYS A 68 -0.93 7.28 -6.19
N MET A 69 -1.02 7.13 -7.51
CA MET A 69 -0.67 8.19 -8.48
C MET A 69 -1.45 9.50 -8.24
N LYS A 70 -2.77 9.38 -8.10
CA LYS A 70 -3.68 10.49 -7.77
C LYS A 70 -3.37 11.07 -6.37
N TYR A 71 -3.16 10.18 -5.40
CA TYR A 71 -2.78 10.57 -4.02
C TYR A 71 -1.46 11.34 -3.96
N LEU A 72 -0.47 10.83 -4.69
CA LEU A 72 0.87 11.42 -4.91
C LEU A 72 0.79 12.83 -5.54
N LEU A 73 -0.18 13.04 -6.42
CA LEU A 73 -0.52 14.39 -6.90
C LEU A 73 -1.16 15.22 -5.76
N LYS A 74 -2.35 14.81 -5.34
CA LYS A 74 -3.19 15.53 -4.34
C LYS A 74 -2.50 15.94 -3.03
N GLU A 75 -1.77 15.00 -2.44
CA GLU A 75 -1.03 15.19 -1.18
C GLU A 75 0.23 16.06 -1.33
N LEU A 76 0.77 16.14 -2.55
CA LEU A 76 2.08 16.78 -2.79
C LEU A 76 1.92 18.17 -3.43
N ALA A 77 1.80 19.15 -2.54
CA ALA A 77 1.73 20.59 -2.86
C ALA A 77 2.79 21.12 -3.83
N ALA A 78 3.94 20.44 -3.88
CA ALA A 78 5.02 20.71 -4.83
C ALA A 78 5.11 19.54 -5.83
N PRO A 79 5.07 19.81 -7.14
CA PRO A 79 5.17 18.76 -8.17
C PRO A 79 6.58 18.14 -8.26
N GLY A 80 6.75 17.10 -7.44
CA GLY A 80 7.92 16.21 -7.48
C GLY A 80 7.85 15.19 -8.64
N ASN A 81 8.98 14.58 -8.94
CA ASN A 81 9.08 13.57 -10.01
C ASN A 81 9.34 12.16 -9.49
N VAL A 82 8.96 11.18 -10.31
CA VAL A 82 9.27 9.76 -10.07
C VAL A 82 10.62 9.33 -10.67
N ASP A 83 11.21 8.35 -9.99
CA ASP A 83 12.42 7.60 -10.39
C ASP A 83 13.58 8.33 -11.08
N ASP A 84 14.66 8.39 -10.32
CA ASP A 84 15.99 8.83 -10.80
C ASP A 84 16.97 7.67 -10.73
N LYS A 85 17.33 7.18 -11.91
CA LYS A 85 18.20 6.01 -12.17
C LYS A 85 17.58 4.66 -11.79
N GLY A 86 17.40 4.44 -10.48
CA GLY A 86 16.84 3.20 -9.89
C GLY A 86 16.30 3.39 -8.48
N GLU A 87 15.58 4.49 -8.29
CA GLU A 87 14.98 4.90 -6.99
C GLU A 87 14.04 6.11 -7.15
N LEU A 88 13.04 6.15 -6.28
CA LEU A 88 12.03 7.24 -6.28
C LEU A 88 12.49 8.38 -5.36
N VAL A 89 12.43 9.60 -5.87
CA VAL A 89 12.70 10.84 -5.10
C VAL A 89 11.70 11.96 -5.46
N ILE A 90 10.61 11.97 -4.70
CA ILE A 90 9.46 12.85 -4.96
C ILE A 90 9.17 13.80 -3.79
N GLN A 91 8.85 15.05 -4.13
CA GLN A 91 8.73 16.15 -3.17
C GLN A 91 7.26 16.48 -2.85
N GLY A 92 7.04 16.73 -1.56
CA GLY A 92 5.71 17.08 -0.98
C GLY A 92 5.36 16.22 0.24
N LYS A 93 4.06 16.17 0.54
CA LYS A 93 3.57 15.56 1.79
C LYS A 93 3.42 14.02 1.81
N PHE A 94 4.43 13.36 1.28
CA PHE A 94 4.58 11.89 1.40
C PHE A 94 5.63 11.44 2.41
N SER A 95 6.13 12.42 3.17
CA SER A 95 7.18 12.27 4.21
C SER A 95 6.74 11.33 5.35
N SER A 96 7.16 10.07 5.22
CA SER A 96 6.76 8.93 6.05
C SER A 96 5.22 8.75 6.18
N GLN A 97 4.50 9.25 5.18
CA GLN A 97 3.03 9.37 5.21
C GLN A 97 2.37 8.31 4.29
N VAL A 98 1.16 8.59 3.79
CA VAL A 98 0.30 7.79 2.87
C VAL A 98 0.78 6.37 2.52
N ILE A 99 1.82 6.28 1.68
CA ILE A 99 2.49 5.02 1.29
C ILE A 99 2.74 4.10 2.51
N ASN A 100 3.64 4.55 3.39
CA ASN A 100 3.90 3.92 4.71
C ASN A 100 2.64 3.78 5.59
N THR A 101 1.79 4.80 5.57
CA THR A 101 0.50 4.82 6.34
C THR A 101 -0.46 3.68 5.96
N LEU A 102 -0.50 3.31 4.68
CA LEU A 102 -1.28 2.14 4.22
C LEU A 102 -0.48 0.83 4.32
N MET A 103 0.81 0.88 4.02
CA MET A 103 1.77 -0.23 4.21
C MET A 103 1.78 -0.81 5.64
N GLU A 104 1.78 0.08 6.63
CA GLU A 104 1.55 -0.27 8.04
C GLU A 104 0.12 -0.79 8.20
N ARG A 105 -0.08 -1.64 9.20
CA ARG A 105 -1.30 -2.45 9.40
C ARG A 105 -1.48 -3.53 8.32
N PHE A 106 -1.40 -3.14 7.04
CA PHE A 106 -1.44 -4.05 5.87
C PHE A 106 -0.45 -5.23 5.99
N LEU A 107 0.83 -4.87 6.23
CA LEU A 107 1.92 -5.84 6.45
C LEU A 107 1.70 -6.84 7.60
N LYS A 108 0.92 -6.45 8.60
CA LYS A 108 0.84 -7.19 9.88
C LYS A 108 -0.52 -7.85 10.18
N ALA A 109 -1.60 -7.14 9.85
CA ALA A 109 -3.01 -7.46 10.19
C ALA A 109 -3.24 -7.59 11.71
N TYR A 110 -2.95 -8.78 12.24
CA TYR A 110 -3.14 -9.23 13.62
C TYR A 110 -2.71 -8.18 14.68
N VAL A 111 -1.39 -8.08 14.93
CA VAL A 111 -0.84 -7.19 15.96
C VAL A 111 -1.16 -5.69 15.76
N GLU A 112 -1.05 -5.22 14.51
CA GLU A 112 -1.31 -3.80 14.17
C GLU A 112 -2.77 -3.32 14.19
N CYS A 113 -3.70 -4.26 14.12
CA CYS A 113 -5.12 -4.01 14.39
C CYS A 113 -5.59 -4.63 15.73
N SER A 114 -4.63 -4.80 16.64
CA SER A 114 -4.76 -5.43 17.98
C SER A 114 -5.74 -6.61 18.02
N THR A 115 -5.47 -7.58 17.15
CA THR A 115 -6.23 -8.82 16.93
C THR A 115 -7.77 -8.62 16.83
N CYS A 116 -8.13 -7.54 16.14
CA CYS A 116 -9.46 -6.93 16.04
C CYS A 116 -9.86 -6.21 17.33
N LYS A 117 -9.56 -4.91 17.32
CA LYS A 117 -10.00 -3.94 18.35
C LYS A 117 -11.55 -3.94 18.49
N SER A 118 -12.22 -3.02 17.79
CA SER A 118 -13.69 -3.01 17.62
C SER A 118 -14.05 -2.90 16.13
N LEU A 119 -14.12 -4.07 15.49
CA LEU A 119 -14.42 -4.19 14.05
C LEU A 119 -15.05 -5.54 13.62
N ASP A 120 -14.22 -6.52 13.25
CA ASP A 120 -14.59 -7.85 12.70
C ASP A 120 -15.25 -7.79 11.31
N THR A 121 -16.13 -6.81 11.11
CA THR A 121 -16.72 -6.45 9.81
C THR A 121 -15.66 -5.91 8.81
N ILE A 122 -15.99 -6.00 7.54
CA ILE A 122 -15.10 -5.56 6.43
C ILE A 122 -14.79 -4.05 6.43
N LEU A 123 -13.57 -3.77 5.97
CA LEU A 123 -13.01 -2.41 5.86
C LEU A 123 -12.01 -2.33 4.70
N LYS A 124 -11.92 -1.13 4.11
CA LYS A 124 -11.08 -0.79 2.95
C LYS A 124 -11.51 -1.54 1.67
N LYS A 125 -11.15 -0.91 0.54
CA LYS A 125 -11.40 -1.34 -0.86
C LYS A 125 -12.86 -1.60 -1.29
N GLU A 126 -13.09 -1.24 -2.55
CA GLU A 126 -14.38 -1.46 -3.26
C GLU A 126 -14.12 -1.84 -4.73
N LYS A 127 -15.09 -2.56 -5.29
CA LYS A 127 -15.07 -3.09 -6.66
C LYS A 127 -14.58 -2.05 -7.70
N LYS A 128 -13.36 -2.32 -8.17
CA LYS A 128 -12.52 -1.51 -9.09
C LYS A 128 -12.14 -0.07 -8.65
N SER A 129 -13.13 0.73 -8.29
CA SER A 129 -12.99 2.15 -7.88
C SER A 129 -12.18 2.41 -6.60
N TRP A 130 -12.20 1.47 -5.67
CA TRP A 130 -11.58 1.57 -4.32
C TRP A 130 -12.12 2.71 -3.45
N TYR A 131 -12.72 2.29 -2.35
CA TYR A 131 -13.42 3.08 -1.29
C TYR A 131 -13.92 2.08 -0.22
N ILE A 132 -15.00 2.39 0.52
CA ILE A 132 -15.68 1.43 1.42
C ILE A 132 -16.98 2.06 1.98
N VAL A 133 -18.02 1.24 2.08
CA VAL A 133 -19.33 1.66 2.60
C VAL A 133 -19.41 1.23 4.09
N CYS A 134 -18.84 2.08 4.94
CA CYS A 134 -18.75 1.90 6.41
C CYS A 134 -18.30 0.49 6.87
N LEU A 135 -19.27 -0.37 7.24
CA LEU A 135 -19.09 -1.71 7.84
C LEU A 135 -18.21 -1.76 9.10
N ALA A 136 -16.89 -1.68 8.91
CA ALA A 136 -15.95 -1.41 10.02
C ALA A 136 -15.31 0.00 9.95
N CYS A 137 -15.15 0.52 8.73
CA CYS A 137 -14.42 1.78 8.50
C CYS A 137 -15.38 2.97 8.50
N GLY A 138 -15.64 3.40 9.74
CA GLY A 138 -16.25 4.70 10.11
C GLY A 138 -17.46 5.16 9.27
N ALA A 139 -17.12 5.93 8.23
CA ALA A 139 -18.08 6.59 7.32
C ALA A 139 -17.32 7.16 6.10
N GLN A 140 -17.14 6.26 5.14
CA GLN A 140 -16.45 6.52 3.89
C GLN A 140 -17.38 6.36 2.66
N THR A 141 -16.99 7.05 1.57
CA THR A 141 -17.76 7.14 0.33
C THR A 141 -18.21 5.77 -0.21
N PRO A 142 -19.52 5.60 -0.43
CA PRO A 142 -20.09 4.41 -1.11
C PRO A 142 -19.88 4.46 -2.64
N VAL A 143 -18.62 4.65 -3.04
CA VAL A 143 -18.15 4.91 -4.43
C VAL A 143 -18.91 6.06 -5.13
N LYS A 144 -20.07 5.74 -5.68
CA LYS A 144 -21.02 6.70 -6.27
C LYS A 144 -22.37 6.50 -5.53
N PRO A 145 -22.87 7.52 -4.81
CA PRO A 145 -24.16 7.45 -4.11
C PRO A 145 -25.34 7.40 -5.09
N LEU A 146 -25.59 6.18 -5.58
CA LEU A 146 -26.69 5.84 -6.53
C LEU A 146 -26.72 6.70 -7.82
N GLU A 13 13.64 -14.07 4.41
CA GLU A 13 12.62 -14.56 5.37
C GLU A 13 11.43 -15.23 4.65
N TYR A 14 10.94 -16.28 5.28
CA TYR A 14 9.78 -17.05 4.79
C TYR A 14 8.42 -16.35 4.98
N VAL A 15 8.09 -15.59 3.95
CA VAL A 15 6.74 -15.01 3.74
C VAL A 15 5.93 -15.96 2.83
N GLU A 16 4.60 -15.79 2.82
CA GLU A 16 3.65 -16.59 1.99
C GLU A 16 3.77 -16.42 0.46
N MET A 17 5.00 -16.42 -0.02
CA MET A 17 5.37 -16.19 -1.42
C MET A 17 5.57 -17.55 -2.14
N LEU A 18 4.45 -18.24 -2.31
CA LEU A 18 4.38 -19.56 -2.96
C LEU A 18 4.68 -19.59 -4.48
N ASP A 19 4.76 -18.40 -5.07
CA ASP A 19 5.15 -18.11 -6.48
C ASP A 19 4.17 -18.58 -7.58
N ARG A 20 3.33 -19.56 -7.26
CA ARG A 20 2.19 -20.02 -8.08
C ARG A 20 1.39 -18.81 -8.60
N LEU A 21 1.44 -18.64 -9.93
CA LEU A 21 0.78 -17.54 -10.65
C LEU A 21 1.34 -16.13 -10.39
N TYR A 22 2.64 -16.08 -10.04
CA TYR A 22 3.38 -14.82 -9.87
C TYR A 22 4.31 -14.62 -11.09
N SER A 23 5.36 -15.43 -11.13
CA SER A 23 6.40 -15.40 -12.19
C SER A 23 5.99 -16.21 -13.43
N LYS A 24 6.50 -15.74 -14.56
CA LYS A 24 6.42 -16.34 -15.92
C LYS A 24 5.02 -16.34 -16.55
N LEU A 25 4.04 -16.83 -15.80
CA LEU A 25 2.62 -16.80 -16.20
C LEU A 25 1.68 -16.16 -15.14
N PRO A 26 1.60 -14.81 -15.08
CA PRO A 26 0.63 -14.10 -14.23
C PRO A 26 -0.82 -14.10 -14.75
N GLU A 27 -1.18 -15.22 -15.40
CA GLU A 27 -2.48 -15.50 -16.05
C GLU A 27 -2.52 -16.95 -16.53
N LYS A 28 -3.23 -17.77 -15.76
CA LYS A 28 -3.34 -19.24 -15.96
C LYS A 28 -4.38 -19.84 -14.99
N GLY A 29 -4.08 -19.71 -13.69
CA GLY A 29 -4.97 -20.10 -12.58
C GLY A 29 -5.26 -18.90 -11.67
N ARG A 30 -5.09 -19.11 -10.37
CA ARG A 30 -5.39 -18.13 -9.33
C ARG A 30 -4.11 -17.60 -8.65
N LYS A 31 -4.24 -16.38 -8.12
CA LYS A 31 -3.17 -15.52 -7.58
C LYS A 31 -2.34 -14.81 -8.68
N GLU A 32 -1.81 -13.66 -8.27
CA GLU A 32 -0.93 -12.81 -9.11
C GLU A 32 0.46 -12.55 -8.53
N GLY A 33 0.51 -12.37 -7.21
CA GLY A 33 1.77 -12.12 -6.47
C GLY A 33 1.54 -11.92 -4.96
N THR A 34 2.58 -12.23 -4.21
CA THR A 34 2.67 -11.95 -2.77
C THR A 34 3.76 -10.88 -2.58
N GLN A 35 3.41 -9.89 -1.78
CA GLN A 35 4.22 -8.69 -1.57
C GLN A 35 4.68 -8.62 -0.09
N SER A 36 4.96 -7.41 0.40
CA SER A 36 5.23 -7.11 1.83
C SER A 36 6.27 -8.01 2.54
N LEU A 37 7.53 -7.63 2.38
CA LEU A 37 8.66 -8.23 3.13
C LEU A 37 9.90 -7.33 3.33
N PRO A 38 10.80 -7.15 2.35
CA PRO A 38 12.17 -6.67 2.61
C PRO A 38 12.33 -5.26 3.22
N ASN A 39 11.43 -4.35 2.89
CA ASN A 39 11.30 -3.01 3.51
C ASN A 39 9.99 -2.33 3.11
N MET A 40 9.44 -1.59 4.07
CA MET A 40 8.25 -0.74 3.88
C MET A 40 8.39 0.71 4.36
N ILE A 41 9.61 1.25 4.28
CA ILE A 41 9.92 2.58 4.85
C ILE A 41 10.42 3.59 3.80
N ILE A 42 10.02 4.85 4.02
CA ILE A 42 10.55 6.01 3.28
C ILE A 42 11.45 6.81 4.24
N LEU A 43 12.49 7.41 3.66
CA LEU A 43 13.41 8.32 4.40
C LEU A 43 13.14 9.76 3.96
N ASN A 44 13.08 10.63 4.95
CA ASN A 44 12.78 12.07 4.76
C ASN A 44 14.02 12.95 5.00
N ILE A 45 14.19 13.85 4.03
CA ILE A 45 15.20 14.93 4.09
C ILE A 45 14.53 16.30 3.89
N GLY A 46 13.58 16.53 4.79
CA GLY A 46 12.83 17.81 4.94
C GLY A 46 11.97 18.14 3.71
N ASN A 47 10.72 17.69 3.76
CA ASN A 47 9.70 17.78 2.68
C ASN A 47 10.02 16.87 1.46
N THR A 48 11.31 16.82 1.15
CA THR A 48 11.92 15.90 0.19
C THR A 48 11.96 14.49 0.82
N THR A 49 11.48 13.55 0.03
CA THR A 49 11.23 12.14 0.41
C THR A 49 11.91 11.19 -0.58
N ILE A 50 12.56 10.15 -0.01
CA ILE A 50 13.25 9.12 -0.81
C ILE A 50 12.78 7.71 -0.42
N ILE A 51 12.34 7.01 -1.46
CA ILE A 51 11.80 5.64 -1.41
C ILE A 51 12.76 4.70 -2.16
N ARG A 52 13.11 3.61 -1.50
CA ARG A 52 13.95 2.55 -2.06
C ARG A 52 13.18 1.53 -2.93
N ASN A 53 12.52 0.55 -2.31
CA ASN A 53 11.72 -0.48 -3.02
C ASN A 53 10.34 0.04 -3.54
N PHE A 54 10.43 1.07 -4.37
CA PHE A 54 9.24 1.77 -4.93
C PHE A 54 8.25 0.91 -5.71
N ALA A 55 8.77 -0.09 -6.43
CA ALA A 55 7.95 -1.11 -7.14
C ALA A 55 6.98 -1.86 -6.22
N GLU A 56 7.47 -2.36 -5.08
CA GLU A 56 6.59 -2.97 -4.06
C GLU A 56 5.73 -1.92 -3.35
N TYR A 57 6.34 -0.76 -3.08
CA TYR A 57 5.74 0.37 -2.34
C TYR A 57 4.42 0.86 -2.96
N CYS A 58 4.46 1.13 -4.27
CA CYS A 58 3.28 1.56 -5.04
C CYS A 58 2.17 0.48 -5.10
N ASP A 59 2.60 -0.77 -5.28
CA ASP A 59 1.70 -1.95 -5.26
C ASP A 59 1.02 -2.14 -3.89
N ARG A 60 1.79 -2.00 -2.82
CA ARG A 60 1.33 -2.12 -1.42
C ARG A 60 0.27 -1.05 -1.03
N ILE A 61 0.47 0.20 -1.47
CA ILE A 61 -0.56 1.25 -1.30
C ILE A 61 -1.79 0.99 -2.21
N ARG A 62 -1.53 0.72 -3.49
CA ARG A 62 -2.54 0.27 -4.46
C ARG A 62 -1.97 -0.37 -5.73
N ARG A 63 -2.38 -1.62 -5.88
CA ARG A 63 -2.19 -2.42 -7.10
C ARG A 63 -2.89 -1.76 -8.32
N GLU A 64 -3.97 -1.03 -8.04
CA GLU A 64 -4.67 -0.18 -9.02
C GLU A 64 -3.91 1.14 -9.15
N ASP A 65 -2.91 1.10 -10.03
CA ASP A 65 -1.98 2.20 -10.31
C ASP A 65 -2.59 3.60 -10.49
N LYS A 66 -3.78 3.68 -11.08
CA LYS A 66 -4.52 4.96 -11.24
C LYS A 66 -4.72 5.73 -9.93
N ILE A 67 -5.39 5.11 -8.96
CA ILE A 67 -5.57 5.68 -7.60
C ILE A 67 -4.25 5.81 -6.83
N CYS A 68 -3.32 4.88 -7.06
CA CYS A 68 -1.96 4.97 -6.50
C CYS A 68 -1.20 6.25 -6.95
N MET A 69 -1.26 6.55 -8.25
CA MET A 69 -0.76 7.80 -8.84
C MET A 69 -1.55 9.03 -8.34
N LYS A 70 -2.86 8.85 -8.22
CA LYS A 70 -3.79 9.83 -7.60
C LYS A 70 -3.51 10.09 -6.11
N TYR A 71 -2.71 9.24 -5.46
CA TYR A 71 -2.08 9.57 -4.17
C TYR A 71 -0.70 10.23 -4.34
N LEU A 72 0.09 9.62 -5.22
CA LEU A 72 1.47 10.05 -5.58
C LEU A 72 1.59 11.52 -6.02
N LEU A 73 0.53 12.05 -6.62
CA LEU A 73 0.47 13.50 -6.91
C LEU A 73 -0.41 14.30 -5.92
N LYS A 74 -1.62 13.83 -5.62
CA LYS A 74 -2.58 14.58 -4.77
C LYS A 74 -2.04 14.94 -3.38
N GLU A 75 -1.25 14.06 -2.78
CA GLU A 75 -0.62 14.29 -1.46
C GLU A 75 0.51 15.36 -1.51
N LEU A 76 1.02 15.65 -2.70
CA LEU A 76 2.18 16.53 -2.93
C LEU A 76 1.81 18.02 -2.93
N ALA A 77 1.77 18.58 -1.72
CA ALA A 77 1.67 20.03 -1.49
C ALA A 77 2.68 20.86 -2.32
N ALA A 78 3.84 20.27 -2.51
CA ALA A 78 4.85 20.67 -3.52
C ALA A 78 5.04 19.46 -4.46
N PRO A 79 4.60 19.53 -5.72
CA PRO A 79 4.72 18.42 -6.68
C PRO A 79 6.16 18.14 -7.11
N GLY A 80 6.83 17.32 -6.30
CA GLY A 80 8.23 16.91 -6.49
C GLY A 80 8.40 15.83 -7.57
N ASN A 81 9.46 16.00 -8.35
CA ASN A 81 9.89 15.09 -9.43
C ASN A 81 10.43 13.76 -8.90
N VAL A 82 10.25 12.71 -9.72
CA VAL A 82 10.68 11.35 -9.39
C VAL A 82 11.93 10.90 -10.17
N ASP A 83 12.86 10.29 -9.45
CA ASP A 83 14.10 9.76 -10.07
C ASP A 83 14.14 8.22 -10.16
N ASP A 84 13.05 7.70 -10.73
CA ASP A 84 12.78 6.26 -10.91
C ASP A 84 13.86 5.43 -11.62
N LYS A 85 14.60 6.05 -12.53
CA LYS A 85 15.75 5.45 -13.23
C LYS A 85 16.85 4.89 -12.30
N GLY A 86 16.96 5.48 -11.12
CA GLY A 86 17.90 5.06 -10.06
C GLY A 86 17.16 4.78 -8.74
N GLU A 87 17.03 5.87 -7.96
CA GLU A 87 16.33 5.84 -6.65
C GLU A 87 15.15 6.81 -6.70
N LEU A 88 14.04 6.39 -6.08
CA LEU A 88 12.78 7.18 -6.11
C LEU A 88 12.82 8.31 -5.08
N VAL A 89 13.50 9.38 -5.46
CA VAL A 89 13.35 10.68 -4.78
C VAL A 89 12.14 11.41 -5.36
N ILE A 90 11.38 11.99 -4.43
CA ILE A 90 10.13 12.75 -4.64
C ILE A 90 10.06 13.85 -3.55
N GLN A 91 9.28 14.90 -3.79
CA GLN A 91 9.03 15.92 -2.74
C GLN A 91 7.53 16.14 -2.57
N GLY A 92 7.15 16.36 -1.31
CA GLY A 92 5.75 16.56 -0.86
C GLY A 92 5.44 15.73 0.39
N LYS A 93 4.15 15.50 0.66
CA LYS A 93 3.70 14.78 1.87
C LYS A 93 3.74 13.24 1.70
N PHE A 94 4.86 12.79 1.16
CA PHE A 94 5.14 11.36 0.89
C PHE A 94 6.33 10.83 1.72
N SER A 95 6.51 11.38 2.91
CA SER A 95 7.60 10.98 3.83
C SER A 95 7.10 9.99 4.88
N SER A 96 7.06 8.73 4.44
CA SER A 96 6.62 7.52 5.21
C SER A 96 5.33 7.71 6.05
N GLN A 97 4.37 8.43 5.46
CA GLN A 97 3.11 8.77 6.15
C GLN A 97 1.88 8.10 5.53
N VAL A 98 1.24 8.75 4.56
CA VAL A 98 -0.02 8.30 3.93
C VAL A 98 -0.05 6.81 3.49
N ILE A 99 0.93 6.43 2.69
CA ILE A 99 1.15 5.04 2.20
C ILE A 99 1.33 4.05 3.38
N ASN A 100 2.21 4.47 4.29
CA ASN A 100 2.72 3.65 5.40
C ASN A 100 1.62 3.17 6.37
N THR A 101 0.55 3.96 6.52
CA THR A 101 -0.68 3.58 7.24
C THR A 101 -1.21 2.19 6.83
N LEU A 102 -1.70 2.11 5.58
CA LEU A 102 -2.17 0.86 4.96
C LEU A 102 -1.06 -0.20 4.88
N MET A 103 0.12 0.23 4.43
CA MET A 103 1.33 -0.59 4.27
C MET A 103 1.71 -1.39 5.53
N GLU A 104 1.74 -0.68 6.66
CA GLU A 104 1.98 -1.28 8.00
C GLU A 104 0.85 -2.25 8.40
N ARG A 105 -0.41 -1.81 8.31
CA ARG A 105 -1.56 -2.69 8.66
C ARG A 105 -1.65 -3.95 7.78
N PHE A 106 -1.23 -3.83 6.52
CA PHE A 106 -1.03 -4.93 5.58
C PHE A 106 -0.01 -5.96 6.09
N LEU A 107 1.26 -5.56 6.18
CA LEU A 107 2.36 -6.44 6.63
C LEU A 107 2.21 -6.94 8.09
N LYS A 108 1.79 -6.06 8.99
CA LYS A 108 1.64 -6.38 10.42
C LYS A 108 0.37 -7.19 10.76
N ALA A 109 -0.75 -6.83 10.12
CA ALA A 109 -2.14 -7.23 10.47
C ALA A 109 -2.55 -6.88 11.92
N TYR A 110 -1.94 -7.64 12.84
CA TYR A 110 -2.15 -7.63 14.29
C TYR A 110 -1.93 -6.26 14.98
N VAL A 111 -0.67 -5.89 15.19
CA VAL A 111 -0.30 -4.73 16.04
C VAL A 111 -0.70 -3.33 15.51
N GLU A 112 -0.57 -3.11 14.20
CA GLU A 112 -0.94 -1.82 13.59
C GLU A 112 -2.43 -1.48 13.70
N CYS A 113 -3.27 -2.53 13.67
CA CYS A 113 -4.72 -2.39 13.88
C CYS A 113 -5.11 -2.97 15.26
N SER A 114 -4.22 -2.77 16.23
CA SER A 114 -4.20 -3.33 17.61
C SER A 114 -5.42 -4.16 18.04
N THR A 115 -5.42 -5.40 17.51
CA THR A 115 -6.44 -6.44 17.73
C THR A 115 -7.91 -5.94 17.69
N CYS A 116 -8.20 -5.11 16.70
CA CYS A 116 -9.50 -4.45 16.42
C CYS A 116 -10.11 -3.65 17.60
N LYS A 117 -9.22 -3.14 18.46
CA LYS A 117 -9.47 -2.35 19.68
C LYS A 117 -10.94 -2.00 20.03
N SER A 118 -11.47 -0.92 19.46
CA SER A 118 -12.86 -0.48 19.67
C SER A 118 -13.73 -0.58 18.40
N LEU A 119 -13.35 -1.51 17.52
CA LEU A 119 -13.95 -1.72 16.17
C LEU A 119 -14.02 -0.43 15.32
N ASP A 120 -14.89 -0.43 14.30
CA ASP A 120 -15.04 0.70 13.35
C ASP A 120 -16.30 0.57 12.48
N THR A 121 -17.31 1.33 12.89
CA THR A 121 -18.60 1.43 12.16
C THR A 121 -18.44 2.28 10.90
N ILE A 122 -17.95 1.61 9.85
CA ILE A 122 -17.74 2.18 8.50
C ILE A 122 -18.25 1.17 7.44
N LEU A 123 -18.72 1.70 6.32
CA LEU A 123 -19.10 0.90 5.14
C LEU A 123 -18.50 1.46 3.84
N LYS A 124 -17.93 0.56 3.06
CA LYS A 124 -17.40 0.83 1.70
C LYS A 124 -17.78 -0.30 0.73
N LYS A 125 -17.82 0.06 -0.55
CA LYS A 125 -18.09 -0.93 -1.62
C LYS A 125 -16.90 -1.86 -1.96
N GLU A 126 -17.29 -3.10 -2.19
CA GLU A 126 -16.43 -4.21 -2.65
C GLU A 126 -15.80 -3.83 -4.00
N LYS A 127 -14.48 -3.63 -3.97
CA LYS A 127 -13.65 -3.05 -5.07
C LYS A 127 -13.92 -1.58 -5.37
N LYS A 128 -15.18 -1.22 -5.64
CA LYS A 128 -15.63 0.14 -5.99
C LYS A 128 -15.70 1.16 -4.83
N SER A 129 -14.66 1.12 -4.00
CA SER A 129 -14.36 1.97 -2.83
C SER A 129 -13.02 1.49 -2.25
N TRP A 130 -13.06 0.57 -1.28
CA TRP A 130 -11.89 -0.18 -0.75
C TRP A 130 -12.30 -1.31 0.22
N TYR A 131 -13.45 -1.94 -0.08
CA TYR A 131 -14.10 -3.02 0.71
C TYR A 131 -14.51 -2.57 2.13
N ILE A 132 -13.50 -2.44 3.01
CA ILE A 132 -13.64 -2.07 4.43
C ILE A 132 -14.47 -3.02 5.31
N VAL A 133 -14.25 -2.82 6.61
CA VAL A 133 -14.95 -3.52 7.72
C VAL A 133 -16.47 -3.30 7.60
N CYS A 134 -17.21 -4.40 7.66
CA CYS A 134 -18.69 -4.38 7.80
C CYS A 134 -19.06 -3.68 9.12
N LEU A 135 -20.25 -3.08 9.18
CA LEU A 135 -20.75 -2.27 10.32
C LEU A 135 -20.32 -2.72 11.74
N ALA A 136 -19.18 -2.17 12.17
CA ALA A 136 -18.48 -2.50 13.43
C ALA A 136 -18.23 -4.01 13.68
N CYS A 137 -18.11 -4.77 12.61
CA CYS A 137 -18.05 -6.25 12.65
C CYS A 137 -17.37 -6.85 11.40
N GLY A 138 -16.92 -8.11 11.56
CA GLY A 138 -16.35 -8.94 10.47
C GLY A 138 -14.89 -8.66 10.06
N ALA A 139 -14.50 -7.38 10.14
CA ALA A 139 -13.15 -6.87 9.81
C ALA A 139 -12.71 -7.11 8.34
N GLN A 140 -13.31 -6.26 7.50
CA GLN A 140 -13.17 -6.19 6.03
C GLN A 140 -13.47 -7.47 5.24
N THR A 141 -14.29 -7.28 4.21
CA THR A 141 -14.56 -8.32 3.19
C THR A 141 -13.35 -8.47 2.23
N PRO A 142 -12.66 -9.62 2.25
CA PRO A 142 -11.50 -9.87 1.38
C PRO A 142 -11.94 -10.16 -0.07
N VAL A 143 -12.19 -9.07 -0.80
CA VAL A 143 -12.69 -9.02 -2.20
C VAL A 143 -13.93 -9.89 -2.45
N LYS A 144 -13.72 -11.16 -2.74
CA LYS A 144 -14.78 -12.18 -2.87
C LYS A 144 -14.52 -13.25 -1.79
N PRO A 145 -15.21 -13.17 -0.64
CA PRO A 145 -15.05 -14.14 0.46
C PRO A 145 -15.61 -15.52 0.11
N LEU A 146 -14.77 -16.29 -0.56
CA LEU A 146 -15.04 -17.68 -0.98
C LEU A 146 -15.29 -18.67 0.18
#